data_1OZV
#
_entry.id   1OZV
#
_cell.length_a   131.960
_cell.length_b   156.900
_cell.length_c   267.550
_cell.angle_alpha   90.00
_cell.angle_beta   90.00
_cell.angle_gamma   90.00
#
_symmetry.space_group_name_H-M   'I 2 2 2'
#
loop_
_entity.id
_entity.type
_entity.pdbx_description
1 polymer 'Ribulose-1,5 bisphosphate carboxylase/oxygenase large subunit N-methyltransferase, chloroplast'
2 non-polymer LYSINE
3 non-polymer S-ADENOSYL-L-HOMOCYSTEINE
4 water water
#
_entity_poly.entity_id   1
_entity_poly.type   'polypeptide(L)'
_entity_poly.pdbx_seq_one_letter_code
;MTEPSLSPAVQTFWKWLQEEGVITAKTPVKASVVTEGLGLVALKDISRNDVILQVPKRLWINPDAVAASEIGRVCSELKP
WLSVILFLIRERSREDSVWKHYFGILPQETDSTIYWSEEELQELQGSQLLKTTVSVKEYVKNECLKLEQEIILPNKRLFP
DPVTLDDFFWAFGILRSRAFSRLRNENLVVVPMADLINHSAGVTTEDHAYEVKGAAGLFSWDYLFSLKSPLSVKAGEQVY
IQYDLNKSNAELALDYGFIEPNENRHAYTLTLEISESDPFFDDKLDVAESNGFAQTAYFDIFYNRTLPPGLLPYLRLVAL
GGTDAFLLESLFRDTIWGHLELSVSRDNEELLCKAVREACKSALAGYHTTIEQDRELKEGNLDSRLAIAVGIREGEKMVL
QQIDGIFEQKELELDQLEYYQERRLKDLGLCGENGDILENLYFQ
;
_entity_poly.pdbx_strand_id   A,B,C
#
# COMPACT_ATOMS: atom_id res chain seq x y z
N LEU A 6 -23.71 7.33 72.46
CA LEU A 6 -23.13 7.44 71.10
C LEU A 6 -21.61 7.51 71.19
N SER A 7 -21.08 8.72 71.35
CA SER A 7 -19.64 8.94 71.46
C SER A 7 -19.34 10.25 72.17
N PRO A 8 -18.46 10.21 73.19
CA PRO A 8 -18.09 11.41 73.95
C PRO A 8 -17.67 12.55 73.03
N ALA A 9 -16.59 12.33 72.29
CA ALA A 9 -16.06 13.32 71.36
C ALA A 9 -17.15 13.85 70.43
N VAL A 10 -18.08 12.98 70.07
CA VAL A 10 -19.18 13.37 69.19
C VAL A 10 -20.21 14.15 69.99
N GLN A 11 -20.56 13.61 71.16
CA GLN A 11 -21.54 14.24 72.04
C GLN A 11 -21.12 15.69 72.20
N THR A 12 -19.81 15.90 72.30
CA THR A 12 -19.23 17.22 72.45
C THR A 12 -19.49 18.05 71.19
N PHE A 13 -19.17 17.47 70.03
CA PHE A 13 -19.36 18.15 68.75
C PHE A 13 -20.82 18.58 68.55
N TRP A 14 -21.75 17.71 68.95
CA TRP A 14 -23.18 18.01 68.79
C TRP A 14 -23.62 19.09 69.76
N LYS A 15 -23.00 19.12 70.94
CA LYS A 15 -23.32 20.13 71.94
C LYS A 15 -22.81 21.49 71.45
N TRP A 16 -21.62 21.49 70.87
CA TRP A 16 -21.02 22.71 70.35
C TRP A 16 -21.87 23.36 69.26
N LEU A 17 -22.44 22.56 68.38
CA LEU A 17 -23.27 23.10 67.30
C LEU A 17 -24.51 23.80 67.85
N GLN A 18 -24.94 23.39 69.03
CA GLN A 18 -26.12 23.97 69.69
C GLN A 18 -25.76 25.37 70.19
N GLU A 19 -24.66 25.45 70.92
CA GLU A 19 -24.15 26.70 71.47
C GLU A 19 -23.49 27.48 70.33
N GLU A 20 -24.20 27.61 69.21
CA GLU A 20 -23.69 28.33 68.04
C GLU A 20 -24.87 28.76 67.17
N GLY A 21 -26.06 28.38 67.60
CA GLY A 21 -27.27 28.73 66.87
C GLY A 21 -27.47 27.88 65.62
N VAL A 22 -26.68 26.81 65.49
CA VAL A 22 -26.76 25.92 64.33
C VAL A 22 -27.95 24.98 64.47
N ILE A 23 -27.79 23.95 65.30
CA ILE A 23 -28.85 22.97 65.55
C ILE A 23 -29.90 23.54 66.50
N THR A 24 -31.07 23.87 65.96
CA THR A 24 -32.15 24.47 66.73
C THR A 24 -33.29 23.59 67.22
N ALA A 25 -34.26 23.37 66.33
CA ALA A 25 -35.42 22.56 66.65
C ALA A 25 -36.07 22.13 65.34
N LYS A 26 -35.87 22.92 64.29
CA LYS A 26 -36.45 22.60 62.98
C LYS A 26 -35.43 21.79 62.20
N THR A 27 -34.46 21.25 62.93
CA THR A 27 -33.38 20.42 62.38
C THR A 27 -33.71 18.94 62.65
N PRO A 28 -34.40 18.25 61.72
CA PRO A 28 -34.81 16.85 61.70
C PRO A 28 -33.71 15.80 61.67
N VAL A 29 -32.51 16.14 62.16
CA VAL A 29 -31.48 15.13 62.03
C VAL A 29 -30.40 15.16 63.08
N LYS A 30 -29.99 13.99 63.52
CA LYS A 30 -28.93 13.87 64.50
C LYS A 30 -27.79 13.03 63.93
N ALA A 31 -26.74 12.89 64.72
CA ALA A 31 -25.58 12.12 64.31
C ALA A 31 -25.64 10.71 64.90
N SER A 32 -25.10 9.74 64.16
CA SER A 32 -25.07 8.35 64.63
C SER A 32 -23.99 7.53 63.93
N VAL A 33 -23.73 6.35 64.48
CA VAL A 33 -22.73 5.46 63.94
C VAL A 33 -23.33 4.55 62.87
N VAL A 34 -22.97 4.78 61.61
CA VAL A 34 -23.46 3.97 60.52
C VAL A 34 -22.35 3.15 59.85
N THR A 35 -22.74 2.18 59.03
CA THR A 35 -21.77 1.32 58.37
C THR A 35 -20.74 2.19 57.64
N GLU A 36 -21.15 3.37 57.21
CA GLU A 36 -20.21 4.24 56.52
C GLU A 36 -19.55 5.30 57.41
N GLY A 37 -19.38 4.99 58.69
CA GLY A 37 -18.73 5.92 59.62
C GLY A 37 -19.69 6.68 60.52
N LEU A 38 -19.89 7.95 60.22
CA LEU A 38 -20.82 8.81 60.97
C LEU A 38 -21.79 9.34 59.93
N GLY A 39 -23.04 9.51 60.31
CA GLY A 39 -23.99 10.02 59.34
C GLY A 39 -25.07 10.83 60.00
N LEU A 40 -26.04 11.26 59.19
CA LEU A 40 -27.16 12.04 59.68
C LEU A 40 -28.46 11.24 59.63
N VAL A 41 -28.97 10.91 60.81
CA VAL A 41 -30.22 10.14 60.94
C VAL A 41 -31.41 11.05 61.29
N ALA A 42 -32.45 11.01 60.46
CA ALA A 42 -33.65 11.82 60.66
C ALA A 42 -34.26 11.68 62.06
N LEU A 43 -34.45 12.82 62.74
CA LEU A 43 -35.03 12.84 64.08
C LEU A 43 -36.52 12.66 63.94
N LYS A 44 -37.00 12.79 62.70
CA LYS A 44 -38.40 12.60 62.40
C LYS A 44 -38.60 12.71 60.90
N ASP A 45 -39.59 12.00 60.39
CA ASP A 45 -39.89 12.01 58.97
C ASP A 45 -39.48 13.32 58.31
N ILE A 46 -38.64 13.20 57.30
CA ILE A 46 -38.17 14.35 56.53
C ILE A 46 -38.73 14.20 55.13
N SER A 47 -39.15 15.33 54.54
CA SER A 47 -39.71 15.27 53.21
C SER A 47 -38.73 15.75 52.14
N ARG A 48 -39.01 15.40 50.90
CA ARG A 48 -38.15 15.79 49.79
C ARG A 48 -37.90 17.31 49.81
N ASN A 49 -36.65 17.71 49.67
CA ASN A 49 -36.27 19.13 49.68
C ASN A 49 -36.47 19.83 51.00
N ASP A 50 -36.68 19.08 52.07
CA ASP A 50 -36.85 19.68 53.38
C ASP A 50 -35.46 20.13 53.79
N VAL A 51 -35.32 21.35 54.29
CA VAL A 51 -33.99 21.79 54.71
C VAL A 51 -33.59 20.98 55.94
N ILE A 52 -32.48 20.26 55.82
CA ILE A 52 -31.96 19.40 56.88
C ILE A 52 -31.21 20.16 57.97
N LEU A 53 -30.30 21.02 57.53
CA LEU A 53 -29.49 21.81 58.43
C LEU A 53 -28.80 22.95 57.69
N GLN A 54 -28.48 24.02 58.42
CA GLN A 54 -27.82 25.19 57.84
C GLN A 54 -26.57 25.50 58.64
N VAL A 55 -25.59 26.11 57.98
CA VAL A 55 -24.38 26.45 58.68
C VAL A 55 -23.99 27.89 58.35
N PRO A 56 -23.56 28.66 59.36
CA PRO A 56 -23.15 30.05 59.21
C PRO A 56 -21.77 30.08 58.56
N LYS A 57 -21.60 30.89 57.51
CA LYS A 57 -20.30 30.96 56.84
C LYS A 57 -19.19 31.27 57.83
N ARG A 58 -19.60 31.69 59.02
CA ARG A 58 -18.68 32.00 60.12
C ARG A 58 -17.94 30.70 60.46
N LEU A 59 -18.48 29.59 59.98
CA LEU A 59 -17.92 28.27 60.23
C LEU A 59 -17.34 27.53 59.02
N TRP A 60 -17.32 28.14 57.84
CA TRP A 60 -16.74 27.47 56.66
C TRP A 60 -15.27 27.20 56.95
N ILE A 61 -14.55 26.77 55.91
CA ILE A 61 -13.11 26.50 55.96
C ILE A 61 -12.72 26.51 54.48
N ASN A 62 -12.85 27.68 53.86
CA ASN A 62 -12.52 27.86 52.45
C ASN A 62 -11.44 28.93 52.33
N PRO A 63 -10.80 29.03 51.16
CA PRO A 63 -9.75 30.04 50.98
C PRO A 63 -10.07 31.39 51.64
N ASP A 64 -11.34 31.82 51.61
CA ASP A 64 -11.73 33.09 52.21
C ASP A 64 -11.47 33.11 53.72
N ALA A 65 -11.54 31.93 54.35
CA ALA A 65 -11.31 31.84 55.78
C ALA A 65 -9.82 31.83 56.09
N VAL A 66 -9.04 31.13 55.25
CA VAL A 66 -7.60 31.06 55.46
C VAL A 66 -6.99 32.43 55.25
N ALA A 67 -7.53 33.16 54.28
CA ALA A 67 -7.06 34.50 53.95
C ALA A 67 -7.36 35.48 55.09
N ALA A 68 -8.43 35.21 55.84
CA ALA A 68 -8.84 36.07 56.95
C ALA A 68 -8.26 35.65 58.30
N SER A 69 -7.27 34.77 58.28
CA SER A 69 -6.64 34.31 59.51
C SER A 69 -5.18 34.76 59.50
N GLU A 70 -4.50 34.58 60.63
CA GLU A 70 -3.10 34.97 60.79
C GLU A 70 -2.19 34.51 59.65
N ILE A 71 -2.41 33.30 59.16
CA ILE A 71 -1.60 32.78 58.07
C ILE A 71 -2.07 33.28 56.71
N GLY A 72 -3.19 33.98 56.71
CA GLY A 72 -3.74 34.52 55.48
C GLY A 72 -2.70 35.23 54.62
N ARG A 73 -1.80 35.95 55.28
CA ARG A 73 -0.74 36.70 54.61
C ARG A 73 0.27 35.81 53.88
N VAL A 74 0.88 34.89 54.62
CA VAL A 74 1.88 33.97 54.06
C VAL A 74 1.35 33.07 52.95
N CYS A 75 0.07 32.77 53.00
CA CYS A 75 -0.55 31.91 52.01
C CYS A 75 -1.13 32.74 50.87
N SER A 76 -1.00 34.06 50.97
CA SER A 76 -1.54 35.00 49.99
C SER A 76 -1.32 34.69 48.51
N GLU A 77 -0.36 33.84 48.19
CA GLU A 77 -0.11 33.53 46.78
C GLU A 77 -0.12 32.05 46.45
N LEU A 78 -0.52 31.25 47.43
CA LEU A 78 -0.59 29.80 47.27
C LEU A 78 -1.88 29.39 46.55
N LYS A 79 -1.84 28.24 45.89
CA LYS A 79 -3.01 27.71 45.20
C LYS A 79 -4.10 27.50 46.25
N PRO A 80 -5.37 27.69 45.87
CA PRO A 80 -6.50 27.52 46.79
C PRO A 80 -6.41 26.32 47.73
N TRP A 81 -6.16 25.13 47.19
CA TRP A 81 -6.10 23.98 48.06
C TRP A 81 -4.90 23.96 49.01
N LEU A 82 -3.72 24.23 48.47
CA LEU A 82 -2.52 24.25 49.28
C LEU A 82 -2.69 25.13 50.51
N SER A 83 -3.43 26.22 50.34
CA SER A 83 -3.69 27.16 51.42
C SER A 83 -4.58 26.53 52.49
N VAL A 84 -5.63 25.85 52.04
CA VAL A 84 -6.56 25.18 52.96
C VAL A 84 -5.86 24.01 53.66
N ILE A 85 -4.97 23.32 52.94
CA ILE A 85 -4.24 22.21 53.54
C ILE A 85 -3.57 22.70 54.82
N LEU A 86 -2.76 23.75 54.66
CA LEU A 86 -2.04 24.34 55.77
C LEU A 86 -3.00 24.74 56.89
N PHE A 87 -3.99 25.56 56.54
CA PHE A 87 -5.00 26.04 57.50
C PHE A 87 -5.46 24.89 58.41
N LEU A 88 -5.88 23.80 57.76
CA LEU A 88 -6.37 22.58 58.44
C LEU A 88 -5.33 21.93 59.36
N ILE A 89 -4.13 21.71 58.85
CA ILE A 89 -3.09 21.11 59.67
C ILE A 89 -2.89 22.03 60.86
N ARG A 90 -2.97 23.33 60.61
CA ARG A 90 -2.77 24.33 61.65
C ARG A 90 -3.84 24.27 62.74
N GLU A 91 -5.08 24.56 62.36
CA GLU A 91 -6.19 24.56 63.33
C GLU A 91 -6.32 23.26 64.11
N ARG A 92 -5.90 22.16 63.50
CA ARG A 92 -5.95 20.84 64.13
C ARG A 92 -5.02 20.82 65.35
N SER A 93 -4.11 21.79 65.41
CA SER A 93 -3.14 21.88 66.51
C SER A 93 -3.56 22.86 67.62
N ARG A 94 -4.22 23.96 67.24
CA ARG A 94 -4.65 24.97 68.20
C ARG A 94 -5.72 24.49 69.20
N GLU A 95 -5.39 24.52 70.49
CA GLU A 95 -6.33 24.11 71.53
C GLU A 95 -7.45 25.13 71.66
N ASP A 96 -7.22 26.31 71.10
CA ASP A 96 -8.21 27.39 71.14
C ASP A 96 -8.88 27.55 69.78
N SER A 97 -8.75 26.53 68.94
CA SER A 97 -9.35 26.56 67.61
C SER A 97 -10.87 26.58 67.66
N VAL A 98 -11.48 27.21 66.66
CA VAL A 98 -12.92 27.31 66.58
C VAL A 98 -13.54 26.00 66.11
N TRP A 99 -12.70 25.00 65.86
CA TRP A 99 -13.16 23.71 65.37
C TRP A 99 -12.55 22.57 66.18
N LYS A 100 -12.19 22.86 67.42
CA LYS A 100 -11.57 21.86 68.29
C LYS A 100 -12.39 20.61 68.42
N HIS A 101 -13.70 20.79 68.56
CA HIS A 101 -14.62 19.66 68.69
C HIS A 101 -14.82 18.96 67.35
N TYR A 102 -14.71 19.75 66.27
CA TYR A 102 -14.86 19.27 64.90
C TYR A 102 -13.76 18.28 64.55
N PHE A 103 -12.52 18.73 64.62
CA PHE A 103 -11.40 17.87 64.31
C PHE A 103 -11.41 16.63 65.19
N GLY A 104 -11.93 16.78 66.40
CA GLY A 104 -11.99 15.65 67.32
C GLY A 104 -13.04 14.65 66.90
N ILE A 105 -13.63 14.90 65.73
CA ILE A 105 -14.68 14.04 65.18
C ILE A 105 -14.21 13.43 63.87
N LEU A 106 -13.35 14.16 63.16
CA LEU A 106 -12.83 13.71 61.88
C LEU A 106 -12.08 12.39 61.89
N PRO A 107 -12.33 11.55 60.86
CA PRO A 107 -11.69 10.24 60.70
C PRO A 107 -10.22 10.47 60.42
N GLN A 108 -9.35 9.72 61.08
CA GLN A 108 -7.94 9.92 60.84
C GLN A 108 -7.59 9.47 59.43
N GLU A 109 -8.37 8.55 58.90
CA GLU A 109 -8.14 8.00 57.56
C GLU A 109 -9.44 7.57 56.85
N THR A 110 -9.32 7.30 55.56
CA THR A 110 -10.46 6.81 54.76
C THR A 110 -9.89 5.66 53.96
N ASP A 111 -10.72 4.97 53.17
CA ASP A 111 -10.21 3.88 52.38
C ASP A 111 -9.75 4.33 51.00
N SER A 112 -9.49 5.63 50.88
CA SER A 112 -9.00 6.17 49.62
C SER A 112 -7.68 5.45 49.35
N THR A 113 -7.37 5.20 48.09
CA THR A 113 -6.14 4.51 47.77
C THR A 113 -4.91 5.27 48.23
N ILE A 114 -5.05 6.56 48.52
CA ILE A 114 -3.91 7.35 48.96
C ILE A 114 -3.39 6.92 50.32
N TYR A 115 -4.09 6.03 51.01
CA TYR A 115 -3.63 5.57 52.32
C TYR A 115 -3.19 4.11 52.32
N TRP A 116 -3.60 3.38 51.29
CA TRP A 116 -3.29 1.96 51.16
C TRP A 116 -1.83 1.59 51.36
N SER A 117 -1.61 0.44 51.99
CA SER A 117 -0.27 -0.07 52.22
C SER A 117 0.23 -0.61 50.90
N GLU A 118 1.47 -1.10 50.90
CA GLU A 118 2.08 -1.65 49.70
C GLU A 118 1.38 -2.94 49.30
N GLU A 119 1.04 -3.78 50.27
CA GLU A 119 0.36 -5.03 49.97
C GLU A 119 -1.02 -4.70 49.45
N GLU A 120 -1.72 -3.79 50.14
CA GLU A 120 -3.06 -3.38 49.72
C GLU A 120 -3.03 -2.89 48.28
N LEU A 121 -1.98 -2.18 47.90
CA LEU A 121 -1.86 -1.69 46.54
C LEU A 121 -1.58 -2.80 45.54
N GLN A 122 -0.88 -3.84 45.98
CA GLN A 122 -0.55 -4.96 45.10
C GLN A 122 -1.80 -5.63 44.55
N GLU A 123 -2.93 -5.36 45.18
CA GLU A 123 -4.20 -5.94 44.75
C GLU A 123 -4.77 -5.20 43.53
N LEU A 124 -4.16 -4.04 43.23
CA LEU A 124 -4.56 -3.22 42.09
C LEU A 124 -3.51 -3.28 41.00
N GLN A 125 -2.61 -4.25 41.11
CA GLN A 125 -1.54 -4.46 40.14
C GLN A 125 -2.02 -4.42 38.69
N GLY A 126 -1.40 -3.59 37.87
CA GLY A 126 -1.79 -3.52 36.47
C GLY A 126 -3.00 -2.67 36.18
N SER A 127 -3.64 -2.18 37.24
CA SER A 127 -4.82 -1.34 37.08
C SER A 127 -4.44 0.08 36.71
N GLN A 128 -5.40 0.80 36.12
CA GLN A 128 -5.18 2.19 35.77
C GLN A 128 -5.25 2.99 37.08
N LEU A 129 -6.11 2.54 37.99
CA LEU A 129 -6.28 3.21 39.27
C LEU A 129 -4.96 3.34 40.02
N LEU A 130 -4.20 2.25 40.06
CA LEU A 130 -2.90 2.25 40.73
C LEU A 130 -2.04 3.37 40.13
N LYS A 131 -1.96 3.40 38.80
CA LYS A 131 -1.19 4.43 38.15
C LYS A 131 -1.70 5.79 38.65
N THR A 132 -2.96 6.08 38.41
CA THR A 132 -3.52 7.34 38.85
C THR A 132 -3.23 7.66 40.32
N THR A 133 -3.42 6.70 41.21
CA THR A 133 -3.17 7.00 42.61
C THR A 133 -1.71 7.38 42.83
N VAL A 134 -0.79 6.54 42.36
CA VAL A 134 0.64 6.82 42.50
C VAL A 134 0.96 8.27 42.10
N SER A 135 0.67 8.60 40.85
CA SER A 135 0.89 9.94 40.31
C SER A 135 0.45 11.00 41.31
N VAL A 136 -0.82 10.94 41.67
CA VAL A 136 -1.43 11.89 42.59
C VAL A 136 -0.69 11.96 43.93
N LYS A 137 -0.38 10.80 44.49
CA LYS A 137 0.32 10.76 45.77
C LYS A 137 1.65 11.49 45.65
N GLU A 138 2.39 11.20 44.58
CA GLU A 138 3.68 11.83 44.36
C GLU A 138 3.58 13.34 44.24
N TYR A 139 2.74 13.79 43.31
CA TYR A 139 2.51 15.21 43.09
C TYR A 139 2.24 15.91 44.41
N VAL A 140 1.21 15.47 45.11
CA VAL A 140 0.86 16.06 46.39
C VAL A 140 2.08 16.16 47.31
N LYS A 141 2.90 15.10 47.31
CA LYS A 141 4.10 15.09 48.13
C LYS A 141 4.98 16.29 47.81
N ASN A 142 5.50 16.37 46.58
CA ASN A 142 6.35 17.48 46.20
C ASN A 142 5.73 18.80 46.57
N GLU A 143 4.56 19.08 46.02
CA GLU A 143 3.86 20.32 46.30
C GLU A 143 3.82 20.62 47.80
N CYS A 144 3.69 19.58 48.61
CA CYS A 144 3.64 19.77 50.06
C CYS A 144 5.00 19.97 50.71
N LEU A 145 6.04 19.32 50.18
CA LEU A 145 7.37 19.47 50.73
C LEU A 145 7.90 20.86 50.36
N LYS A 146 7.42 21.37 49.22
CA LYS A 146 7.81 22.69 48.77
C LYS A 146 7.15 23.71 49.68
N LEU A 147 6.03 23.32 50.28
CA LEU A 147 5.30 24.19 51.20
C LEU A 147 6.02 24.29 52.54
N GLU A 148 6.53 23.16 53.01
CA GLU A 148 7.24 23.12 54.27
C GLU A 148 8.41 24.10 54.26
N GLN A 149 9.26 23.98 53.25
CA GLN A 149 10.44 24.83 53.13
C GLN A 149 10.15 26.29 52.79
N GLU A 150 8.98 26.57 52.23
CA GLU A 150 8.66 27.94 51.86
C GLU A 150 7.66 28.66 52.77
N ILE A 151 6.88 27.92 53.55
CA ILE A 151 5.92 28.59 54.45
C ILE A 151 5.90 28.07 55.88
N ILE A 152 5.95 26.76 56.07
CA ILE A 152 5.91 26.18 57.41
C ILE A 152 7.17 26.44 58.25
N LEU A 153 8.34 26.15 57.68
CA LEU A 153 9.60 26.35 58.40
C LEU A 153 9.93 27.85 58.57
N PRO A 154 9.83 28.65 57.50
CA PRO A 154 10.13 30.09 57.59
C PRO A 154 9.35 30.74 58.72
N ASN A 155 8.04 30.59 58.70
CA ASN A 155 7.18 31.17 59.73
C ASN A 155 7.02 30.26 60.93
N LYS A 156 8.14 29.88 61.54
CA LYS A 156 8.11 29.00 62.71
C LYS A 156 7.28 29.57 63.86
N ARG A 157 6.83 30.82 63.71
CA ARG A 157 6.01 31.44 64.75
C ARG A 157 4.55 31.00 64.66
N LEU A 158 4.05 30.84 63.44
CA LEU A 158 2.67 30.41 63.21
C LEU A 158 2.55 28.89 63.18
N PHE A 159 3.62 28.23 62.72
CA PHE A 159 3.66 26.76 62.64
C PHE A 159 4.69 26.22 63.65
N PRO A 160 4.30 26.16 64.94
CA PRO A 160 5.14 25.68 66.04
C PRO A 160 5.59 24.23 65.89
N ASP A 161 4.62 23.34 65.74
CA ASP A 161 4.88 21.90 65.60
C ASP A 161 5.36 21.52 64.20
N PRO A 162 6.13 20.42 64.09
CA PRO A 162 6.61 19.98 62.77
C PRO A 162 5.43 19.57 61.89
N VAL A 163 5.70 19.19 60.65
CA VAL A 163 4.63 18.76 59.75
C VAL A 163 5.11 17.64 58.83
N THR A 164 4.55 16.44 59.04
CA THR A 164 4.90 15.25 58.25
C THR A 164 3.99 15.05 57.04
N LEU A 165 4.40 14.16 56.14
CA LEU A 165 3.60 13.86 54.96
C LEU A 165 2.24 13.33 55.40
N ASP A 166 2.23 12.59 56.50
CA ASP A 166 0.99 12.04 57.01
C ASP A 166 -0.03 13.15 57.24
N ASP A 167 0.40 14.21 57.92
CA ASP A 167 -0.48 15.36 58.18
C ASP A 167 -0.97 15.93 56.85
N PHE A 168 -0.06 15.98 55.88
CA PHE A 168 -0.37 16.48 54.56
C PHE A 168 -1.46 15.64 53.89
N PHE A 169 -1.17 14.35 53.70
CA PHE A 169 -2.12 13.45 53.07
C PHE A 169 -3.42 13.46 53.85
N TRP A 170 -3.33 13.63 55.16
CA TRP A 170 -4.51 13.71 56.00
C TRP A 170 -5.38 14.88 55.55
N ALA A 171 -4.80 16.07 55.52
CA ALA A 171 -5.55 17.27 55.12
C ALA A 171 -6.01 17.18 53.65
N PHE A 172 -5.16 16.59 52.81
CA PHE A 172 -5.49 16.46 51.40
C PHE A 172 -6.70 15.54 51.22
N GLY A 173 -6.68 14.43 51.96
CA GLY A 173 -7.76 13.48 51.88
C GLY A 173 -9.02 14.15 52.37
N ILE A 174 -8.92 14.77 53.54
CA ILE A 174 -10.06 15.46 54.12
C ILE A 174 -10.65 16.42 53.10
N LEU A 175 -9.76 17.05 52.34
CA LEU A 175 -10.18 18.00 51.34
C LEU A 175 -10.96 17.36 50.20
N ARG A 176 -10.37 16.31 49.63
CA ARG A 176 -10.98 15.60 48.51
C ARG A 176 -12.18 14.71 48.82
N SER A 177 -12.38 14.35 50.08
CA SER A 177 -13.49 13.49 50.43
C SER A 177 -14.58 14.21 51.22
N ARG A 178 -14.32 15.46 51.59
CA ARG A 178 -15.29 16.22 52.37
C ARG A 178 -15.88 17.48 51.74
N ALA A 179 -15.02 18.37 51.23
CA ALA A 179 -15.45 19.62 50.64
C ALA A 179 -16.52 19.50 49.55
N PHE A 180 -17.30 20.56 49.38
CA PHE A 180 -18.34 20.59 48.36
C PHE A 180 -17.87 21.50 47.25
N SER A 181 -17.36 20.91 46.19
CA SER A 181 -16.85 21.68 45.05
C SER A 181 -17.94 22.16 44.11
N ARG A 182 -19.01 21.38 44.00
CA ARG A 182 -20.11 21.74 43.12
C ARG A 182 -20.92 22.88 43.73
N LEU A 183 -20.45 24.10 43.48
CA LEU A 183 -21.09 25.30 43.98
C LEU A 183 -20.53 26.45 43.15
N ARG A 184 -21.34 27.48 42.91
CA ARG A 184 -20.89 28.63 42.13
C ARG A 184 -20.11 29.61 43.00
N ASN A 185 -18.98 30.09 42.50
CA ASN A 185 -18.13 31.03 43.23
C ASN A 185 -17.43 30.36 44.40
N GLU A 186 -17.56 29.04 44.49
CA GLU A 186 -16.95 28.26 45.56
C GLU A 186 -16.53 26.89 45.01
N ASN A 187 -15.28 26.50 45.23
CA ASN A 187 -14.80 25.23 44.73
C ASN A 187 -14.22 24.30 45.79
N LEU A 188 -13.87 24.84 46.95
CA LEU A 188 -13.32 24.01 48.01
C LEU A 188 -13.80 24.45 49.38
N VAL A 189 -15.09 24.31 49.63
CA VAL A 189 -15.69 24.70 50.90
C VAL A 189 -15.97 23.50 51.83
N VAL A 190 -15.52 23.60 53.08
CA VAL A 190 -15.74 22.55 54.06
C VAL A 190 -16.78 23.04 55.05
N VAL A 191 -17.81 22.23 55.30
CA VAL A 191 -18.87 22.63 56.23
C VAL A 191 -19.13 21.59 57.32
N PRO A 192 -18.48 21.74 58.49
CA PRO A 192 -18.58 20.87 59.67
C PRO A 192 -19.91 20.16 59.98
N MET A 193 -21.03 20.79 59.68
CA MET A 193 -22.33 20.18 59.96
C MET A 193 -22.71 19.20 58.87
N ALA A 194 -22.95 19.73 57.67
CA ALA A 194 -23.33 18.93 56.51
C ALA A 194 -22.13 18.15 55.96
N ASP A 195 -21.10 18.00 56.77
CA ASP A 195 -19.90 17.28 56.39
C ASP A 195 -20.18 15.78 56.50
N LEU A 196 -20.92 15.43 57.56
CA LEU A 196 -21.29 14.05 57.87
C LEU A 196 -22.29 13.39 56.92
N ILE A 197 -22.85 14.15 55.98
CA ILE A 197 -23.81 13.61 55.03
C ILE A 197 -23.11 12.56 54.14
N ASN A 198 -23.70 11.36 54.04
CA ASN A 198 -23.10 10.30 53.24
C ASN A 198 -23.68 10.16 51.83
N HIS A 199 -23.06 9.29 51.05
CA HIS A 199 -23.46 9.05 49.68
C HIS A 199 -24.33 7.80 49.52
N SER A 200 -25.28 7.85 48.59
CA SER A 200 -26.13 6.70 48.32
C SER A 200 -26.56 6.66 46.86
N ALA A 201 -26.57 5.46 46.28
CA ALA A 201 -26.96 5.29 44.90
C ALA A 201 -28.45 5.56 44.80
N GLY A 202 -29.10 5.69 45.96
CA GLY A 202 -30.52 5.97 46.00
C GLY A 202 -30.77 7.33 45.40
N VAL A 203 -29.92 8.29 45.74
CA VAL A 203 -30.05 9.64 45.21
C VAL A 203 -29.60 9.69 43.75
N THR A 204 -30.53 9.97 42.84
CA THR A 204 -30.20 10.04 41.43
C THR A 204 -30.37 11.45 40.88
N THR A 205 -30.42 12.41 41.79
CA THR A 205 -30.58 13.81 41.41
C THR A 205 -29.45 14.62 42.05
N GLU A 206 -28.24 14.46 41.54
CA GLU A 206 -27.08 15.17 42.09
C GLU A 206 -27.14 16.68 41.83
N ASP A 207 -28.32 17.16 41.47
CA ASP A 207 -28.48 18.58 41.20
C ASP A 207 -28.48 19.40 42.48
N HIS A 208 -27.29 19.53 43.05
CA HIS A 208 -27.08 20.29 44.28
C HIS A 208 -28.08 20.03 45.40
N ALA A 209 -27.61 19.38 46.44
CA ALA A 209 -28.44 19.10 47.60
C ALA A 209 -28.22 20.29 48.53
N TYR A 210 -27.28 21.15 48.14
CA TYR A 210 -26.94 22.32 48.92
C TYR A 210 -26.99 23.61 48.11
N GLU A 211 -27.41 24.69 48.78
CA GLU A 211 -27.53 26.00 48.17
C GLU A 211 -26.98 27.06 49.14
N VAL A 212 -26.61 28.22 48.59
CA VAL A 212 -26.08 29.30 49.41
C VAL A 212 -27.12 30.38 49.68
N LYS A 213 -27.22 30.81 50.93
CA LYS A 213 -28.18 31.84 51.31
C LYS A 213 -27.53 32.87 52.24
N TYR A 223 -24.52 35.00 53.99
CA TYR A 223 -23.94 33.75 53.51
C TYR A 223 -24.16 32.59 54.48
N LEU A 224 -24.77 31.51 53.97
CA LEU A 224 -25.05 30.32 54.78
C LEU A 224 -25.05 29.07 53.90
N PHE A 225 -25.00 27.90 54.54
CA PHE A 225 -25.00 26.64 53.82
C PHE A 225 -26.29 25.89 54.14
N SER A 226 -27.19 25.82 53.17
CA SER A 226 -28.46 25.13 53.36
C SER A 226 -28.44 23.76 52.68
N LEU A 227 -28.44 22.71 53.50
CA LEU A 227 -28.44 21.34 53.02
C LEU A 227 -29.88 20.85 53.00
N LYS A 228 -30.41 20.61 51.80
CA LYS A 228 -31.77 20.14 51.63
C LYS A 228 -31.78 18.69 51.14
N SER A 229 -32.39 17.81 51.94
CA SER A 229 -32.48 16.39 51.61
C SER A 229 -33.20 16.11 50.31
N PRO A 230 -32.49 15.53 49.33
CA PRO A 230 -33.05 15.21 48.01
C PRO A 230 -34.09 14.08 48.02
N LEU A 231 -34.27 13.43 49.16
CA LEU A 231 -35.23 12.33 49.25
C LEU A 231 -36.02 12.37 50.55
N SER A 232 -37.18 11.72 50.54
CA SER A 232 -38.03 11.67 51.72
C SER A 232 -37.45 10.57 52.62
N VAL A 233 -37.23 10.89 53.89
CA VAL A 233 -36.68 9.92 54.82
C VAL A 233 -37.58 9.73 56.05
N LYS A 234 -37.80 8.48 56.44
CA LYS A 234 -38.62 8.21 57.61
C LYS A 234 -37.74 8.32 58.86
N ALA A 235 -38.35 8.66 59.98
CA ALA A 235 -37.62 8.82 61.23
C ALA A 235 -36.83 7.55 61.59
N GLY A 236 -35.53 7.73 61.82
CA GLY A 236 -34.69 6.61 62.18
C GLY A 236 -33.73 6.22 61.05
N GLU A 237 -34.14 6.52 59.83
CA GLU A 237 -33.33 6.20 58.65
C GLU A 237 -32.30 7.28 58.37
N GLN A 238 -31.31 6.95 57.55
CA GLN A 238 -30.24 7.87 57.20
C GLN A 238 -30.55 8.78 56.02
N VAL A 239 -30.03 10.00 56.08
CA VAL A 239 -30.22 10.98 55.03
C VAL A 239 -28.97 10.93 54.16
N TYR A 240 -29.15 10.73 52.87
CA TYR A 240 -28.03 10.63 51.94
C TYR A 240 -28.07 11.70 50.84
N ILE A 241 -27.08 11.65 49.95
CA ILE A 241 -26.99 12.56 48.81
C ILE A 241 -26.14 11.88 47.73
N GLN A 242 -26.16 12.43 46.53
CA GLN A 242 -25.37 11.86 45.44
C GLN A 242 -24.09 12.66 45.28
N TYR A 243 -22.96 12.10 45.69
CA TYR A 243 -21.70 12.81 45.55
C TYR A 243 -21.38 13.24 44.12
N ASP A 244 -21.64 12.36 43.15
CA ASP A 244 -21.36 12.69 41.74
C ASP A 244 -21.76 11.55 40.80
N LEU A 245 -22.74 11.82 39.93
CA LEU A 245 -23.22 10.81 38.99
C LEU A 245 -22.20 10.47 37.92
N ASN A 246 -21.49 11.48 37.45
CA ASN A 246 -20.52 11.29 36.38
C ASN A 246 -19.20 10.62 36.69
N LYS A 247 -18.79 10.56 37.95
CA LYS A 247 -17.51 9.94 38.29
C LYS A 247 -17.53 8.44 38.03
N SER A 248 -16.34 7.88 37.76
CA SER A 248 -16.20 6.45 37.53
C SER A 248 -15.93 5.80 38.89
N ASN A 249 -15.81 4.48 38.92
CA ASN A 249 -15.52 3.81 40.18
C ASN A 249 -14.07 4.11 40.54
N ALA A 250 -13.24 4.28 39.52
CA ALA A 250 -11.85 4.61 39.73
C ALA A 250 -11.83 5.91 40.50
N GLU A 251 -12.54 6.91 39.99
CA GLU A 251 -12.59 8.22 40.65
C GLU A 251 -13.21 8.17 42.04
N LEU A 252 -14.27 7.40 42.21
CA LEU A 252 -14.89 7.29 43.53
C LEU A 252 -13.90 6.66 44.49
N ALA A 253 -13.23 5.62 44.02
CA ALA A 253 -12.24 4.89 44.81
C ALA A 253 -11.14 5.79 45.37
N LEU A 254 -10.73 6.77 44.58
CA LEU A 254 -9.66 7.65 45.02
C LEU A 254 -10.14 8.91 45.75
N ASP A 255 -11.30 9.45 45.36
CA ASP A 255 -11.81 10.67 46.00
C ASP A 255 -12.38 10.38 47.37
N TYR A 256 -12.94 9.20 47.54
CA TYR A 256 -13.48 8.76 48.83
C TYR A 256 -13.01 7.32 48.90
N GLY A 257 -13.30 6.62 49.97
CA GLY A 257 -12.83 5.25 50.00
C GLY A 257 -13.91 4.26 49.61
N PHE A 258 -14.61 4.46 48.49
CA PHE A 258 -15.68 3.53 48.11
C PHE A 258 -16.01 3.48 46.63
N ILE A 259 -16.73 2.44 46.23
CA ILE A 259 -17.14 2.26 44.84
C ILE A 259 -18.57 1.70 44.81
N GLU A 260 -19.20 1.66 43.64
CA GLU A 260 -20.56 1.12 43.52
C GLU A 260 -20.56 -0.15 42.71
N PRO A 261 -21.59 -1.00 42.89
CA PRO A 261 -21.70 -2.26 42.14
C PRO A 261 -22.10 -2.01 40.70
N ASN A 262 -22.76 -0.89 40.46
CA ASN A 262 -23.22 -0.53 39.13
C ASN A 262 -22.13 -0.66 38.06
N GLU A 263 -22.25 -1.66 37.20
CA GLU A 263 -21.27 -1.87 36.17
C GLU A 263 -21.13 -0.66 35.25
N ASN A 264 -22.08 0.26 35.29
CA ASN A 264 -22.01 1.42 34.43
C ASN A 264 -21.08 2.49 34.96
N ARG A 265 -20.51 2.24 36.13
CA ARG A 265 -19.57 3.19 36.73
C ARG A 265 -18.15 2.81 36.35
N HIS A 266 -17.98 1.62 35.80
CA HIS A 266 -16.68 1.15 35.36
C HIS A 266 -16.22 1.91 34.12
N ALA A 267 -14.99 2.40 34.16
CA ALA A 267 -14.45 3.13 33.03
C ALA A 267 -12.95 2.88 32.93
N TYR A 268 -12.44 3.10 31.72
CA TYR A 268 -11.02 2.94 31.45
C TYR A 268 -10.71 4.03 30.42
N THR A 269 -9.77 4.90 30.74
CA THR A 269 -9.42 5.97 29.83
C THR A 269 -8.23 5.67 28.92
N LEU A 270 -8.44 5.88 27.62
CA LEU A 270 -7.43 5.64 26.62
C LEU A 270 -6.70 6.94 26.29
N THR A 271 -5.40 6.87 26.12
CA THR A 271 -4.66 8.08 25.81
C THR A 271 -4.01 7.99 24.41
N LEU A 272 -4.40 8.93 23.55
CA LEU A 272 -3.91 9.01 22.18
C LEU A 272 -3.08 10.25 21.93
N GLU A 273 -2.09 10.14 21.06
CA GLU A 273 -1.27 11.30 20.75
C GLU A 273 -0.66 11.23 19.38
N ILE A 274 -0.32 12.39 18.84
CA ILE A 274 0.32 12.49 17.55
C ILE A 274 1.79 12.65 17.87
N SER A 275 2.55 11.57 17.74
CA SER A 275 3.98 11.60 18.05
C SER A 275 4.74 12.60 17.22
N GLU A 276 5.77 13.19 17.79
CA GLU A 276 6.58 14.14 17.05
C GLU A 276 7.48 13.41 16.08
N SER A 277 7.71 12.12 16.34
CA SER A 277 8.54 11.30 15.45
C SER A 277 7.78 10.94 14.17
N ASP A 278 6.48 11.25 14.15
CA ASP A 278 5.62 10.98 13.00
C ASP A 278 6.07 11.91 11.89
N PRO A 279 6.47 11.35 10.73
CA PRO A 279 6.91 12.21 9.63
C PRO A 279 5.87 13.24 9.18
N PHE A 280 4.65 13.13 9.68
CA PHE A 280 3.60 14.08 9.30
C PHE A 280 3.09 14.88 10.48
N PHE A 281 3.82 14.82 11.59
CA PHE A 281 3.45 15.53 12.81
C PHE A 281 2.84 16.92 12.62
N ASP A 282 3.53 17.79 11.90
CA ASP A 282 3.06 19.16 11.72
C ASP A 282 1.70 19.29 11.09
N ASP A 283 1.48 18.61 9.98
CA ASP A 283 0.19 18.66 9.31
C ASP A 283 -0.89 18.00 10.16
N LYS A 284 -0.56 16.84 10.74
CA LYS A 284 -1.51 16.13 11.58
C LYS A 284 -1.93 16.97 12.78
N LEU A 285 -0.97 17.56 13.47
CA LEU A 285 -1.28 18.38 14.65
C LEU A 285 -2.19 19.52 14.24
N ASP A 286 -1.96 20.07 13.05
CA ASP A 286 -2.77 21.17 12.55
C ASP A 286 -4.21 20.71 12.39
N VAL A 287 -4.38 19.52 11.81
CA VAL A 287 -5.71 18.95 11.61
C VAL A 287 -6.42 18.72 12.94
N ALA A 288 -5.72 18.09 13.88
CA ALA A 288 -6.30 17.82 15.19
C ALA A 288 -6.80 19.09 15.89
N GLU A 289 -5.91 20.06 16.06
CA GLU A 289 -6.25 21.30 16.75
C GLU A 289 -7.38 22.06 16.06
N SER A 290 -7.37 22.07 14.73
CA SER A 290 -8.41 22.75 13.97
C SER A 290 -9.77 22.13 14.28
N ASN A 291 -9.77 20.98 14.94
CA ASN A 291 -11.00 20.29 15.24
C ASN A 291 -11.21 19.99 16.71
N GLY A 292 -10.59 20.77 17.58
CA GLY A 292 -10.79 20.56 19.00
C GLY A 292 -9.95 19.55 19.73
N PHE A 293 -8.91 19.01 19.10
CA PHE A 293 -8.08 18.03 19.81
C PHE A 293 -6.64 18.42 19.87
N ALA A 294 -5.99 18.13 20.99
CA ALA A 294 -4.58 18.48 21.16
C ALA A 294 -3.62 17.41 20.69
N GLN A 295 -2.33 17.69 20.89
CA GLN A 295 -1.24 16.79 20.53
C GLN A 295 -1.46 15.49 21.31
N THR A 296 -2.05 15.62 22.49
CA THR A 296 -2.36 14.48 23.33
C THR A 296 -3.85 14.60 23.68
N ALA A 297 -4.56 13.48 23.67
CA ALA A 297 -5.99 13.49 23.94
C ALA A 297 -6.46 12.31 24.77
N TYR A 298 -7.25 12.55 25.81
CA TYR A 298 -7.75 11.45 26.63
C TYR A 298 -9.20 11.11 26.32
N PHE A 299 -9.48 9.83 26.12
CA PHE A 299 -10.84 9.38 25.85
C PHE A 299 -11.29 8.41 26.95
N ASP A 300 -12.37 8.75 27.65
CA ASP A 300 -12.89 7.88 28.70
C ASP A 300 -13.91 6.90 28.13
N ILE A 301 -13.68 5.61 28.36
CA ILE A 301 -14.57 4.60 27.85
C ILE A 301 -15.29 3.94 29.03
N PHE A 302 -16.61 4.13 29.06
CA PHE A 302 -17.45 3.55 30.11
C PHE A 302 -18.12 2.29 29.64
N TYR A 303 -18.27 1.31 30.54
CA TYR A 303 -18.91 0.04 30.19
C TYR A 303 -20.32 0.26 29.65
N ASN A 304 -20.64 -0.43 28.54
CA ASN A 304 -21.96 -0.31 27.92
C ASN A 304 -22.30 1.06 27.34
N ARG A 305 -21.30 1.90 27.08
CA ARG A 305 -21.58 3.20 26.44
C ARG A 305 -20.97 3.10 25.05
N THR A 306 -21.46 3.88 24.09
CA THR A 306 -20.86 3.80 22.77
C THR A 306 -19.55 4.57 22.80
N LEU A 307 -18.67 4.28 21.87
CA LEU A 307 -17.39 4.97 21.87
C LEU A 307 -17.53 6.49 21.82
N PRO A 308 -16.60 7.19 22.46
CA PRO A 308 -16.65 8.64 22.46
C PRO A 308 -16.52 9.15 21.03
N PRO A 309 -17.21 10.24 20.70
CA PRO A 309 -17.11 10.77 19.34
C PRO A 309 -15.70 11.33 19.24
N GLY A 310 -15.04 11.14 18.11
CA GLY A 310 -13.71 11.67 18.02
C GLY A 310 -12.63 10.64 18.21
N LEU A 311 -12.91 9.59 18.98
CA LEU A 311 -11.93 8.54 19.21
C LEU A 311 -11.52 7.89 17.88
N LEU A 312 -12.49 7.40 17.11
CA LEU A 312 -12.14 6.77 15.84
C LEU A 312 -11.45 7.73 14.89
N PRO A 313 -12.04 8.90 14.63
CA PRO A 313 -11.34 9.80 13.70
C PRO A 313 -9.89 10.12 14.12
N TYR A 314 -9.67 10.36 15.41
CA TYR A 314 -8.34 10.65 15.91
C TYR A 314 -7.44 9.42 15.70
N LEU A 315 -7.99 8.22 15.92
CA LEU A 315 -7.25 6.98 15.72
C LEU A 315 -6.76 6.91 14.28
N ARG A 316 -7.66 7.19 13.35
CA ARG A 316 -7.31 7.16 11.94
C ARG A 316 -6.26 8.22 11.61
N LEU A 317 -6.34 9.37 12.30
CA LEU A 317 -5.38 10.43 12.07
C LEU A 317 -4.01 9.93 12.52
N VAL A 318 -3.97 9.31 13.69
CA VAL A 318 -2.71 8.78 14.21
C VAL A 318 -2.12 7.76 13.24
N ALA A 319 -2.95 6.81 12.84
CA ALA A 319 -2.50 5.76 11.94
C ALA A 319 -2.33 6.20 10.49
N LEU A 320 -2.77 7.41 10.16
CA LEU A 320 -2.73 7.87 8.78
C LEU A 320 -1.74 7.22 7.82
N GLY A 321 -0.44 7.52 7.94
CA GLY A 321 0.51 6.89 7.05
C GLY A 321 0.66 7.50 5.65
N GLY A 322 1.80 7.22 5.03
CA GLY A 322 2.12 7.76 3.72
C GLY A 322 1.16 7.65 2.54
N THR A 323 0.59 6.47 2.32
CA THR A 323 -0.34 6.24 1.22
C THR A 323 -1.51 7.21 1.18
N ASP A 324 -2.02 7.60 2.35
CA ASP A 324 -3.16 8.49 2.40
C ASP A 324 -2.80 9.89 2.84
N ALA A 325 -1.51 10.14 3.02
CA ALA A 325 -1.04 11.46 3.46
C ALA A 325 -1.51 12.61 2.59
N PHE A 326 -2.04 12.31 1.42
CA PHE A 326 -2.53 13.32 0.50
C PHE A 326 -3.72 14.06 1.09
N LEU A 327 -4.38 13.45 2.07
CA LEU A 327 -5.54 14.04 2.71
C LEU A 327 -5.13 15.18 3.63
N LEU A 328 -3.85 15.24 3.98
CA LEU A 328 -3.36 16.28 4.85
C LEU A 328 -3.06 17.55 4.06
N GLU A 329 -3.43 17.55 2.78
CA GLU A 329 -3.21 18.67 1.89
C GLU A 329 -4.25 19.78 2.07
N SER A 330 -3.83 21.03 1.85
CA SER A 330 -4.70 22.21 1.99
C SER A 330 -6.05 21.99 1.31
N LEU A 331 -6.07 21.19 0.26
CA LEU A 331 -7.29 20.90 -0.46
C LEU A 331 -8.40 20.34 0.44
N PHE A 332 -8.04 19.48 1.39
CA PHE A 332 -9.03 18.89 2.30
C PHE A 332 -9.06 19.48 3.69
N ARG A 333 -8.30 20.53 3.95
CA ARG A 333 -8.29 21.08 5.30
C ARG A 333 -9.67 21.46 5.80
N ASP A 334 -10.65 21.48 4.91
CA ASP A 334 -12.02 21.84 5.27
C ASP A 334 -12.98 20.66 5.40
N THR A 335 -12.50 19.48 5.03
CA THR A 335 -13.33 18.27 5.10
C THR A 335 -12.57 17.06 5.62
N ILE A 336 -11.26 17.23 5.84
CA ILE A 336 -10.43 16.14 6.33
C ILE A 336 -11.06 15.42 7.53
N TRP A 337 -11.55 16.18 8.51
CA TRP A 337 -12.15 15.58 9.68
C TRP A 337 -13.41 14.76 9.31
N GLY A 338 -14.15 15.24 8.32
CA GLY A 338 -15.34 14.53 7.91
C GLY A 338 -14.95 13.19 7.32
N HIS A 339 -13.85 13.19 6.58
CA HIS A 339 -13.36 11.96 5.98
C HIS A 339 -12.84 11.06 7.09
N LEU A 340 -12.10 11.65 8.02
CA LEU A 340 -11.58 10.88 9.13
C LEU A 340 -12.75 10.26 9.85
N GLU A 341 -13.85 11.00 9.92
CA GLU A 341 -15.07 10.57 10.59
C GLU A 341 -15.73 9.42 9.84
N LEU A 342 -15.76 9.51 8.51
CA LEU A 342 -16.31 8.41 7.74
C LEU A 342 -15.25 7.31 7.84
N SER A 343 -14.17 7.39 7.06
CA SER A 343 -13.10 6.40 7.13
C SER A 343 -12.09 6.68 6.03
N VAL A 344 -10.82 6.32 6.25
CA VAL A 344 -9.77 6.58 5.27
C VAL A 344 -9.53 5.46 4.27
N SER A 345 -9.12 4.30 4.75
CA SER A 345 -8.85 3.18 3.86
C SER A 345 -8.70 1.87 4.64
N ARG A 346 -8.89 0.76 3.95
CA ARG A 346 -8.78 -0.55 4.57
C ARG A 346 -7.48 -0.73 5.32
N ASP A 347 -6.38 -0.25 4.77
CA ASP A 347 -5.11 -0.38 5.46
C ASP A 347 -5.10 0.45 6.72
N ASN A 348 -5.55 1.70 6.61
CA ASN A 348 -5.59 2.58 7.76
C ASN A 348 -6.42 1.97 8.89
N GLU A 349 -7.63 1.55 8.55
CA GLU A 349 -8.53 0.96 9.52
C GLU A 349 -7.93 -0.28 10.18
N GLU A 350 -7.44 -1.19 9.35
CA GLU A 350 -6.84 -2.43 9.82
C GLU A 350 -5.64 -2.20 10.73
N LEU A 351 -4.90 -1.14 10.46
CA LEU A 351 -3.71 -0.80 11.25
C LEU A 351 -4.17 -0.44 12.65
N LEU A 352 -5.03 0.58 12.73
CA LEU A 352 -5.55 1.07 13.99
C LEU A 352 -6.28 0.00 14.80
N CYS A 353 -7.04 -0.84 14.12
CA CYS A 353 -7.77 -1.89 14.81
C CYS A 353 -6.79 -2.81 15.53
N LYS A 354 -5.74 -3.25 14.84
CA LYS A 354 -4.78 -4.13 15.45
C LYS A 354 -4.09 -3.45 16.63
N ALA A 355 -3.68 -2.21 16.43
CA ALA A 355 -3.01 -1.46 17.48
C ALA A 355 -3.83 -1.44 18.78
N VAL A 356 -5.12 -1.16 18.67
CA VAL A 356 -5.99 -1.11 19.84
C VAL A 356 -6.14 -2.48 20.47
N ARG A 357 -6.44 -3.49 19.65
CA ARG A 357 -6.60 -4.84 20.15
C ARG A 357 -5.37 -5.33 20.90
N GLU A 358 -4.19 -5.02 20.37
CA GLU A 358 -2.96 -5.43 21.01
C GLU A 358 -2.80 -4.74 22.36
N ALA A 359 -3.07 -3.44 22.39
CA ALA A 359 -2.96 -2.66 23.62
C ALA A 359 -3.91 -3.20 24.69
N CYS A 360 -5.10 -3.59 24.28
CA CYS A 360 -6.06 -4.15 25.21
C CYS A 360 -5.57 -5.49 25.75
N LYS A 361 -5.09 -6.35 24.86
CA LYS A 361 -4.59 -7.66 25.27
C LYS A 361 -3.40 -7.48 26.20
N SER A 362 -2.50 -6.59 25.81
CA SER A 362 -1.33 -6.34 26.61
C SER A 362 -1.74 -5.87 28.00
N ALA A 363 -2.64 -4.91 28.06
CA ALA A 363 -3.13 -4.37 29.32
C ALA A 363 -3.79 -5.48 30.14
N LEU A 364 -4.72 -6.19 29.53
CA LEU A 364 -5.41 -7.28 30.22
C LEU A 364 -4.43 -8.23 30.89
N ALA A 365 -3.27 -8.42 30.28
CA ALA A 365 -2.26 -9.32 30.81
C ALA A 365 -1.54 -8.77 32.03
N GLY A 366 -1.66 -7.47 32.27
CA GLY A 366 -0.98 -6.90 33.42
C GLY A 366 -1.60 -7.21 34.77
N TYR A 367 -2.78 -7.80 34.75
CA TYR A 367 -3.48 -8.12 35.99
C TYR A 367 -3.06 -9.50 36.49
N HIS A 368 -3.16 -9.72 37.81
CA HIS A 368 -2.78 -11.00 38.39
C HIS A 368 -3.95 -11.93 38.72
N THR A 369 -5.17 -11.52 38.37
CA THR A 369 -6.34 -12.34 38.63
C THR A 369 -7.22 -12.35 37.39
N THR A 370 -7.98 -13.44 37.22
CA THR A 370 -8.89 -13.55 36.08
C THR A 370 -10.20 -12.92 36.52
N ILE A 371 -11.08 -12.60 35.59
CA ILE A 371 -12.36 -12.00 35.98
C ILE A 371 -13.14 -13.01 36.82
N GLU A 372 -12.97 -14.29 36.53
CA GLU A 372 -13.68 -15.32 37.28
C GLU A 372 -13.26 -15.30 38.74
N GLN A 373 -11.96 -15.23 38.98
CA GLN A 373 -11.47 -15.21 40.34
C GLN A 373 -11.99 -14.00 41.09
N ASP A 374 -12.00 -12.85 40.42
CA ASP A 374 -12.50 -11.64 41.06
C ASP A 374 -13.94 -11.84 41.49
N ARG A 375 -14.75 -12.35 40.56
CA ARG A 375 -16.15 -12.60 40.83
C ARG A 375 -16.43 -13.64 41.92
N GLU A 376 -15.52 -14.61 42.10
CA GLU A 376 -15.75 -15.59 43.14
C GLU A 376 -15.47 -14.90 44.47
N LEU A 377 -14.45 -14.06 44.48
CA LEU A 377 -14.09 -13.33 45.68
C LEU A 377 -15.25 -12.46 46.11
N LYS A 378 -15.85 -11.75 45.17
CA LYS A 378 -16.97 -10.87 45.46
C LYS A 378 -18.11 -11.61 46.11
N GLU A 379 -18.09 -12.93 45.94
CA GLU A 379 -19.12 -13.79 46.45
C GLU A 379 -18.94 -14.14 47.94
N GLY A 380 -17.83 -13.67 48.51
CA GLY A 380 -17.55 -13.90 49.91
C GLY A 380 -17.46 -12.57 50.63
N ASN A 381 -16.98 -12.58 51.86
CA ASN A 381 -16.83 -11.37 52.65
C ASN A 381 -15.45 -10.73 52.43
N LEU A 382 -15.45 -9.53 51.85
CA LEU A 382 -14.21 -8.82 51.55
C LEU A 382 -14.03 -7.54 52.38
N ASP A 383 -12.83 -7.32 52.88
CA ASP A 383 -12.55 -6.11 53.65
C ASP A 383 -12.62 -4.87 52.75
N SER A 384 -13.00 -3.73 53.33
CA SER A 384 -13.12 -2.47 52.60
C SER A 384 -12.22 -2.30 51.37
N ARG A 385 -10.91 -2.17 51.61
CA ARG A 385 -9.93 -1.95 50.56
C ARG A 385 -9.79 -3.10 49.55
N LEU A 386 -9.81 -4.33 50.03
CA LEU A 386 -9.71 -5.47 49.13
C LEU A 386 -10.93 -5.48 48.21
N ALA A 387 -12.09 -5.23 48.80
CA ALA A 387 -13.35 -5.18 48.08
C ALA A 387 -13.26 -4.14 46.98
N ILE A 388 -12.70 -2.97 47.30
CA ILE A 388 -12.55 -1.89 46.32
C ILE A 388 -11.63 -2.32 45.17
N ALA A 389 -10.52 -2.96 45.55
CA ALA A 389 -9.54 -3.39 44.57
C ALA A 389 -10.13 -4.43 43.64
N VAL A 390 -10.92 -5.35 44.20
CA VAL A 390 -11.52 -6.39 43.39
C VAL A 390 -12.56 -5.81 42.43
N GLY A 391 -13.45 -4.97 42.95
CA GLY A 391 -14.46 -4.37 42.10
C GLY A 391 -13.80 -3.57 41.00
N ILE A 392 -12.80 -2.77 41.37
CA ILE A 392 -12.11 -1.97 40.37
C ILE A 392 -11.46 -2.79 39.26
N ARG A 393 -10.63 -3.75 39.64
CA ARG A 393 -9.93 -4.55 38.65
C ARG A 393 -10.87 -5.33 37.76
N GLU A 394 -11.92 -5.92 38.35
CA GLU A 394 -12.90 -6.66 37.56
C GLU A 394 -13.49 -5.67 36.54
N GLY A 395 -13.93 -4.52 37.03
CA GLY A 395 -14.50 -3.50 36.17
C GLY A 395 -13.63 -3.18 34.98
N GLU A 396 -12.37 -2.82 35.26
CA GLU A 396 -11.42 -2.48 34.20
C GLU A 396 -11.26 -3.61 33.21
N LYS A 397 -11.18 -4.84 33.70
CA LYS A 397 -11.04 -5.97 32.80
C LYS A 397 -12.27 -6.06 31.88
N MET A 398 -13.43 -5.72 32.41
CA MET A 398 -14.64 -5.77 31.59
C MET A 398 -14.58 -4.71 30.49
N VAL A 399 -14.21 -3.48 30.85
CA VAL A 399 -14.15 -2.40 29.86
C VAL A 399 -13.10 -2.73 28.80
N LEU A 400 -11.94 -3.20 29.26
CA LEU A 400 -10.85 -3.59 28.37
C LEU A 400 -11.34 -4.66 27.38
N GLN A 401 -12.07 -5.65 27.88
CA GLN A 401 -12.58 -6.70 27.02
C GLN A 401 -13.67 -6.22 26.06
N GLN A 402 -14.47 -5.27 26.52
CA GLN A 402 -15.53 -4.73 25.71
C GLN A 402 -14.91 -4.00 24.53
N ILE A 403 -13.84 -3.26 24.82
CA ILE A 403 -13.15 -2.52 23.78
C ILE A 403 -12.58 -3.49 22.76
N ASP A 404 -11.90 -4.52 23.23
CA ASP A 404 -11.32 -5.49 22.31
C ASP A 404 -12.42 -6.16 21.51
N GLY A 405 -13.56 -6.37 22.16
CA GLY A 405 -14.67 -7.01 21.48
C GLY A 405 -15.12 -6.17 20.32
N ILE A 406 -15.28 -4.88 20.58
CA ILE A 406 -15.71 -3.93 19.57
C ILE A 406 -14.81 -3.90 18.34
N PHE A 407 -13.50 -3.79 18.56
CA PHE A 407 -12.58 -3.74 17.44
C PHE A 407 -12.40 -5.10 16.78
N GLU A 408 -12.80 -6.18 17.46
CA GLU A 408 -12.69 -7.49 16.85
C GLU A 408 -13.77 -7.56 15.77
N GLN A 409 -14.95 -7.04 16.08
CA GLN A 409 -16.05 -7.00 15.12
C GLN A 409 -15.58 -6.20 13.92
N LYS A 410 -15.05 -5.01 14.20
CA LYS A 410 -14.56 -4.13 13.17
C LYS A 410 -13.60 -4.86 12.27
N GLU A 411 -12.71 -5.66 12.83
CA GLU A 411 -11.78 -6.39 11.99
C GLU A 411 -12.55 -7.30 11.04
N LEU A 412 -13.67 -7.84 11.51
CA LEU A 412 -14.48 -8.70 10.66
C LEU A 412 -15.18 -7.89 9.58
N GLU A 413 -15.73 -6.74 9.95
CA GLU A 413 -16.42 -5.89 9.00
C GLU A 413 -15.48 -4.94 8.25
N LEU A 414 -14.20 -5.31 8.24
CA LEU A 414 -13.17 -4.53 7.58
C LEU A 414 -13.43 -4.21 6.12
N ASP A 415 -14.44 -4.83 5.51
CA ASP A 415 -14.74 -4.57 4.10
C ASP A 415 -16.13 -4.03 3.84
N GLN A 416 -16.90 -3.87 4.89
CA GLN A 416 -18.24 -3.33 4.74
C GLN A 416 -18.18 -1.81 4.65
N LEU A 417 -17.16 -1.21 5.25
CA LEU A 417 -16.98 0.24 5.25
C LEU A 417 -16.61 0.76 3.86
N GLU A 418 -17.15 1.93 3.51
CA GLU A 418 -16.80 2.51 2.22
C GLU A 418 -15.78 3.64 2.43
N TYR A 419 -14.51 3.30 2.18
CA TYR A 419 -13.37 4.22 2.34
C TYR A 419 -13.30 5.37 1.35
N TYR A 420 -12.35 6.27 1.56
CA TYR A 420 -12.18 7.43 0.71
C TYR A 420 -12.34 7.19 -0.80
N GLN A 421 -11.42 6.43 -1.40
CA GLN A 421 -11.47 6.15 -2.83
C GLN A 421 -12.88 5.76 -3.28
N GLU A 422 -13.44 4.72 -2.70
CA GLU A 422 -14.77 4.30 -3.09
C GLU A 422 -15.77 5.43 -3.03
N ARG A 423 -15.71 6.23 -1.96
CA ARG A 423 -16.65 7.35 -1.84
C ARG A 423 -16.43 8.33 -2.98
N ARG A 424 -15.19 8.44 -3.43
CA ARG A 424 -14.91 9.36 -4.52
C ARG A 424 -15.53 8.90 -5.84
N LEU A 425 -15.34 7.64 -6.20
CA LEU A 425 -15.88 7.11 -7.46
C LEU A 425 -17.37 6.84 -7.42
N LYS A 426 -18.02 7.09 -6.29
CA LYS A 426 -19.45 6.88 -6.18
C LYS A 426 -20.16 7.80 -7.17
N ASP A 427 -19.59 9.00 -7.34
CA ASP A 427 -20.15 9.98 -8.27
C ASP A 427 -19.29 10.10 -9.52
N LEU A 428 -19.51 9.20 -10.48
CA LEU A 428 -18.78 9.21 -11.74
C LEU A 428 -19.72 9.52 -12.89
N GLY A 429 -20.86 8.83 -12.90
CA GLY A 429 -21.81 9.05 -13.97
C GLY A 429 -21.33 8.38 -15.24
N LEU A 430 -20.75 7.19 -15.11
CA LEU A 430 -20.27 6.45 -16.27
C LEU A 430 -21.43 6.22 -17.23
N CYS A 431 -22.60 5.95 -16.67
CA CYS A 431 -23.78 5.69 -17.47
C CYS A 431 -24.67 6.91 -17.58
N GLY A 432 -24.21 7.89 -18.34
CA GLY A 432 -24.98 9.11 -18.53
C GLY A 432 -25.58 9.17 -19.93
N GLU A 433 -25.25 10.21 -20.67
CA GLU A 433 -25.78 10.36 -22.02
C GLU A 433 -24.63 10.16 -23.00
N ASN A 434 -24.91 10.16 -24.29
CA ASN A 434 -23.84 10.02 -25.27
C ASN A 434 -23.38 11.45 -25.53
N GLY A 435 -22.73 12.03 -24.53
CA GLY A 435 -22.28 13.40 -24.61
C GLY A 435 -21.57 13.80 -25.90
N ASP A 436 -21.16 12.83 -26.69
CA ASP A 436 -20.47 13.13 -27.92
C ASP A 436 -21.41 13.74 -28.98
N ILE A 437 -22.71 13.47 -28.88
CA ILE A 437 -23.66 14.02 -29.84
C ILE A 437 -23.76 15.54 -29.68
N LEU A 438 -23.69 16.01 -28.44
CA LEU A 438 -23.76 17.45 -28.20
C LEU A 438 -22.42 18.11 -28.47
N GLU A 439 -21.35 17.36 -28.23
CA GLU A 439 -19.99 17.86 -28.47
C GLU A 439 -19.84 18.26 -29.93
N ASN A 440 -20.47 17.52 -30.84
CA ASN A 440 -20.37 17.83 -32.25
C ASN A 440 -21.32 18.93 -32.67
N LEU A 441 -22.25 19.25 -31.79
CA LEU A 441 -23.19 20.33 -32.06
C LEU A 441 -22.57 21.60 -31.54
N TYR A 442 -21.50 21.47 -30.75
CA TYR A 442 -20.84 22.62 -30.18
C TYR A 442 -19.64 23.16 -31.02
N PHE A 443 -18.63 22.36 -31.36
CA PHE A 443 -17.52 22.93 -32.12
C PHE A 443 -17.86 22.88 -33.60
N PRO B 4 55.96 -48.42 -14.71
CA PRO B 4 57.42 -48.30 -14.86
C PRO B 4 57.99 -46.89 -14.80
N SER B 5 57.26 -45.90 -15.30
CA SER B 5 57.78 -44.52 -15.28
C SER B 5 57.45 -43.72 -14.02
N LEU B 6 56.67 -44.29 -13.10
CA LEU B 6 56.30 -43.58 -11.86
C LEU B 6 57.30 -43.76 -10.73
N SER B 7 57.34 -44.97 -10.17
CA SER B 7 58.25 -45.26 -9.08
C SER B 7 59.63 -44.61 -9.27
N PRO B 8 60.15 -44.57 -10.51
CA PRO B 8 61.46 -43.95 -10.72
C PRO B 8 61.43 -42.44 -10.56
N ALA B 9 60.42 -41.80 -11.15
CA ALA B 9 60.25 -40.34 -11.08
C ALA B 9 60.02 -39.91 -9.64
N VAL B 10 59.21 -40.67 -8.92
CA VAL B 10 58.93 -40.36 -7.54
C VAL B 10 60.24 -40.54 -6.76
N GLN B 11 60.94 -41.65 -7.02
CA GLN B 11 62.21 -41.95 -6.36
C GLN B 11 63.18 -40.79 -6.58
N THR B 12 63.24 -40.33 -7.82
CA THR B 12 64.11 -39.22 -8.20
C THR B 12 63.73 -38.03 -7.33
N PHE B 13 62.43 -37.84 -7.15
CA PHE B 13 61.90 -36.73 -6.36
C PHE B 13 62.30 -36.88 -4.91
N TRP B 14 62.11 -38.07 -4.36
CA TRP B 14 62.43 -38.30 -2.97
C TRP B 14 63.92 -38.18 -2.70
N LYS B 15 64.73 -38.74 -3.61
CA LYS B 15 66.18 -38.68 -3.46
C LYS B 15 66.59 -37.21 -3.41
N TRP B 16 65.92 -36.38 -4.18
CA TRP B 16 66.21 -34.95 -4.20
C TRP B 16 65.89 -34.31 -2.86
N LEU B 17 64.73 -34.63 -2.30
CA LEU B 17 64.34 -34.06 -1.02
C LEU B 17 65.28 -34.52 0.09
N GLN B 18 66.02 -35.59 -0.16
CA GLN B 18 66.98 -36.10 0.81
C GLN B 18 68.26 -35.29 0.60
N GLU B 19 68.66 -35.18 -0.67
CA GLU B 19 69.85 -34.40 -1.01
C GLU B 19 69.67 -33.02 -0.41
N GLU B 20 68.49 -32.43 -0.64
CA GLU B 20 68.16 -31.10 -0.13
C GLU B 20 68.08 -31.01 1.38
N GLY B 21 68.05 -32.15 2.06
CA GLY B 21 67.98 -32.14 3.51
C GLY B 21 66.60 -31.98 4.10
N VAL B 22 65.57 -32.03 3.25
CA VAL B 22 64.21 -31.86 3.74
C VAL B 22 63.67 -33.19 4.25
N ILE B 23 64.21 -34.28 3.70
CA ILE B 23 63.83 -35.64 4.09
C ILE B 23 64.99 -36.27 4.88
N THR B 24 64.66 -36.92 5.99
CA THR B 24 65.64 -37.59 6.85
C THR B 24 65.03 -38.87 7.40
N ALA B 25 65.84 -39.63 8.12
CA ALA B 25 65.36 -40.88 8.73
C ALA B 25 64.17 -40.54 9.64
N LYS B 26 64.23 -39.37 10.26
CA LYS B 26 63.15 -38.93 11.13
C LYS B 26 61.80 -38.81 10.43
N THR B 27 61.80 -38.38 9.18
CA THR B 27 60.58 -38.21 8.39
C THR B 27 59.71 -39.47 8.51
N PRO B 28 58.54 -39.35 9.14
CA PRO B 28 57.59 -40.45 9.37
C PRO B 28 56.64 -40.78 8.25
N VAL B 29 56.86 -40.22 7.07
CA VAL B 29 55.93 -40.43 5.98
C VAL B 29 56.60 -40.61 4.62
N LYS B 30 55.95 -41.35 3.72
CA LYS B 30 56.47 -41.57 2.36
C LYS B 30 55.39 -41.33 1.30
N ALA B 31 55.82 -41.27 0.04
CA ALA B 31 54.92 -41.07 -1.10
C ALA B 31 54.43 -42.45 -1.49
N SER B 32 53.13 -42.56 -1.75
CA SER B 32 52.53 -43.83 -2.11
C SER B 32 51.44 -43.63 -3.16
N VAL B 33 51.19 -44.64 -3.99
CA VAL B 33 50.15 -44.55 -5.00
C VAL B 33 48.85 -44.84 -4.28
N VAL B 34 47.96 -43.88 -4.37
CA VAL B 34 46.70 -43.95 -3.65
C VAL B 34 45.50 -43.73 -4.57
N THR B 35 44.31 -44.07 -4.07
CA THR B 35 43.09 -43.90 -4.83
C THR B 35 43.03 -42.48 -5.36
N GLU B 36 43.40 -41.52 -4.52
CA GLU B 36 43.38 -40.12 -4.92
C GLU B 36 44.66 -39.64 -5.66
N GLY B 37 45.40 -40.58 -6.25
CA GLY B 37 46.62 -40.24 -7.00
C GLY B 37 47.85 -40.55 -6.18
N LEU B 38 48.69 -39.54 -5.94
CA LEU B 38 49.85 -39.70 -5.09
C LEU B 38 49.44 -39.16 -3.71
N GLY B 39 49.97 -39.76 -2.66
CA GLY B 39 49.64 -39.32 -1.31
C GLY B 39 50.75 -39.65 -0.33
N LEU B 40 50.58 -39.23 0.91
CA LEU B 40 51.57 -39.50 1.94
C LEU B 40 51.06 -40.63 2.80
N VAL B 41 51.93 -41.61 3.06
CA VAL B 41 51.57 -42.73 3.92
C VAL B 41 52.47 -42.77 5.14
N ALA B 42 51.90 -43.10 6.29
CA ALA B 42 52.67 -43.16 7.52
C ALA B 42 53.65 -44.36 7.54
N LEU B 43 54.90 -44.07 7.87
CA LEU B 43 55.93 -45.11 7.95
C LEU B 43 55.95 -45.68 9.37
N LYS B 44 55.09 -45.13 10.22
CA LYS B 44 54.97 -45.55 11.61
C LYS B 44 53.84 -44.77 12.25
N ASP B 45 53.26 -45.31 13.32
CA ASP B 45 52.16 -44.63 13.99
C ASP B 45 52.42 -43.14 14.18
N ILE B 46 51.49 -42.30 13.71
CA ILE B 46 51.61 -40.86 13.84
C ILE B 46 50.50 -40.37 14.78
N SER B 47 50.87 -39.46 15.67
CA SER B 47 49.93 -38.91 16.65
C SER B 47 49.32 -37.59 16.24
N ARG B 48 48.12 -37.32 16.75
CA ARG B 48 47.44 -36.08 16.46
C ARG B 48 48.37 -34.89 16.75
N ASN B 49 48.62 -34.10 15.73
CA ASN B 49 49.48 -32.92 15.82
C ASN B 49 50.98 -33.14 15.60
N ASP B 50 51.41 -34.37 15.39
CA ASP B 50 52.83 -34.59 15.12
C ASP B 50 53.17 -33.85 13.83
N VAL B 51 54.41 -33.40 13.72
CA VAL B 51 54.79 -32.71 12.51
C VAL B 51 55.19 -33.80 11.54
N ILE B 52 54.56 -33.77 10.36
CA ILE B 52 54.80 -34.75 9.31
C ILE B 52 56.04 -34.37 8.52
N LEU B 53 56.15 -33.09 8.19
CA LEU B 53 57.27 -32.64 7.39
C LEU B 53 57.44 -31.13 7.46
N GLN B 54 58.61 -30.66 7.06
CA GLN B 54 58.93 -29.23 7.07
C GLN B 54 59.74 -28.92 5.83
N VAL B 55 59.30 -27.92 5.07
CA VAL B 55 60.00 -27.53 3.84
C VAL B 55 60.51 -26.08 3.95
N PRO B 56 61.78 -25.85 3.56
CA PRO B 56 62.41 -24.53 3.59
C PRO B 56 61.87 -23.54 2.55
N LYS B 57 61.69 -22.29 2.95
CA LYS B 57 61.17 -21.26 2.06
C LYS B 57 61.96 -21.18 0.76
N ARG B 58 63.22 -21.58 0.84
CA ARG B 58 64.13 -21.61 -0.30
C ARG B 58 63.47 -22.37 -1.45
N LEU B 59 62.49 -23.21 -1.11
CA LEU B 59 61.78 -24.01 -2.10
C LEU B 59 60.31 -23.66 -2.34
N TRP B 60 59.83 -22.54 -1.80
CA TRP B 60 58.45 -22.12 -2.05
C TRP B 60 58.36 -21.74 -3.53
N ILE B 61 57.13 -21.47 -3.95
CA ILE B 61 56.85 -20.97 -5.27
C ILE B 61 55.70 -20.06 -4.89
N ASN B 62 56.01 -18.79 -4.70
CA ASN B 62 55.01 -17.79 -4.33
C ASN B 62 55.42 -16.48 -5.00
N PRO B 63 54.53 -15.46 -4.97
CA PRO B 63 54.90 -14.18 -5.60
C PRO B 63 56.32 -13.69 -5.30
N ASP B 64 56.79 -13.87 -4.07
CA ASP B 64 58.13 -13.41 -3.72
C ASP B 64 59.19 -14.16 -4.50
N ALA B 65 58.97 -15.44 -4.75
CA ALA B 65 59.94 -16.22 -5.48
C ALA B 65 60.06 -15.70 -6.90
N VAL B 66 58.93 -15.33 -7.51
CA VAL B 66 58.97 -14.82 -8.87
C VAL B 66 59.65 -13.47 -8.91
N ALA B 67 59.26 -12.59 -7.99
CA ALA B 67 59.84 -11.25 -7.94
C ALA B 67 61.36 -11.33 -7.85
N ALA B 68 61.87 -12.39 -7.25
CA ALA B 68 63.32 -12.55 -7.10
C ALA B 68 63.96 -13.34 -8.23
N SER B 69 63.22 -13.53 -9.32
CA SER B 69 63.74 -14.27 -10.46
C SER B 69 63.93 -13.35 -11.66
N GLU B 70 64.54 -13.88 -12.71
CA GLU B 70 64.80 -13.11 -13.92
C GLU B 70 63.56 -12.42 -14.47
N ILE B 71 62.40 -13.05 -14.36
CA ILE B 71 61.18 -12.44 -14.87
C ILE B 71 60.51 -11.54 -13.83
N GLY B 72 61.10 -11.47 -12.65
CA GLY B 72 60.52 -10.65 -11.60
C GLY B 72 60.28 -9.24 -12.09
N ARG B 73 61.23 -8.74 -12.87
CA ARG B 73 61.19 -7.40 -13.44
C ARG B 73 59.93 -7.15 -14.28
N VAL B 74 59.75 -7.95 -15.31
CA VAL B 74 58.61 -7.80 -16.20
C VAL B 74 57.25 -8.08 -15.56
N CYS B 75 57.22 -8.91 -14.52
CA CYS B 75 55.97 -9.25 -13.85
C CYS B 75 55.69 -8.30 -12.69
N SER B 76 56.62 -7.38 -12.48
CA SER B 76 56.54 -6.39 -11.41
C SER B 76 55.16 -5.82 -11.10
N GLU B 77 54.31 -5.70 -12.11
CA GLU B 77 52.98 -5.12 -11.90
C GLU B 77 51.80 -6.02 -12.26
N LEU B 78 52.06 -7.31 -12.40
CA LEU B 78 51.01 -8.26 -12.72
C LEU B 78 50.38 -8.75 -11.45
N LYS B 79 49.10 -9.12 -11.51
CA LYS B 79 48.41 -9.65 -10.35
C LYS B 79 49.19 -10.87 -9.86
N PRO B 80 49.29 -11.05 -8.53
CA PRO B 80 50.04 -12.19 -7.97
C PRO B 80 49.84 -13.57 -8.64
N TRP B 81 48.59 -13.99 -8.86
CA TRP B 81 48.38 -15.29 -9.50
C TRP B 81 48.86 -15.37 -10.94
N LEU B 82 48.79 -14.25 -11.65
CA LEU B 82 49.25 -14.21 -13.05
C LEU B 82 50.76 -14.38 -13.09
N SER B 83 51.45 -13.81 -12.11
CA SER B 83 52.90 -13.91 -12.02
C SER B 83 53.30 -15.37 -11.81
N VAL B 84 52.73 -15.96 -10.78
CA VAL B 84 53.01 -17.34 -10.43
C VAL B 84 52.77 -18.25 -11.64
N ILE B 85 51.71 -17.97 -12.39
CA ILE B 85 51.40 -18.79 -13.56
C ILE B 85 52.56 -18.75 -14.56
N LEU B 86 53.06 -17.56 -14.84
CA LEU B 86 54.17 -17.41 -15.76
C LEU B 86 55.39 -18.14 -15.21
N PHE B 87 55.66 -17.91 -13.93
CA PHE B 87 56.80 -18.53 -13.27
C PHE B 87 56.73 -20.05 -13.39
N LEU B 88 55.57 -20.63 -13.10
CA LEU B 88 55.42 -22.08 -13.19
C LEU B 88 55.66 -22.58 -14.62
N ILE B 89 55.02 -21.95 -15.61
CA ILE B 89 55.18 -22.35 -17.00
C ILE B 89 56.61 -22.20 -17.49
N ARG B 90 57.29 -21.18 -16.99
CA ARG B 90 58.67 -20.95 -17.37
C ARG B 90 59.60 -22.00 -16.77
N GLU B 91 59.51 -22.19 -15.46
CA GLU B 91 60.35 -23.16 -14.77
C GLU B 91 60.15 -24.59 -15.29
N ARG B 92 58.92 -24.92 -15.66
CA ARG B 92 58.62 -26.26 -16.16
C ARG B 92 59.48 -26.56 -17.39
N SER B 93 59.90 -25.50 -18.09
CA SER B 93 60.72 -25.62 -19.30
C SER B 93 62.22 -25.75 -19.07
N ARG B 94 62.75 -24.92 -18.18
CA ARG B 94 64.18 -24.95 -17.86
C ARG B 94 64.64 -26.33 -17.37
N GLU B 95 65.67 -26.88 -18.00
CA GLU B 95 66.18 -28.20 -17.60
C GLU B 95 67.06 -28.06 -16.36
N ASP B 96 67.45 -26.82 -16.05
CA ASP B 96 68.29 -26.58 -14.90
C ASP B 96 67.45 -25.99 -13.78
N SER B 97 66.14 -26.11 -13.90
CA SER B 97 65.23 -25.60 -12.89
C SER B 97 65.47 -26.26 -11.55
N VAL B 98 65.17 -25.53 -10.48
CA VAL B 98 65.36 -26.03 -9.12
C VAL B 98 64.26 -27.02 -8.75
N TRP B 99 63.24 -27.09 -9.59
CA TRP B 99 62.10 -27.97 -9.34
C TRP B 99 61.91 -28.95 -10.47
N LYS B 100 62.99 -29.30 -11.14
CA LYS B 100 62.93 -30.24 -12.25
C LYS B 100 62.19 -31.51 -11.82
N HIS B 101 62.64 -32.09 -10.71
CA HIS B 101 62.06 -33.31 -10.19
C HIS B 101 60.64 -33.14 -9.66
N TYR B 102 60.36 -31.98 -9.10
CA TYR B 102 59.04 -31.70 -8.56
C TYR B 102 58.01 -31.68 -9.72
N PHE B 103 58.32 -30.92 -10.77
CA PHE B 103 57.45 -30.84 -11.94
C PHE B 103 57.25 -32.23 -12.56
N GLY B 104 58.30 -33.05 -12.53
CA GLY B 104 58.22 -34.37 -13.09
C GLY B 104 57.18 -35.23 -12.40
N ILE B 105 56.79 -34.80 -11.21
CA ILE B 105 55.83 -35.53 -10.40
C ILE B 105 54.40 -34.99 -10.52
N LEU B 106 54.27 -33.77 -11.02
CA LEU B 106 52.96 -33.14 -11.14
C LEU B 106 52.04 -33.75 -12.18
N PRO B 107 50.75 -33.85 -11.85
CA PRO B 107 49.80 -34.42 -12.81
C PRO B 107 49.57 -33.40 -13.91
N GLN B 108 49.20 -33.84 -15.10
CA GLN B 108 48.95 -32.89 -16.18
C GLN B 108 47.54 -32.32 -16.07
N GLU B 109 46.69 -33.01 -15.33
CA GLU B 109 45.31 -32.58 -15.17
C GLU B 109 44.76 -33.03 -13.82
N THR B 110 43.57 -32.54 -13.53
CA THR B 110 42.83 -32.91 -12.32
C THR B 110 41.42 -33.13 -12.86
N ASP B 111 40.47 -33.45 -12.01
CA ASP B 111 39.11 -33.62 -12.50
C ASP B 111 38.35 -32.32 -12.33
N SER B 112 39.09 -31.21 -12.25
CA SER B 112 38.46 -29.90 -12.14
C SER B 112 37.69 -29.65 -13.42
N THR B 113 36.49 -29.08 -13.30
CA THR B 113 35.67 -28.81 -14.47
C THR B 113 36.43 -28.06 -15.57
N ILE B 114 37.42 -27.27 -15.21
CA ILE B 114 38.17 -26.54 -16.23
C ILE B 114 38.87 -27.42 -17.27
N TYR B 115 38.86 -28.73 -17.07
CA TYR B 115 39.53 -29.63 -18.00
C TYR B 115 38.54 -30.54 -18.71
N TRP B 116 37.29 -30.48 -18.29
CA TRP B 116 36.26 -31.33 -18.87
C TRP B 116 36.03 -31.09 -20.37
N SER B 117 35.61 -32.14 -21.05
CA SER B 117 35.32 -32.06 -22.47
C SER B 117 33.88 -31.57 -22.61
N GLU B 118 33.51 -31.20 -23.84
CA GLU B 118 32.17 -30.70 -24.08
C GLU B 118 31.12 -31.74 -23.71
N GLU B 119 31.39 -33.01 -24.00
CA GLU B 119 30.43 -34.07 -23.68
C GLU B 119 30.29 -34.11 -22.17
N GLU B 120 31.43 -34.07 -21.49
CA GLU B 120 31.46 -34.10 -20.04
C GLU B 120 30.69 -32.94 -19.44
N LEU B 121 30.94 -31.73 -19.94
CA LEU B 121 30.24 -30.55 -19.45
C LEU B 121 28.74 -30.67 -19.64
N GLN B 122 28.33 -31.26 -20.76
CA GLN B 122 26.92 -31.45 -21.05
C GLN B 122 26.19 -32.11 -19.89
N GLU B 123 26.93 -32.85 -19.09
CA GLU B 123 26.35 -33.55 -17.96
C GLU B 123 25.96 -32.59 -16.82
N LEU B 124 26.42 -31.35 -16.94
CA LEU B 124 26.12 -30.32 -15.95
C LEU B 124 25.21 -29.25 -16.54
N GLN B 125 24.58 -29.58 -17.66
CA GLN B 125 23.64 -28.68 -18.35
C GLN B 125 22.64 -27.99 -17.42
N GLY B 126 22.55 -26.67 -17.52
CA GLY B 126 21.61 -25.92 -16.69
C GLY B 126 21.99 -25.78 -15.22
N SER B 127 23.24 -26.08 -14.89
CA SER B 127 23.69 -25.99 -13.50
C SER B 127 24.49 -24.71 -13.28
N GLN B 128 24.50 -24.24 -12.04
CA GLN B 128 25.24 -23.03 -11.74
C GLN B 128 26.74 -23.28 -11.93
N LEU B 129 27.18 -24.46 -11.48
CA LEU B 129 28.57 -24.84 -11.61
C LEU B 129 29.04 -24.68 -13.05
N LEU B 130 28.23 -25.15 -13.99
CA LEU B 130 28.59 -25.04 -15.41
C LEU B 130 28.78 -23.57 -15.79
N LYS B 131 27.84 -22.72 -15.39
CA LYS B 131 27.94 -21.28 -15.69
C LYS B 131 29.25 -20.74 -15.10
N THR B 132 29.49 -21.04 -13.82
CA THR B 132 30.70 -20.56 -13.16
C THR B 132 31.98 -21.04 -13.87
N THR B 133 32.09 -22.33 -14.16
CA THR B 133 33.31 -22.80 -14.80
C THR B 133 33.55 -22.12 -16.15
N VAL B 134 32.48 -21.99 -16.95
CA VAL B 134 32.59 -21.35 -18.26
C VAL B 134 33.06 -19.91 -18.11
N SER B 135 32.42 -19.19 -17.21
CA SER B 135 32.75 -17.81 -16.93
C SER B 135 34.21 -17.69 -16.49
N VAL B 136 34.61 -18.58 -15.58
CA VAL B 136 35.98 -18.57 -15.07
C VAL B 136 36.99 -18.95 -16.15
N LYS B 137 36.69 -19.99 -16.91
CA LYS B 137 37.62 -20.41 -17.97
C LYS B 137 37.91 -19.26 -18.93
N GLU B 138 36.84 -18.63 -19.41
CA GLU B 138 36.95 -17.51 -20.34
C GLU B 138 37.79 -16.36 -19.80
N TYR B 139 37.52 -15.99 -18.56
CA TYR B 139 38.24 -14.90 -17.91
C TYR B 139 39.74 -15.23 -17.83
N VAL B 140 40.05 -16.47 -17.46
CA VAL B 140 41.45 -16.87 -17.34
C VAL B 140 42.11 -16.84 -18.71
N LYS B 141 41.33 -17.20 -19.73
CA LYS B 141 41.82 -17.20 -21.10
C LYS B 141 42.22 -15.79 -21.54
N ASN B 142 41.30 -14.83 -21.39
CA ASN B 142 41.58 -13.46 -21.77
C ASN B 142 42.79 -12.93 -21.03
N GLU B 143 42.72 -12.95 -19.70
CA GLU B 143 43.83 -12.47 -18.87
C GLU B 143 45.15 -13.07 -19.33
N CYS B 144 45.12 -14.35 -19.68
CA CYS B 144 46.33 -15.04 -20.11
C CYS B 144 46.78 -14.64 -21.50
N LEU B 145 45.85 -14.50 -22.44
CA LEU B 145 46.21 -14.12 -23.81
C LEU B 145 46.75 -12.70 -23.79
N LYS B 146 46.27 -11.92 -22.82
CA LYS B 146 46.70 -10.55 -22.66
C LYS B 146 48.12 -10.54 -22.11
N LEU B 147 48.50 -11.64 -21.46
CA LEU B 147 49.84 -11.79 -20.89
C LEU B 147 50.83 -12.11 -22.01
N GLU B 148 50.41 -13.02 -22.88
CA GLU B 148 51.23 -13.45 -23.98
C GLU B 148 51.73 -12.27 -24.82
N GLN B 149 50.84 -11.31 -25.05
CA GLN B 149 51.19 -10.15 -25.86
C GLN B 149 51.89 -9.01 -25.12
N GLU B 150 51.84 -9.00 -23.80
CA GLU B 150 52.47 -7.93 -23.04
C GLU B 150 53.74 -8.33 -22.30
N ILE B 151 53.93 -9.64 -22.10
CA ILE B 151 55.12 -10.10 -21.39
C ILE B 151 55.85 -11.22 -22.12
N ILE B 152 55.12 -12.29 -22.44
CA ILE B 152 55.72 -13.44 -23.10
C ILE B 152 56.35 -13.18 -24.47
N LEU B 153 55.56 -12.68 -25.41
CA LEU B 153 56.05 -12.40 -26.76
C LEU B 153 57.13 -11.32 -26.80
N PRO B 154 56.90 -10.19 -26.11
CA PRO B 154 57.89 -9.10 -26.09
C PRO B 154 59.26 -9.58 -25.57
N ASN B 155 59.26 -10.28 -24.44
CA ASN B 155 60.49 -10.77 -23.83
C ASN B 155 60.82 -12.20 -24.25
N LYS B 156 60.94 -12.42 -25.55
CA LYS B 156 61.26 -13.73 -26.08
C LYS B 156 62.56 -14.30 -25.52
N ARG B 157 63.36 -13.45 -24.88
CA ARG B 157 64.62 -13.91 -24.31
C ARG B 157 64.37 -14.76 -23.07
N LEU B 158 63.42 -14.33 -22.25
CA LEU B 158 63.08 -15.05 -21.03
C LEU B 158 62.10 -16.17 -21.32
N PHE B 159 61.25 -15.98 -22.33
CA PHE B 159 60.27 -16.97 -22.71
C PHE B 159 60.52 -17.46 -24.13
N PRO B 160 61.50 -18.39 -24.29
CA PRO B 160 61.87 -18.96 -25.60
C PRO B 160 60.73 -19.73 -26.28
N ASP B 161 60.28 -20.81 -25.65
CA ASP B 161 59.21 -21.65 -26.20
C ASP B 161 57.87 -20.91 -26.18
N PRO B 162 56.96 -21.27 -27.10
CA PRO B 162 55.63 -20.65 -27.17
C PRO B 162 54.82 -21.09 -25.95
N VAL B 163 53.69 -20.43 -25.69
CA VAL B 163 52.86 -20.79 -24.55
C VAL B 163 51.40 -20.94 -25.00
N THR B 164 50.89 -22.18 -24.98
CA THR B 164 49.52 -22.42 -25.40
C THR B 164 48.56 -22.25 -24.24
N LEU B 165 47.26 -22.22 -24.54
CA LEU B 165 46.27 -22.06 -23.50
C LEU B 165 46.31 -23.27 -22.57
N ASP B 166 46.74 -24.41 -23.09
CA ASP B 166 46.85 -25.61 -22.28
C ASP B 166 47.83 -25.39 -21.15
N ASP B 167 48.94 -24.72 -21.47
CA ASP B 167 49.96 -24.42 -20.47
C ASP B 167 49.37 -23.52 -19.41
N PHE B 168 48.62 -22.52 -19.85
CA PHE B 168 48.00 -21.59 -18.92
C PHE B 168 47.05 -22.32 -17.99
N PHE B 169 46.07 -23.01 -18.55
CA PHE B 169 45.12 -23.76 -17.75
C PHE B 169 45.78 -24.83 -16.87
N TRP B 170 47.00 -25.20 -17.24
CA TRP B 170 47.75 -26.17 -16.46
C TRP B 170 48.21 -25.49 -15.18
N ALA B 171 48.87 -24.35 -15.34
CA ALA B 171 49.37 -23.59 -14.20
C ALA B 171 48.20 -23.09 -13.35
N PHE B 172 47.15 -22.65 -14.00
CA PHE B 172 46.00 -22.18 -13.25
C PHE B 172 45.48 -23.31 -12.36
N GLY B 173 45.34 -24.50 -12.93
CA GLY B 173 44.85 -25.65 -12.20
C GLY B 173 45.79 -26.09 -11.08
N ILE B 174 47.09 -26.04 -11.36
CA ILE B 174 48.11 -26.40 -10.38
C ILE B 174 48.00 -25.41 -9.22
N LEU B 175 47.90 -24.14 -9.56
CA LEU B 175 47.79 -23.10 -8.57
C LEU B 175 46.57 -23.26 -7.69
N ARG B 176 45.42 -23.48 -8.31
CA ARG B 176 44.17 -23.61 -7.58
C ARG B 176 43.93 -24.92 -6.81
N SER B 177 44.62 -26.00 -7.20
CA SER B 177 44.42 -27.29 -6.51
C SER B 177 45.55 -27.67 -5.56
N ARG B 178 46.71 -27.03 -5.69
CA ARG B 178 47.84 -27.36 -4.83
C ARG B 178 48.22 -26.38 -3.76
N ALA B 179 48.35 -25.11 -4.13
CA ALA B 179 48.75 -24.03 -3.23
C ALA B 179 48.05 -23.93 -1.87
N PHE B 180 48.83 -23.62 -0.84
CA PHE B 180 48.29 -23.45 0.51
C PHE B 180 48.10 -21.96 0.78
N SER B 181 47.20 -21.62 1.69
CA SER B 181 46.93 -20.22 2.04
C SER B 181 47.28 -19.98 3.50
N ARG B 182 46.28 -20.19 4.36
CA ARG B 182 46.40 -19.98 5.80
C ARG B 182 47.84 -19.81 6.28
N LEU B 183 48.25 -18.55 6.39
CA LEU B 183 49.59 -18.16 6.84
C LEU B 183 49.65 -16.69 7.30
N ARG B 184 50.85 -16.14 7.32
CA ARG B 184 51.08 -14.75 7.73
C ARG B 184 51.53 -13.99 6.49
N ASN B 185 50.78 -12.95 6.13
CA ASN B 185 51.10 -12.15 4.97
C ASN B 185 51.18 -13.02 3.72
N GLU B 186 50.58 -14.20 3.76
CA GLU B 186 50.60 -15.10 2.61
C GLU B 186 49.33 -15.93 2.42
N ASN B 187 48.94 -16.08 1.16
CA ASN B 187 47.75 -16.83 0.79
C ASN B 187 47.96 -17.58 -0.52
N LEU B 188 49.13 -17.44 -1.12
CA LEU B 188 49.42 -18.13 -2.36
C LEU B 188 50.80 -18.77 -2.32
N VAL B 189 50.89 -19.98 -1.77
CA VAL B 189 52.18 -20.65 -1.68
C VAL B 189 52.16 -22.11 -2.12
N VAL B 190 52.96 -22.42 -3.13
CA VAL B 190 53.09 -23.77 -3.65
C VAL B 190 54.25 -24.40 -2.89
N VAL B 191 54.04 -25.57 -2.30
CA VAL B 191 55.07 -26.25 -1.52
C VAL B 191 55.27 -27.71 -1.94
N PRO B 192 56.43 -28.01 -2.57
CA PRO B 192 56.88 -29.31 -3.09
C PRO B 192 56.49 -30.65 -2.45
N MET B 193 56.89 -30.93 -1.22
CA MET B 193 56.51 -32.22 -0.67
C MET B 193 55.15 -32.13 0.03
N ALA B 194 54.90 -31.00 0.67
CA ALA B 194 53.66 -30.79 1.40
C ALA B 194 52.41 -30.97 0.56
N ASP B 195 52.42 -30.42 -0.67
CA ASP B 195 51.21 -30.51 -1.49
C ASP B 195 50.82 -31.91 -1.90
N LEU B 196 51.58 -32.91 -1.46
CA LEU B 196 51.24 -34.29 -1.79
C LEU B 196 50.17 -34.79 -0.85
N ILE B 197 49.83 -34.00 0.16
CA ILE B 197 48.82 -34.44 1.11
C ILE B 197 47.37 -34.30 0.63
N ASN B 198 46.59 -35.35 0.82
CA ASN B 198 45.21 -35.33 0.36
C ASN B 198 44.14 -34.91 1.38
N HIS B 199 42.92 -34.71 0.87
CA HIS B 199 41.77 -34.31 1.66
C HIS B 199 40.92 -35.47 2.20
N SER B 200 40.37 -35.31 3.40
CA SER B 200 39.52 -36.33 3.97
C SER B 200 38.42 -35.66 4.76
N ALA B 201 37.18 -36.05 4.52
CA ALA B 201 36.06 -35.48 5.25
C ALA B 201 36.21 -35.91 6.69
N GLY B 202 37.22 -36.75 6.95
CA GLY B 202 37.47 -37.24 8.29
C GLY B 202 38.10 -36.18 9.19
N VAL B 203 38.77 -35.19 8.60
CA VAL B 203 39.39 -34.12 9.35
C VAL B 203 38.37 -33.01 9.55
N THR B 204 38.20 -32.56 10.79
CA THR B 204 37.23 -31.52 11.09
C THR B 204 37.81 -30.23 11.66
N THR B 205 39.10 -30.01 11.42
CA THR B 205 39.78 -28.81 11.90
C THR B 205 40.65 -28.30 10.76
N GLU B 206 41.37 -27.19 10.97
CA GLU B 206 42.20 -26.69 9.90
C GLU B 206 43.57 -26.22 10.34
N ASP B 207 43.94 -26.58 11.56
CA ASP B 207 45.26 -26.22 12.08
C ASP B 207 46.22 -27.37 11.76
N HIS B 208 46.88 -27.28 10.61
CA HIS B 208 47.78 -28.34 10.20
C HIS B 208 49.06 -27.81 9.57
N ALA B 209 49.12 -26.50 9.36
CA ALA B 209 50.30 -25.89 8.76
C ALA B 209 50.68 -24.62 9.50
N TYR B 210 51.96 -24.48 9.82
CA TYR B 210 52.47 -23.29 10.50
C TYR B 210 53.89 -23.09 9.98
N GLU B 211 54.53 -21.98 10.33
CA GLU B 211 55.88 -21.74 9.85
C GLU B 211 56.84 -21.32 10.95
N VAL B 212 58.13 -21.49 10.69
CA VAL B 212 59.16 -21.11 11.64
C VAL B 212 60.07 -20.06 11.02
N LYS B 213 59.68 -18.79 11.16
CA LYS B 213 60.41 -17.67 10.59
C LYS B 213 61.59 -17.14 11.40
N GLY B 214 61.79 -15.82 11.32
CA GLY B 214 62.88 -15.13 12.00
C GLY B 214 62.84 -15.01 13.51
N ALA B 215 61.68 -15.25 14.11
CA ALA B 215 61.57 -15.17 15.56
C ALA B 215 62.45 -16.29 16.15
N ALA B 216 62.73 -17.28 15.32
CA ALA B 216 63.54 -18.44 15.68
C ALA B 216 65.02 -18.29 15.29
N GLY B 217 65.42 -17.06 14.97
CA GLY B 217 66.79 -16.80 14.58
C GLY B 217 67.32 -17.52 13.35
N LEU B 218 66.46 -17.78 12.36
CA LEU B 218 66.89 -18.46 11.13
C LEU B 218 66.86 -17.49 9.97
N PHE B 219 67.60 -17.79 8.91
CA PHE B 219 67.58 -16.91 7.75
C PHE B 219 66.30 -17.15 6.97
N SER B 220 65.76 -16.10 6.37
CA SER B 220 64.51 -16.15 5.62
C SER B 220 64.35 -17.36 4.67
N TRP B 221 65.43 -17.75 3.99
CA TRP B 221 65.40 -18.86 3.06
C TRP B 221 65.41 -20.23 3.75
N ASP B 222 65.50 -20.25 5.07
CA ASP B 222 65.47 -21.50 5.82
C ASP B 222 64.21 -21.55 6.65
N TYR B 223 63.33 -20.57 6.43
CA TYR B 223 62.06 -20.52 7.14
C TYR B 223 61.33 -21.81 6.76
N LEU B 224 60.63 -22.42 7.70
CA LEU B 224 59.97 -23.68 7.40
C LEU B 224 58.47 -23.75 7.32
N PHE B 225 57.96 -24.40 6.26
CA PHE B 225 56.54 -24.61 6.09
C PHE B 225 56.34 -25.95 6.79
N SER B 226 55.80 -25.94 7.99
CA SER B 226 55.60 -27.18 8.72
C SER B 226 54.17 -27.66 8.61
N LEU B 227 54.02 -28.93 8.29
CA LEU B 227 52.72 -29.53 8.16
C LEU B 227 52.61 -30.59 9.23
N LYS B 228 51.50 -30.61 9.96
CA LYS B 228 51.32 -31.64 10.98
C LYS B 228 50.08 -32.46 10.68
N SER B 229 49.95 -33.60 11.35
CA SER B 229 48.81 -34.48 11.12
C SER B 229 47.65 -34.20 12.06
N PRO B 230 46.56 -33.61 11.56
CA PRO B 230 45.43 -33.35 12.45
C PRO B 230 44.84 -34.60 13.09
N LEU B 231 45.19 -35.77 12.57
CA LEU B 231 44.65 -37.00 13.14
C LEU B 231 45.72 -38.03 13.47
N SER B 232 45.32 -39.04 14.23
CA SER B 232 46.24 -40.12 14.56
C SER B 232 46.15 -41.09 13.41
N VAL B 233 47.29 -41.58 12.94
CA VAL B 233 47.31 -42.48 11.80
C VAL B 233 48.18 -43.68 12.05
N LYS B 234 47.59 -44.86 12.06
CA LYS B 234 48.38 -46.07 12.26
C LYS B 234 49.35 -46.26 11.09
N ALA B 235 50.50 -46.86 11.35
CA ALA B 235 51.50 -47.07 10.31
C ALA B 235 50.87 -47.77 9.12
N GLY B 236 51.21 -47.30 7.92
CA GLY B 236 50.67 -47.90 6.72
C GLY B 236 49.48 -47.17 6.12
N GLU B 237 48.73 -46.45 6.95
CA GLU B 237 47.54 -45.70 6.49
C GLU B 237 47.90 -44.33 5.93
N GLN B 238 46.97 -43.75 5.18
CA GLN B 238 47.21 -42.43 4.58
C GLN B 238 47.04 -41.26 5.57
N VAL B 239 47.85 -40.23 5.40
CA VAL B 239 47.77 -39.05 6.26
C VAL B 239 47.03 -37.97 5.49
N TYR B 240 45.88 -37.54 5.99
CA TYR B 240 45.10 -36.51 5.32
C TYR B 240 45.01 -35.19 6.09
N ILE B 241 44.32 -34.22 5.50
CA ILE B 241 44.03 -32.93 6.14
C ILE B 241 42.67 -32.50 5.61
N GLN B 242 42.19 -31.34 6.05
CA GLN B 242 40.91 -30.80 5.59
C GLN B 242 41.26 -29.62 4.72
N TYR B 243 40.77 -29.65 3.48
CA TYR B 243 41.08 -28.57 2.56
C TYR B 243 40.34 -27.28 2.86
N ASP B 244 39.09 -27.38 3.31
CA ASP B 244 38.30 -26.18 3.61
C ASP B 244 36.87 -26.50 4.00
N LEU B 245 36.61 -26.44 5.31
CA LEU B 245 35.29 -26.75 5.84
C LEU B 245 34.18 -25.90 5.23
N ASN B 246 34.53 -24.71 4.76
CA ASN B 246 33.55 -23.78 4.22
C ASN B 246 33.09 -23.92 2.79
N LYS B 247 33.98 -24.34 1.91
CA LYS B 247 33.65 -24.48 0.49
C LYS B 247 32.43 -25.34 0.18
N SER B 248 31.81 -25.06 -0.96
CA SER B 248 30.64 -25.81 -1.42
C SER B 248 31.15 -26.95 -2.32
N ASN B 249 30.32 -27.96 -2.57
CA ASN B 249 30.75 -29.05 -3.44
C ASN B 249 31.13 -28.42 -4.76
N ALA B 250 30.37 -27.41 -5.16
CA ALA B 250 30.63 -26.72 -6.41
C ALA B 250 32.04 -26.13 -6.41
N GLU B 251 32.49 -25.64 -5.25
CA GLU B 251 33.83 -25.08 -5.16
C GLU B 251 34.89 -26.17 -5.11
N LEU B 252 34.58 -27.24 -4.40
CA LEU B 252 35.51 -28.34 -4.27
C LEU B 252 35.74 -28.90 -5.65
N ALA B 253 34.68 -28.96 -6.45
CA ALA B 253 34.72 -29.46 -7.82
C ALA B 253 35.62 -28.63 -8.76
N LEU B 254 35.44 -27.32 -8.75
CA LEU B 254 36.23 -26.45 -9.60
C LEU B 254 37.68 -26.30 -9.13
N ASP B 255 37.91 -26.30 -7.82
CA ASP B 255 39.26 -26.15 -7.28
C ASP B 255 40.09 -27.44 -7.30
N TYR B 256 39.46 -28.53 -6.90
CA TYR B 256 40.07 -29.85 -6.88
C TYR B 256 39.20 -30.75 -7.77
N GLY B 257 39.67 -31.91 -8.14
CA GLY B 257 38.82 -32.73 -8.99
C GLY B 257 37.85 -33.59 -8.21
N PHE B 258 37.15 -33.03 -7.22
CA PHE B 258 36.23 -33.87 -6.44
C PHE B 258 35.14 -33.14 -5.65
N ILE B 259 34.24 -33.91 -5.04
CA ILE B 259 33.14 -33.41 -4.21
C ILE B 259 32.88 -34.44 -3.09
N GLU B 260 32.10 -34.06 -2.09
CA GLU B 260 31.79 -34.97 -1.01
C GLU B 260 30.32 -35.37 -1.06
N PRO B 261 29.96 -36.46 -0.39
CA PRO B 261 28.57 -36.93 -0.38
C PRO B 261 27.75 -36.13 0.61
N ASN B 262 28.43 -35.43 1.52
CA ASN B 262 27.76 -34.65 2.55
C ASN B 262 26.87 -33.57 1.96
N GLU B 263 25.56 -33.76 2.10
CA GLU B 263 24.57 -32.83 1.57
C GLU B 263 24.77 -31.40 2.07
N ASN B 264 25.38 -31.25 3.24
CA ASN B 264 25.62 -29.91 3.79
C ASN B 264 26.63 -29.13 2.94
N ARG B 265 27.27 -29.79 1.97
CA ARG B 265 28.24 -29.11 1.10
C ARG B 265 27.55 -28.54 -0.13
N HIS B 266 26.29 -28.91 -0.32
CA HIS B 266 25.52 -28.42 -1.46
C HIS B 266 25.08 -26.98 -1.28
N ALA B 267 25.38 -26.16 -2.28
CA ALA B 267 25.01 -24.76 -2.22
C ALA B 267 24.63 -24.22 -3.60
N TYR B 268 24.00 -23.06 -3.58
CA TYR B 268 23.57 -22.39 -4.80
C TYR B 268 23.70 -20.91 -4.46
N THR B 269 24.31 -20.13 -5.32
CA THR B 269 24.43 -18.73 -4.98
C THR B 269 23.54 -17.82 -5.82
N LEU B 270 22.76 -16.99 -5.13
CA LEU B 270 21.88 -16.06 -5.81
C LEU B 270 22.62 -14.76 -6.03
N THR B 271 22.38 -14.13 -7.17
CA THR B 271 23.02 -12.86 -7.43
C THR B 271 21.95 -11.76 -7.44
N LEU B 272 22.14 -10.77 -6.58
CA LEU B 272 21.23 -9.65 -6.43
C LEU B 272 21.89 -8.35 -6.83
N GLU B 273 21.17 -7.54 -7.59
CA GLU B 273 21.72 -6.26 -8.01
C GLU B 273 20.67 -5.16 -8.14
N ILE B 274 21.10 -3.95 -7.85
CA ILE B 274 20.24 -2.79 -7.95
C ILE B 274 20.42 -2.29 -9.38
N SER B 275 19.39 -2.48 -10.19
CA SER B 275 19.43 -2.08 -11.59
C SER B 275 19.50 -0.57 -11.76
N GLU B 276 20.28 -0.12 -12.74
CA GLU B 276 20.42 1.31 -13.00
C GLU B 276 19.12 1.83 -13.60
N SER B 277 18.38 0.93 -14.24
CA SER B 277 17.11 1.31 -14.84
C SER B 277 16.05 1.52 -13.75
N ASP B 278 16.44 1.32 -12.49
CA ASP B 278 15.52 1.50 -11.36
C ASP B 278 15.39 3.00 -11.10
N PRO B 279 14.14 3.50 -11.08
CA PRO B 279 13.84 4.91 -10.84
C PRO B 279 14.38 5.48 -9.53
N PHE B 280 15.01 4.64 -8.72
CA PHE B 280 15.61 5.08 -7.45
C PHE B 280 17.00 4.50 -7.29
N PHE B 281 17.65 4.20 -8.41
CA PHE B 281 18.98 3.62 -8.42
C PHE B 281 19.93 4.28 -7.44
N ASP B 282 20.25 5.54 -7.71
CA ASP B 282 21.16 6.32 -6.89
C ASP B 282 20.92 6.23 -5.38
N ASP B 283 19.69 6.44 -4.95
CA ASP B 283 19.39 6.36 -3.52
C ASP B 283 19.66 4.95 -3.01
N LYS B 284 19.09 3.96 -3.69
CA LYS B 284 19.27 2.56 -3.29
C LYS B 284 20.75 2.15 -3.20
N LEU B 285 21.52 2.51 -4.22
CA LEU B 285 22.94 2.19 -4.25
C LEU B 285 23.67 2.75 -3.04
N ASP B 286 23.32 3.98 -2.68
CA ASP B 286 23.96 4.60 -1.53
C ASP B 286 23.59 3.79 -0.29
N VAL B 287 22.33 3.40 -0.19
CA VAL B 287 21.90 2.61 0.95
C VAL B 287 22.70 1.32 1.05
N ALA B 288 22.86 0.65 -0.08
CA ALA B 288 23.59 -0.62 -0.13
C ALA B 288 25.03 -0.49 0.33
N GLU B 289 25.78 0.40 -0.31
CA GLU B 289 27.18 0.61 0.04
C GLU B 289 27.35 1.08 1.48
N SER B 290 26.52 2.05 1.89
CA SER B 290 26.57 2.58 3.24
C SER B 290 26.39 1.46 4.27
N ASN B 291 25.88 0.31 3.81
CA ASN B 291 25.67 -0.81 4.71
C ASN B 291 26.49 -2.05 4.34
N GLY B 292 27.62 -1.81 3.68
CA GLY B 292 28.51 -2.88 3.31
C GLY B 292 28.11 -3.82 2.19
N PHE B 293 27.52 -3.28 1.12
CA PHE B 293 27.12 -4.11 -0.01
C PHE B 293 27.37 -3.35 -1.29
N ALA B 294 27.55 -4.10 -2.38
CA ALA B 294 27.82 -3.50 -3.67
C ALA B 294 26.61 -3.37 -4.59
N GLN B 295 26.82 -2.69 -5.71
CA GLN B 295 25.79 -2.50 -6.72
C GLN B 295 25.28 -3.89 -7.11
N THR B 296 26.16 -4.89 -6.93
CA THR B 296 25.85 -6.29 -7.21
C THR B 296 26.34 -7.16 -6.03
N ALA B 297 25.46 -7.96 -5.47
CA ALA B 297 25.80 -8.80 -4.33
C ALA B 297 25.57 -10.30 -4.58
N TYR B 298 26.41 -11.13 -3.97
CA TYR B 298 26.29 -12.58 -4.11
C TYR B 298 26.00 -13.24 -2.77
N PHE B 299 24.91 -13.99 -2.71
CA PHE B 299 24.54 -14.66 -1.47
C PHE B 299 24.56 -16.17 -1.68
N ASP B 300 25.36 -16.87 -0.89
CA ASP B 300 25.45 -18.33 -1.00
C ASP B 300 24.43 -18.98 -0.09
N ILE B 301 23.65 -19.89 -0.64
CA ILE B 301 22.66 -20.58 0.16
C ILE B 301 23.02 -22.05 0.26
N PHE B 302 23.43 -22.47 1.45
CA PHE B 302 23.79 -23.87 1.67
C PHE B 302 22.61 -24.69 2.16
N TYR B 303 22.50 -25.89 1.61
CA TYR B 303 21.43 -26.80 1.99
C TYR B 303 21.37 -26.92 3.51
N ASN B 304 20.16 -26.86 4.04
CA ASN B 304 19.96 -26.97 5.47
C ASN B 304 20.55 -25.87 6.36
N ARG B 305 21.00 -24.77 5.77
CA ARG B 305 21.50 -23.66 6.57
C ARG B 305 20.42 -22.58 6.51
N THR B 306 20.46 -21.64 7.44
CA THR B 306 19.47 -20.57 7.40
C THR B 306 19.99 -19.56 6.39
N LEU B 307 19.09 -18.83 5.75
CA LEU B 307 19.51 -17.85 4.77
C LEU B 307 20.60 -16.95 5.31
N PRO B 308 21.53 -16.51 4.45
CA PRO B 308 22.61 -15.68 4.95
C PRO B 308 22.10 -14.29 5.29
N PRO B 309 22.61 -13.70 6.36
CA PRO B 309 22.14 -12.36 6.72
C PRO B 309 22.44 -11.38 5.58
N GLY B 310 21.52 -10.46 5.33
CA GLY B 310 21.73 -9.50 4.26
C GLY B 310 20.91 -9.80 3.01
N LEU B 311 20.54 -11.08 2.84
CA LEU B 311 19.76 -11.46 1.68
C LEU B 311 18.36 -10.85 1.71
N LEU B 312 17.57 -11.17 2.72
CA LEU B 312 16.22 -10.61 2.80
C LEU B 312 16.20 -9.07 2.75
N PRO B 313 17.05 -8.43 3.54
CA PRO B 313 17.01 -6.96 3.45
C PRO B 313 17.37 -6.45 2.06
N TYR B 314 18.34 -7.09 1.39
CA TYR B 314 18.75 -6.65 0.06
C TYR B 314 17.63 -6.91 -0.94
N LEU B 315 16.94 -8.04 -0.78
CA LEU B 315 15.84 -8.34 -1.67
C LEU B 315 14.83 -7.22 -1.55
N ARG B 316 14.49 -6.86 -0.31
CA ARG B 316 13.54 -5.80 -0.05
C ARG B 316 14.00 -4.51 -0.68
N LEU B 317 15.28 -4.20 -0.55
CA LEU B 317 15.81 -2.99 -1.14
C LEU B 317 15.52 -2.99 -2.64
N VAL B 318 15.81 -4.11 -3.29
CA VAL B 318 15.59 -4.24 -4.72
C VAL B 318 14.12 -4.05 -5.11
N ALA B 319 13.25 -4.75 -4.40
CA ALA B 319 11.83 -4.67 -4.70
C ALA B 319 11.16 -3.43 -4.14
N LEU B 320 11.90 -2.66 -3.34
CA LEU B 320 11.35 -1.47 -2.70
C LEU B 320 10.05 -0.97 -3.33
N GLY B 321 10.13 -0.20 -4.42
CA GLY B 321 8.91 0.26 -5.05
C GLY B 321 8.52 1.69 -4.73
N GLY B 322 7.47 2.22 -5.38
CA GLY B 322 7.05 3.59 -5.17
C GLY B 322 6.39 3.91 -3.85
N THR B 323 5.27 3.24 -3.59
CA THR B 323 4.51 3.40 -2.36
C THR B 323 5.38 3.61 -1.12
N ASP B 324 6.45 2.80 -0.99
CA ASP B 324 7.36 2.84 0.16
C ASP B 324 8.72 3.48 -0.10
N ALA B 325 8.93 4.05 -1.27
CA ALA B 325 10.22 4.67 -1.56
C ALA B 325 10.57 5.78 -0.56
N PHE B 326 9.59 6.18 0.25
CA PHE B 326 9.77 7.23 1.25
C PHE B 326 10.92 6.88 2.18
N LEU B 327 11.17 5.58 2.35
CA LEU B 327 12.25 5.15 3.22
C LEU B 327 13.60 5.58 2.68
N LEU B 328 13.66 5.87 1.38
CA LEU B 328 14.91 6.29 0.77
C LEU B 328 15.24 7.74 1.07
N GLU B 329 14.33 8.40 1.80
CA GLU B 329 14.49 9.80 2.18
C GLU B 329 15.56 9.92 3.26
N SER B 330 16.37 10.97 3.19
CA SER B 330 17.45 11.20 4.17
C SER B 330 17.02 11.08 5.63
N LEU B 331 15.72 11.21 5.89
CA LEU B 331 15.18 11.09 7.24
C LEU B 331 15.47 9.70 7.81
N PHE B 332 15.44 8.68 6.96
CA PHE B 332 15.66 7.31 7.43
C PHE B 332 17.02 6.72 7.08
N ARG B 333 17.85 7.48 6.39
CA ARG B 333 19.16 6.95 6.00
C ARG B 333 19.95 6.33 7.15
N ASP B 334 19.50 6.57 8.37
CA ASP B 334 20.17 6.02 9.54
C ASP B 334 19.45 4.85 10.18
N THR B 335 18.28 4.52 9.66
CA THR B 335 17.51 3.41 10.20
C THR B 335 16.86 2.57 9.12
N ILE B 336 17.11 2.93 7.86
CA ILE B 336 16.53 2.21 6.74
C ILE B 336 16.98 0.75 6.72
N TRP B 337 18.27 0.52 6.87
CA TRP B 337 18.76 -0.86 6.85
C TRP B 337 18.07 -1.66 7.95
N GLY B 338 17.83 -1.02 9.10
CA GLY B 338 17.16 -1.71 10.18
C GLY B 338 15.76 -2.12 9.73
N HIS B 339 15.04 -1.17 9.13
CA HIS B 339 13.69 -1.42 8.65
C HIS B 339 13.73 -2.51 7.58
N LEU B 340 14.76 -2.47 6.74
CA LEU B 340 14.91 -3.47 5.69
C LEU B 340 15.16 -4.85 6.33
N GLU B 341 15.82 -4.86 7.49
CA GLU B 341 16.08 -6.11 8.18
C GLU B 341 14.79 -6.59 8.78
N LEU B 342 14.04 -5.68 9.39
CA LEU B 342 12.76 -6.05 9.95
C LEU B 342 11.86 -6.38 8.73
N SER B 343 11.34 -5.39 8.03
CA SER B 343 10.52 -5.63 6.84
C SER B 343 9.80 -4.34 6.45
N VAL B 344 9.55 -4.15 5.16
CA VAL B 344 8.91 -2.94 4.66
C VAL B 344 7.38 -2.96 4.68
N SER B 345 6.79 -3.76 3.80
CA SER B 345 5.34 -3.85 3.69
C SER B 345 4.92 -5.16 3.04
N ARG B 346 3.68 -5.57 3.27
CA ARG B 346 3.18 -6.82 2.71
C ARG B 346 3.32 -6.82 1.20
N ASP B 347 3.21 -5.66 0.55
CA ASP B 347 3.34 -5.59 -0.90
C ASP B 347 4.77 -5.86 -1.29
N ASN B 348 5.70 -5.25 -0.57
CA ASN B 348 7.12 -5.40 -0.85
C ASN B 348 7.62 -6.84 -0.69
N GLU B 349 7.15 -7.48 0.37
CA GLU B 349 7.52 -8.86 0.69
C GLU B 349 6.94 -9.79 -0.35
N GLU B 350 5.65 -9.61 -0.64
CA GLU B 350 4.97 -10.44 -1.62
C GLU B 350 5.68 -10.42 -2.96
N LEU B 351 6.17 -9.24 -3.32
CA LEU B 351 6.87 -9.03 -4.57
C LEU B 351 8.17 -9.81 -4.63
N LEU B 352 9.01 -9.65 -3.60
CA LEU B 352 10.28 -10.36 -3.57
C LEU B 352 10.04 -11.86 -3.49
N CYS B 353 9.03 -12.28 -2.74
CA CYS B 353 8.74 -13.71 -2.67
C CYS B 353 8.50 -14.22 -4.08
N LYS B 354 7.59 -13.59 -4.81
CA LYS B 354 7.31 -14.07 -6.16
C LYS B 354 8.56 -14.07 -7.03
N ALA B 355 9.35 -13.01 -6.95
CA ALA B 355 10.56 -12.92 -7.75
C ALA B 355 11.44 -14.16 -7.55
N VAL B 356 11.68 -14.51 -6.29
CA VAL B 356 12.49 -15.65 -5.90
C VAL B 356 11.92 -17.00 -6.37
N ARG B 357 10.69 -17.30 -5.99
CA ARG B 357 10.07 -18.57 -6.40
C ARG B 357 10.10 -18.75 -7.90
N GLU B 358 9.87 -17.67 -8.64
CA GLU B 358 9.86 -17.73 -10.09
C GLU B 358 11.25 -18.14 -10.57
N ALA B 359 12.27 -17.48 -10.04
CA ALA B 359 13.65 -17.77 -10.39
C ALA B 359 13.96 -19.26 -10.15
N CYS B 360 13.58 -19.74 -8.97
CA CYS B 360 13.81 -21.14 -8.64
C CYS B 360 13.19 -22.07 -9.66
N LYS B 361 11.88 -21.92 -9.86
CA LYS B 361 11.15 -22.76 -10.80
C LYS B 361 11.80 -22.74 -12.18
N SER B 362 12.13 -21.54 -12.64
CA SER B 362 12.75 -21.39 -13.94
C SER B 362 14.06 -22.18 -13.98
N ALA B 363 14.96 -21.87 -13.05
CA ALA B 363 16.26 -22.52 -12.96
C ALA B 363 16.10 -24.03 -12.87
N LEU B 364 15.17 -24.48 -12.04
CA LEU B 364 14.92 -25.91 -11.86
C LEU B 364 14.59 -26.62 -13.16
N ALA B 365 14.05 -25.86 -14.12
CA ALA B 365 13.66 -26.44 -15.40
C ALA B 365 14.82 -26.58 -16.38
N GLY B 366 15.93 -25.90 -16.12
CA GLY B 366 17.09 -25.98 -16.99
C GLY B 366 17.84 -27.30 -16.92
N TYR B 367 17.56 -28.09 -15.88
CA TYR B 367 18.21 -29.37 -15.69
C TYR B 367 17.56 -30.47 -16.51
N HIS B 368 18.40 -31.33 -17.11
CA HIS B 368 17.91 -32.42 -17.94
C HIS B 368 17.73 -33.76 -17.24
N THR B 369 17.66 -33.77 -15.91
CA THR B 369 17.46 -35.01 -15.19
C THR B 369 16.73 -34.75 -13.90
N THR B 370 15.89 -35.67 -13.48
CA THR B 370 15.16 -35.50 -12.25
C THR B 370 16.07 -35.90 -11.11
N ILE B 371 15.73 -35.47 -9.90
CA ILE B 371 16.51 -35.81 -8.73
C ILE B 371 16.47 -37.32 -8.57
N GLU B 372 15.32 -37.92 -8.86
CA GLU B 372 15.15 -39.36 -8.74
C GLU B 372 16.10 -40.10 -9.67
N GLN B 373 16.32 -39.55 -10.85
CA GLN B 373 17.21 -40.19 -11.82
C GLN B 373 18.66 -40.10 -11.34
N ASP B 374 19.03 -38.94 -10.81
CA ASP B 374 20.38 -38.74 -10.33
C ASP B 374 20.68 -39.73 -9.21
N ARG B 375 19.80 -39.80 -8.24
CA ARG B 375 19.99 -40.70 -7.13
C ARG B 375 20.19 -42.16 -7.55
N GLU B 376 19.51 -42.58 -8.62
CA GLU B 376 19.63 -43.96 -9.10
C GLU B 376 21.01 -44.15 -9.71
N LEU B 377 21.45 -43.18 -10.51
CA LEU B 377 22.77 -43.24 -11.12
C LEU B 377 23.84 -43.42 -10.03
N LYS B 378 23.68 -42.68 -8.94
CA LYS B 378 24.63 -42.75 -7.85
C LYS B 378 24.65 -44.15 -7.24
N GLU B 379 23.52 -44.83 -7.32
CA GLU B 379 23.40 -46.18 -6.77
C GLU B 379 24.34 -47.15 -7.50
N GLY B 380 24.84 -46.74 -8.66
CA GLY B 380 25.73 -47.59 -9.44
C GLY B 380 27.17 -47.09 -9.43
N ASN B 381 27.98 -47.59 -10.35
CA ASN B 381 29.39 -47.18 -10.44
C ASN B 381 29.59 -46.10 -11.46
N LEU B 382 29.61 -44.86 -11.00
CA LEU B 382 29.81 -43.74 -11.92
C LEU B 382 31.27 -43.44 -12.04
N ASP B 383 31.68 -42.97 -13.20
CA ASP B 383 33.07 -42.60 -13.46
C ASP B 383 33.37 -41.24 -12.81
N SER B 384 34.65 -40.98 -12.52
CA SER B 384 35.09 -39.73 -11.89
C SER B 384 34.27 -38.48 -12.17
N ARG B 385 34.35 -38.00 -13.41
CA ARG B 385 33.65 -36.80 -13.81
C ARG B 385 32.13 -36.92 -13.85
N LEU B 386 31.62 -38.09 -14.22
CA LEU B 386 30.17 -38.25 -14.24
C LEU B 386 29.69 -38.15 -12.80
N ALA B 387 30.39 -38.85 -11.91
CA ALA B 387 30.07 -38.87 -10.49
C ALA B 387 29.97 -37.46 -9.94
N ILE B 388 30.89 -36.61 -10.37
CA ILE B 388 30.88 -35.22 -9.94
C ILE B 388 29.65 -34.50 -10.50
N ALA B 389 29.46 -34.60 -11.81
CA ALA B 389 28.34 -33.96 -12.47
C ALA B 389 27.02 -34.33 -11.78
N VAL B 390 26.83 -35.62 -11.50
CA VAL B 390 25.61 -36.10 -10.87
C VAL B 390 25.39 -35.59 -9.45
N GLY B 391 26.41 -35.67 -8.62
CA GLY B 391 26.28 -35.20 -7.25
C GLY B 391 26.01 -33.70 -7.19
N ILE B 392 26.68 -32.95 -8.05
CA ILE B 392 26.50 -31.51 -8.09
C ILE B 392 25.09 -31.11 -8.48
N ARG B 393 24.65 -31.57 -9.65
CA ARG B 393 23.32 -31.24 -10.14
C ARG B 393 22.23 -31.70 -9.18
N GLU B 394 22.42 -32.87 -8.57
CA GLU B 394 21.44 -33.33 -7.59
C GLU B 394 21.43 -32.29 -6.47
N GLY B 395 22.64 -31.89 -6.06
CA GLY B 395 22.76 -30.92 -4.99
C GLY B 395 22.07 -29.61 -5.23
N GLU B 396 22.28 -29.04 -6.42
CA GLU B 396 21.69 -27.74 -6.78
C GLU B 396 20.16 -27.84 -6.83
N LYS B 397 19.66 -28.94 -7.37
CA LYS B 397 18.23 -29.13 -7.44
C LYS B 397 17.65 -29.17 -6.02
N MET B 398 18.41 -29.77 -5.11
CA MET B 398 17.96 -29.85 -3.72
C MET B 398 17.90 -28.47 -3.08
N VAL B 399 18.94 -27.67 -3.31
CA VAL B 399 19.01 -26.34 -2.74
C VAL B 399 17.94 -25.45 -3.38
N LEU B 400 17.84 -25.50 -4.70
CA LEU B 400 16.84 -24.69 -5.41
C LEU B 400 15.46 -24.95 -4.84
N GLN B 401 15.12 -26.22 -4.69
CA GLN B 401 13.82 -26.59 -4.14
C GLN B 401 13.65 -26.12 -2.71
N GLN B 402 14.70 -26.26 -1.91
CA GLN B 402 14.65 -25.83 -0.52
C GLN B 402 14.39 -24.34 -0.49
N ILE B 403 14.99 -23.61 -1.43
CA ILE B 403 14.80 -22.17 -1.47
C ILE B 403 13.35 -21.85 -1.81
N ASP B 404 12.86 -22.45 -2.88
CA ASP B 404 11.49 -22.20 -3.28
C ASP B 404 10.53 -22.58 -2.17
N GLY B 405 10.93 -23.58 -1.37
CA GLY B 405 10.07 -24.00 -0.28
C GLY B 405 10.09 -22.99 0.86
N ILE B 406 11.26 -22.44 1.14
CA ILE B 406 11.40 -21.48 2.20
C ILE B 406 10.47 -20.30 1.91
N PHE B 407 10.59 -19.78 0.69
CA PHE B 407 9.77 -18.64 0.27
C PHE B 407 8.32 -18.96 0.01
N GLU B 408 7.96 -20.24 -0.01
CA GLU B 408 6.56 -20.59 -0.20
C GLU B 408 5.92 -20.43 1.17
N GLN B 409 6.65 -20.79 2.21
CA GLN B 409 6.15 -20.63 3.57
C GLN B 409 5.95 -19.15 3.81
N LYS B 410 6.91 -18.35 3.37
CA LYS B 410 6.81 -16.91 3.55
C LYS B 410 5.51 -16.39 2.96
N GLU B 411 5.18 -16.87 1.76
CA GLU B 411 3.96 -16.41 1.12
C GLU B 411 2.76 -16.75 1.99
N LEU B 412 2.80 -17.92 2.64
CA LEU B 412 1.71 -18.34 3.51
C LEU B 412 1.68 -17.53 4.81
N GLU B 413 2.86 -17.15 5.30
CA GLU B 413 2.94 -16.37 6.54
C GLU B 413 3.07 -14.90 6.22
N LEU B 414 2.70 -14.54 5.01
CA LEU B 414 2.81 -13.17 4.55
C LEU B 414 2.18 -12.13 5.47
N ASP B 415 1.14 -12.50 6.23
CA ASP B 415 0.48 -11.53 7.11
C ASP B 415 0.91 -11.59 8.56
N GLN B 416 1.83 -12.51 8.87
CA GLN B 416 2.33 -12.65 10.24
C GLN B 416 3.42 -11.65 10.59
N LEU B 417 4.17 -11.20 9.58
CA LEU B 417 5.23 -10.23 9.79
C LEU B 417 4.67 -8.88 10.23
N GLU B 418 5.46 -8.13 11.00
CA GLU B 418 5.04 -6.80 11.46
C GLU B 418 5.78 -5.78 10.62
N TYR B 419 5.15 -5.28 9.57
CA TYR B 419 5.79 -4.31 8.70
C TYR B 419 5.97 -2.93 9.31
N TYR B 420 6.63 -2.06 8.57
CA TYR B 420 6.90 -0.71 9.04
C TYR B 420 5.75 -0.07 9.80
N GLN B 421 4.58 0.05 9.17
CA GLN B 421 3.43 0.67 9.83
C GLN B 421 3.08 0.06 11.17
N GLU B 422 2.91 -1.25 11.21
CA GLU B 422 2.56 -1.92 12.46
C GLU B 422 3.59 -1.65 13.55
N ARG B 423 4.84 -1.41 13.15
CA ARG B 423 5.90 -1.14 14.10
C ARG B 423 5.86 0.29 14.61
N ARG B 424 5.40 1.19 13.77
CA ARG B 424 5.33 2.60 14.12
C ARG B 424 4.33 2.79 15.25
N LEU B 425 3.31 1.94 15.30
CA LEU B 425 2.29 2.04 16.32
C LEU B 425 2.45 1.07 17.50
N LYS B 426 3.60 0.44 17.65
CA LYS B 426 3.81 -0.48 18.76
C LYS B 426 3.98 0.31 20.07
N ASP B 427 4.43 1.55 19.95
CA ASP B 427 4.65 2.42 21.10
C ASP B 427 3.60 3.55 21.18
N LEU B 428 2.33 3.19 21.16
CA LEU B 428 1.26 4.16 21.23
C LEU B 428 0.90 4.59 22.65
N GLY B 429 0.92 3.64 23.59
CA GLY B 429 0.61 3.95 24.97
C GLY B 429 -0.86 4.25 25.25
N LEU B 430 -1.75 3.63 24.48
CA LEU B 430 -3.19 3.83 24.63
C LEU B 430 -3.66 3.61 26.06
N CYS B 431 -3.18 2.53 26.67
CA CYS B 431 -3.54 2.18 28.03
C CYS B 431 -2.55 2.72 29.03
N GLY B 432 -2.64 4.02 29.30
CA GLY B 432 -1.74 4.63 30.25
C GLY B 432 -2.39 5.01 31.56
N GLU B 433 -2.37 6.30 31.86
CA GLU B 433 -2.95 6.80 33.08
C GLU B 433 -4.17 7.66 32.82
N ASN B 434 -4.90 7.97 33.88
CA ASN B 434 -6.08 8.81 33.77
C ASN B 434 -5.56 10.24 33.75
N GLY B 435 -4.93 10.62 32.64
CA GLY B 435 -4.38 11.97 32.51
C GLY B 435 -5.36 13.06 32.85
N ASP B 436 -6.64 12.71 32.88
CA ASP B 436 -7.71 13.65 33.21
C ASP B 436 -7.49 14.11 34.67
N ILE B 437 -7.44 13.14 35.57
CA ILE B 437 -7.27 13.39 37.00
C ILE B 437 -5.95 14.08 37.37
N LEU B 438 -4.86 13.67 36.73
CA LEU B 438 -3.55 14.23 37.02
C LEU B 438 -3.43 15.69 36.58
N GLU B 439 -3.85 15.96 35.34
CA GLU B 439 -3.77 17.32 34.79
C GLU B 439 -4.82 18.28 35.34
N ASN B 440 -5.51 17.86 36.40
CA ASN B 440 -6.50 18.72 37.03
C ASN B 440 -5.89 19.28 38.30
N LEU B 441 -4.61 18.98 38.48
CA LEU B 441 -3.85 19.45 39.63
C LEU B 441 -2.67 20.26 39.10
N TYR B 442 -2.19 19.91 37.91
CA TYR B 442 -1.08 20.62 37.29
C TYR B 442 -1.38 22.11 37.17
N PHE B 443 -2.51 22.44 36.53
CA PHE B 443 -2.90 23.82 36.32
C PHE B 443 -3.66 24.44 37.50
N GLN B 444 -3.69 25.77 37.53
CA GLN B 444 -4.36 26.54 38.57
C GLN B 444 -5.79 26.07 38.87
N SER C 5 -51.96 7.80 -57.56
CA SER C 5 -50.74 6.95 -57.70
C SER C 5 -49.60 7.61 -56.91
N LEU C 6 -49.01 8.63 -57.54
CA LEU C 6 -47.93 9.46 -56.98
C LEU C 6 -48.65 10.80 -56.84
N SER C 7 -48.58 11.44 -55.67
CA SER C 7 -49.29 12.70 -55.49
C SER C 7 -48.95 13.80 -56.51
N PRO C 8 -49.86 14.78 -56.66
CA PRO C 8 -49.65 15.89 -57.60
C PRO C 8 -48.33 16.59 -57.25
N ALA C 9 -48.16 16.87 -55.97
CA ALA C 9 -46.96 17.54 -55.49
C ALA C 9 -45.70 16.82 -56.01
N VAL C 10 -45.67 15.50 -55.87
CA VAL C 10 -44.52 14.74 -56.32
C VAL C 10 -44.33 14.86 -57.82
N GLN C 11 -45.41 14.73 -58.57
CA GLN C 11 -45.31 14.81 -60.01
C GLN C 11 -44.77 16.19 -60.39
N THR C 12 -45.18 17.21 -59.64
CA THR C 12 -44.71 18.56 -59.87
C THR C 12 -43.20 18.59 -59.65
N PHE C 13 -42.77 18.14 -58.47
CA PHE C 13 -41.36 18.07 -58.10
C PHE C 13 -40.56 17.43 -59.23
N TRP C 14 -41.11 16.34 -59.78
CA TRP C 14 -40.44 15.63 -60.85
C TRP C 14 -40.36 16.45 -62.12
N LYS C 15 -41.42 17.22 -62.40
CA LYS C 15 -41.46 18.06 -63.58
C LYS C 15 -40.40 19.16 -63.45
N TRP C 16 -40.38 19.79 -62.27
CA TRP C 16 -39.42 20.84 -61.98
C TRP C 16 -37.97 20.36 -62.18
N LEU C 17 -37.72 19.11 -61.82
CA LEU C 17 -36.38 18.54 -61.94
C LEU C 17 -36.03 18.35 -63.41
N GLN C 18 -37.05 18.13 -64.23
CA GLN C 18 -36.85 17.95 -65.65
C GLN C 18 -36.53 19.31 -66.29
N GLU C 19 -37.24 20.34 -65.83
CA GLU C 19 -37.02 21.69 -66.34
C GLU C 19 -35.58 22.13 -66.06
N GLU C 20 -35.09 21.81 -64.86
CA GLU C 20 -33.74 22.18 -64.47
C GLU C 20 -32.70 21.36 -65.24
N GLY C 21 -33.17 20.40 -66.03
CA GLY C 21 -32.27 19.57 -66.81
C GLY C 21 -31.61 18.47 -66.01
N VAL C 22 -32.07 18.29 -64.76
CA VAL C 22 -31.52 17.26 -63.89
C VAL C 22 -32.02 15.89 -64.31
N ILE C 23 -33.31 15.80 -64.62
CA ILE C 23 -33.91 14.54 -65.06
C ILE C 23 -33.98 14.54 -66.58
N THR C 24 -33.69 13.39 -67.18
CA THR C 24 -33.73 13.26 -68.64
C THR C 24 -34.14 11.85 -69.00
N ALA C 25 -34.13 11.55 -70.29
CA ALA C 25 -34.48 10.23 -70.76
C ALA C 25 -33.54 9.20 -70.14
N LYS C 26 -32.29 9.60 -69.95
CA LYS C 26 -31.29 8.71 -69.36
C LYS C 26 -31.57 8.34 -67.91
N THR C 27 -32.06 9.30 -67.10
CA THR C 27 -32.38 9.04 -65.70
C THR C 27 -33.05 7.67 -65.53
N PRO C 28 -32.31 6.68 -65.02
CA PRO C 28 -32.78 5.30 -64.82
C PRO C 28 -33.69 5.06 -63.62
N VAL C 29 -34.10 6.14 -62.96
CA VAL C 29 -34.91 5.98 -61.77
C VAL C 29 -36.08 6.96 -61.68
N LYS C 30 -37.10 6.59 -60.89
CA LYS C 30 -38.26 7.46 -60.71
C LYS C 30 -38.72 7.41 -59.26
N ALA C 31 -39.62 8.32 -58.89
CA ALA C 31 -40.13 8.38 -57.53
C ALA C 31 -41.20 7.33 -57.35
N SER C 32 -41.34 6.84 -56.13
CA SER C 32 -42.33 5.82 -55.86
C SER C 32 -42.67 5.87 -54.38
N VAL C 33 -43.92 5.55 -54.03
CA VAL C 33 -44.33 5.52 -52.64
C VAL C 33 -44.00 4.13 -52.13
N VAL C 34 -43.01 4.05 -51.24
CA VAL C 34 -42.54 2.80 -50.67
C VAL C 34 -42.81 2.76 -49.17
N THR C 35 -42.47 1.64 -48.52
CA THR C 35 -42.73 1.56 -47.10
C THR C 35 -41.87 2.56 -46.33
N GLU C 36 -40.72 2.93 -46.89
CA GLU C 36 -39.86 3.88 -46.21
C GLU C 36 -40.37 5.31 -46.39
N GLY C 37 -41.46 5.45 -47.16
CA GLY C 37 -42.05 6.74 -47.44
C GLY C 37 -41.95 6.94 -48.94
N LEU C 38 -41.09 7.86 -49.35
CA LEU C 38 -40.87 8.08 -50.77
C LEU C 38 -39.52 7.41 -51.04
N GLY C 39 -39.30 6.97 -52.28
CA GLY C 39 -38.03 6.33 -52.59
C GLY C 39 -37.77 6.27 -54.07
N LEU C 40 -36.61 5.74 -54.41
CA LEU C 40 -36.21 5.64 -55.82
C LEU C 40 -36.31 4.22 -56.36
N VAL C 41 -37.07 4.09 -57.43
CA VAL C 41 -37.28 2.81 -58.08
C VAL C 41 -36.68 2.83 -59.48
N ALA C 42 -36.04 1.72 -59.86
CA ALA C 42 -35.40 1.60 -61.16
C ALA C 42 -36.43 1.47 -62.27
N LEU C 43 -36.15 2.12 -63.40
CA LEU C 43 -37.04 2.09 -64.57
C LEU C 43 -36.53 1.02 -65.49
N LYS C 44 -35.32 0.55 -65.21
CA LYS C 44 -34.69 -0.48 -66.00
C LYS C 44 -33.62 -1.09 -65.12
N ASP C 45 -33.10 -2.24 -65.51
CA ASP C 45 -32.07 -2.86 -64.71
C ASP C 45 -30.90 -1.90 -64.54
N ILE C 46 -30.38 -1.84 -63.33
CA ILE C 46 -29.27 -0.96 -63.01
C ILE C 46 -28.14 -1.83 -62.51
N SER C 47 -26.91 -1.53 -62.91
CA SER C 47 -25.77 -2.33 -62.47
C SER C 47 -25.05 -1.63 -61.34
N ARG C 48 -24.30 -2.41 -60.57
CA ARG C 48 -23.57 -1.82 -59.46
C ARG C 48 -22.65 -0.74 -60.00
N ASN C 49 -22.68 0.41 -59.33
CA ASN C 49 -21.86 1.57 -59.67
C ASN C 49 -22.32 2.45 -60.83
N ASP C 50 -23.47 2.12 -61.43
CA ASP C 50 -24.02 2.93 -62.50
C ASP C 50 -24.46 4.24 -61.84
N VAL C 51 -24.34 5.35 -62.56
CA VAL C 51 -24.77 6.64 -62.03
C VAL C 51 -26.28 6.70 -62.10
N ILE C 52 -26.91 7.01 -60.98
CA ILE C 52 -28.36 7.08 -60.91
C ILE C 52 -28.84 8.47 -61.22
N LEU C 53 -28.14 9.47 -60.71
CA LEU C 53 -28.53 10.86 -60.92
C LEU C 53 -27.40 11.80 -60.52
N GLN C 54 -27.41 13.00 -61.07
CA GLN C 54 -26.41 14.04 -60.79
C GLN C 54 -27.12 15.38 -60.65
N VAL C 55 -27.01 16.01 -59.48
CA VAL C 55 -27.64 17.29 -59.26
C VAL C 55 -26.59 18.42 -59.28
N PRO C 56 -26.92 19.55 -59.93
CA PRO C 56 -26.05 20.72 -60.04
C PRO C 56 -25.95 21.50 -58.74
N LYS C 57 -24.76 22.00 -58.43
CA LYS C 57 -24.51 22.75 -57.20
C LYS C 57 -25.49 23.89 -56.99
N ARG C 58 -26.01 24.40 -58.09
CA ARG C 58 -26.98 25.48 -58.08
C ARG C 58 -28.10 25.11 -57.10
N LEU C 59 -28.34 23.81 -56.98
CA LEU C 59 -29.41 23.31 -56.11
C LEU C 59 -29.03 22.80 -54.73
N TRP C 60 -27.76 22.90 -54.33
CA TRP C 60 -27.41 22.46 -52.98
C TRP C 60 -28.12 23.37 -51.99
N ILE C 61 -27.96 23.03 -50.71
CA ILE C 61 -28.47 23.81 -49.60
C ILE C 61 -27.41 23.52 -48.57
N ASN C 62 -26.38 24.35 -48.55
CA ASN C 62 -25.30 24.16 -47.61
C ASN C 62 -24.86 25.53 -47.15
N PRO C 63 -23.98 25.58 -46.16
CA PRO C 63 -23.52 26.88 -45.67
C PRO C 63 -23.16 27.88 -46.78
N ASP C 64 -22.44 27.43 -47.80
CA ASP C 64 -22.08 28.34 -48.89
C ASP C 64 -23.31 28.98 -49.54
N ALA C 65 -24.41 28.25 -49.59
CA ALA C 65 -25.64 28.74 -50.19
C ALA C 65 -26.28 29.85 -49.34
N VAL C 66 -26.24 29.68 -48.02
CA VAL C 66 -26.84 30.67 -47.14
C VAL C 66 -25.98 31.93 -47.13
N ALA C 67 -24.67 31.76 -47.21
CA ALA C 67 -23.75 32.88 -47.21
C ALA C 67 -23.91 33.71 -48.48
N ALA C 68 -24.43 33.09 -49.53
CA ALA C 68 -24.65 33.75 -50.81
C ALA C 68 -26.09 34.20 -51.01
N SER C 69 -26.82 34.32 -49.89
CA SER C 69 -28.21 34.75 -49.94
C SER C 69 -28.37 36.04 -49.16
N GLU C 70 -29.59 36.57 -49.14
CA GLU C 70 -29.87 37.79 -48.42
C GLU C 70 -29.50 37.71 -46.94
N ILE C 71 -29.74 36.57 -46.32
CA ILE C 71 -29.43 36.41 -44.91
C ILE C 71 -27.99 36.02 -44.62
N GLY C 72 -27.20 35.86 -45.68
CA GLY C 72 -25.81 35.46 -45.50
C GLY C 72 -25.02 36.38 -44.58
N ARG C 73 -25.33 37.66 -44.64
CA ARG C 73 -24.66 38.67 -43.83
C ARG C 73 -24.92 38.49 -42.34
N VAL C 74 -26.18 38.43 -41.95
CA VAL C 74 -26.56 38.28 -40.54
C VAL C 74 -26.12 36.96 -39.91
N CYS C 75 -25.97 35.92 -40.73
CA CYS C 75 -25.58 34.60 -40.24
C CYS C 75 -24.07 34.39 -40.37
N SER C 76 -23.40 35.38 -40.93
CA SER C 76 -21.95 35.32 -41.15
C SER C 76 -21.13 34.75 -39.99
N GLU C 77 -21.67 34.81 -38.78
CA GLU C 77 -20.91 34.30 -37.63
C GLU C 77 -21.55 33.15 -36.85
N LEU C 78 -22.67 32.65 -37.36
CA LEU C 78 -23.38 31.55 -36.74
C LEU C 78 -22.75 30.22 -37.11
N LYS C 79 -22.98 29.20 -36.29
CA LYS C 79 -22.44 27.90 -36.61
C LYS C 79 -23.12 27.42 -37.88
N PRO C 80 -22.37 26.77 -38.77
CA PRO C 80 -22.88 26.26 -40.05
C PRO C 80 -24.27 25.64 -40.01
N TRP C 81 -24.52 24.72 -39.07
CA TRP C 81 -25.84 24.10 -39.02
C TRP C 81 -26.94 25.10 -38.66
N LEU C 82 -26.67 25.96 -37.66
CA LEU C 82 -27.63 26.97 -37.26
C LEU C 82 -28.02 27.84 -38.45
N SER C 83 -27.04 28.19 -39.27
CA SER C 83 -27.30 29.00 -40.46
C SER C 83 -28.26 28.27 -41.37
N VAL C 84 -27.93 27.03 -41.69
CA VAL C 84 -28.77 26.23 -42.58
C VAL C 84 -30.20 26.12 -42.04
N ILE C 85 -30.34 26.07 -40.73
CA ILE C 85 -31.69 25.98 -40.17
C ILE C 85 -32.51 27.19 -40.61
N LEU C 86 -32.01 28.39 -40.27
CA LEU C 86 -32.70 29.62 -40.63
C LEU C 86 -33.01 29.67 -42.12
N PHE C 87 -32.01 29.37 -42.94
CA PHE C 87 -32.17 29.36 -44.38
C PHE C 87 -33.36 28.49 -44.81
N LEU C 88 -33.44 27.30 -44.22
CA LEU C 88 -34.52 26.35 -44.54
C LEU C 88 -35.88 26.84 -44.06
N ILE C 89 -35.93 27.37 -42.86
CA ILE C 89 -37.18 27.88 -42.32
C ILE C 89 -37.65 29.07 -43.16
N ARG C 90 -36.68 29.84 -43.66
CA ARG C 90 -36.95 31.02 -44.47
C ARG C 90 -37.41 30.66 -45.87
N GLU C 91 -36.60 29.89 -46.59
CA GLU C 91 -36.95 29.48 -47.95
C GLU C 91 -38.28 28.76 -48.00
N ARG C 92 -38.62 28.03 -46.95
CA ARG C 92 -39.89 27.29 -46.91
C ARG C 92 -41.06 28.28 -47.00
N SER C 93 -40.81 29.50 -46.53
CA SER C 93 -41.82 30.56 -46.52
C SER C 93 -42.01 31.26 -47.86
N ARG C 94 -40.91 31.64 -48.50
CA ARG C 94 -40.96 32.33 -49.78
C ARG C 94 -41.71 31.57 -50.88
N GLU C 95 -42.74 32.21 -51.44
CA GLU C 95 -43.53 31.59 -52.51
C GLU C 95 -42.81 31.64 -53.84
N ASP C 96 -41.65 32.27 -53.85
CA ASP C 96 -40.87 32.38 -55.06
C ASP C 96 -39.54 31.66 -54.88
N SER C 97 -39.48 30.84 -53.84
CA SER C 97 -38.27 30.07 -53.54
C SER C 97 -37.91 29.11 -54.67
N VAL C 98 -36.62 28.82 -54.77
CA VAL C 98 -36.12 27.92 -55.81
C VAL C 98 -36.43 26.47 -55.46
N TRP C 99 -36.85 26.27 -54.21
CA TRP C 99 -37.15 24.93 -53.70
C TRP C 99 -38.61 24.84 -53.27
N LYS C 100 -39.48 25.59 -53.93
CA LYS C 100 -40.89 25.57 -53.57
C LYS C 100 -41.46 24.17 -53.74
N HIS C 101 -41.07 23.48 -54.81
CA HIS C 101 -41.55 22.14 -55.10
C HIS C 101 -40.87 21.09 -54.25
N TYR C 102 -39.63 21.38 -53.86
CA TYR C 102 -38.86 20.46 -53.04
C TYR C 102 -39.46 20.44 -51.63
N PHE C 103 -39.78 21.61 -51.10
CA PHE C 103 -40.38 21.67 -49.77
C PHE C 103 -41.77 21.04 -49.77
N GLY C 104 -42.42 21.03 -50.92
CA GLY C 104 -43.76 20.48 -51.02
C GLY C 104 -43.78 18.96 -51.03
N ILE C 105 -42.59 18.39 -50.92
CA ILE C 105 -42.41 16.94 -50.93
C ILE C 105 -41.93 16.47 -49.57
N LEU C 106 -41.21 17.34 -48.87
CA LEU C 106 -40.67 17.01 -47.56
C LEU C 106 -41.72 16.60 -46.54
N PRO C 107 -41.44 15.53 -45.77
CA PRO C 107 -42.37 15.04 -44.74
C PRO C 107 -42.31 16.05 -43.60
N GLN C 108 -43.42 16.24 -42.91
CA GLN C 108 -43.42 17.19 -41.79
C GLN C 108 -42.68 16.64 -40.59
N GLU C 109 -42.56 15.32 -40.53
CA GLU C 109 -41.93 14.65 -39.41
C GLU C 109 -41.26 13.34 -39.81
N THR C 110 -40.50 12.76 -38.89
CA THR C 110 -39.85 11.46 -39.09
C THR C 110 -40.10 10.75 -37.77
N ASP C 111 -39.59 9.52 -37.64
CA ASP C 111 -39.78 8.82 -36.39
C ASP C 111 -38.58 9.04 -35.47
N SER C 112 -37.83 10.10 -35.74
CA SER C 112 -36.71 10.42 -34.89
C SER C 112 -37.32 10.69 -33.53
N THR C 113 -36.61 10.35 -32.46
CA THR C 113 -37.13 10.56 -31.12
C THR C 113 -37.39 12.03 -30.79
N ILE C 114 -36.78 12.94 -31.54
CA ILE C 114 -36.99 14.38 -31.27
C ILE C 114 -38.44 14.79 -31.50
N TYR C 115 -39.22 13.91 -32.11
CA TYR C 115 -40.61 14.20 -32.41
C TYR C 115 -41.58 13.36 -31.58
N TRP C 116 -41.03 12.52 -30.71
CA TRP C 116 -41.87 11.65 -29.89
C TRP C 116 -42.66 12.36 -28.80
N SER C 117 -43.88 11.87 -28.55
CA SER C 117 -44.75 12.41 -27.51
C SER C 117 -44.22 11.95 -26.17
N GLU C 118 -44.70 12.56 -25.09
CA GLU C 118 -44.25 12.18 -23.77
C GLU C 118 -44.53 10.70 -23.50
N GLU C 119 -45.69 10.20 -23.94
CA GLU C 119 -46.02 8.80 -23.71
C GLU C 119 -45.01 7.96 -24.49
N GLU C 120 -44.90 8.25 -25.78
CA GLU C 120 -43.98 7.52 -26.63
C GLU C 120 -42.59 7.46 -26.00
N LEU C 121 -42.13 8.59 -25.47
CA LEU C 121 -40.80 8.62 -24.85
C LEU C 121 -40.76 7.73 -23.60
N GLN C 122 -41.89 7.60 -22.92
CA GLN C 122 -41.97 6.79 -21.71
C GLN C 122 -41.49 5.36 -21.97
N GLU C 123 -41.64 4.92 -23.22
CA GLU C 123 -41.26 3.57 -23.62
C GLU C 123 -39.74 3.38 -23.65
N LEU C 124 -38.99 4.48 -23.50
CA LEU C 124 -37.53 4.46 -23.48
C LEU C 124 -37.04 4.79 -22.09
N GLN C 125 -37.96 4.77 -21.14
CA GLN C 125 -37.64 5.07 -19.76
C GLN C 125 -36.34 4.40 -19.27
N GLY C 126 -35.45 5.19 -18.70
CA GLY C 126 -34.20 4.63 -18.19
C GLY C 126 -33.12 4.32 -19.20
N SER C 127 -33.43 4.46 -20.50
CA SER C 127 -32.46 4.17 -21.56
C SER C 127 -31.52 5.33 -21.80
N GLN C 128 -30.35 5.05 -22.38
CA GLN C 128 -29.39 6.10 -22.68
C GLN C 128 -29.95 6.97 -23.81
N LEU C 129 -30.51 6.35 -24.83
CA LEU C 129 -31.11 7.06 -25.95
C LEU C 129 -32.00 8.20 -25.48
N LEU C 130 -32.84 7.93 -24.47
CA LEU C 130 -33.73 8.94 -23.92
C LEU C 130 -32.94 10.12 -23.36
N LYS C 131 -31.96 9.83 -22.52
CA LYS C 131 -31.14 10.88 -21.94
C LYS C 131 -30.57 11.72 -23.08
N THR C 132 -29.99 11.05 -24.08
CA THR C 132 -29.40 11.75 -25.19
C THR C 132 -30.39 12.64 -25.92
N THR C 133 -31.52 12.09 -26.33
CA THR C 133 -32.50 12.89 -27.06
C THR C 133 -32.94 14.11 -26.26
N VAL C 134 -33.19 13.92 -24.98
CA VAL C 134 -33.59 15.04 -24.12
C VAL C 134 -32.50 16.10 -24.14
N SER C 135 -31.27 15.66 -23.89
CA SER C 135 -30.11 16.52 -23.86
C SER C 135 -29.99 17.25 -25.20
N VAL C 136 -30.20 16.53 -26.29
CA VAL C 136 -30.11 17.16 -27.60
C VAL C 136 -31.29 18.09 -27.86
N LYS C 137 -32.49 17.65 -27.56
CA LYS C 137 -33.66 18.49 -27.78
C LYS C 137 -33.51 19.83 -27.09
N GLU C 138 -33.06 19.79 -25.84
CA GLU C 138 -32.86 20.98 -25.02
C GLU C 138 -31.87 21.95 -25.63
N TYR C 139 -30.68 21.46 -25.95
CA TYR C 139 -29.62 22.26 -26.55
C TYR C 139 -30.09 22.98 -27.80
N VAL C 140 -30.75 22.25 -28.68
CA VAL C 140 -31.26 22.83 -29.93
C VAL C 140 -32.22 23.97 -29.62
N LYS C 141 -33.10 23.75 -28.66
CA LYS C 141 -34.05 24.77 -28.26
C LYS C 141 -33.33 26.04 -27.83
N ASN C 142 -32.41 25.92 -26.89
CA ASN C 142 -31.68 27.09 -26.43
C ASN C 142 -31.02 27.79 -27.61
N GLU C 143 -30.11 27.10 -28.28
CA GLU C 143 -29.42 27.69 -29.43
C GLU C 143 -30.39 28.39 -30.38
N CYS C 144 -31.57 27.80 -30.54
CA CYS C 144 -32.58 28.36 -31.44
C CYS C 144 -33.31 29.58 -30.89
N LEU C 145 -33.61 29.57 -29.60
CA LEU C 145 -34.29 30.70 -28.99
C LEU C 145 -33.35 31.89 -29.02
N LYS C 146 -32.05 31.60 -28.89
CA LYS C 146 -31.00 32.61 -28.92
C LYS C 146 -30.99 33.24 -30.30
N LEU C 147 -31.15 32.40 -31.33
CA LEU C 147 -31.17 32.87 -32.71
C LEU C 147 -32.34 33.81 -32.91
N GLU C 148 -33.48 33.46 -32.34
CA GLU C 148 -34.68 34.27 -32.47
C GLU C 148 -34.46 35.70 -31.99
N GLN C 149 -33.69 35.85 -30.92
CA GLN C 149 -33.44 37.17 -30.37
C GLN C 149 -32.22 37.88 -30.92
N GLU C 150 -31.40 37.17 -31.69
CA GLU C 150 -30.20 37.77 -32.23
C GLU C 150 -30.17 37.91 -33.74
N ILE C 151 -31.06 37.21 -34.45
CA ILE C 151 -31.08 37.32 -35.90
C ILE C 151 -32.48 37.45 -36.46
N ILE C 152 -33.41 36.63 -35.98
CA ILE C 152 -34.77 36.66 -36.50
C ILE C 152 -35.57 37.93 -36.16
N LEU C 153 -35.78 38.19 -34.87
CA LEU C 153 -36.54 39.35 -34.45
C LEU C 153 -35.96 40.67 -34.95
N PRO C 154 -34.68 40.93 -34.67
CA PRO C 154 -34.09 42.19 -35.12
C PRO C 154 -34.20 42.44 -36.63
N ASN C 155 -34.00 41.39 -37.43
CA ASN C 155 -34.07 41.52 -38.88
C ASN C 155 -35.45 41.13 -39.44
N LYS C 156 -36.50 41.68 -38.83
CA LYS C 156 -37.87 41.40 -39.23
C LYS C 156 -38.13 41.61 -40.73
N ARG C 157 -37.20 42.25 -41.43
CA ARG C 157 -37.38 42.48 -42.86
C ARG C 157 -37.10 41.20 -43.65
N LEU C 158 -36.13 40.42 -43.17
CA LEU C 158 -35.79 39.16 -43.84
C LEU C 158 -36.62 38.01 -43.28
N PHE C 159 -37.07 38.17 -42.04
CA PHE C 159 -37.90 37.15 -41.40
C PHE C 159 -39.23 37.75 -40.97
N PRO C 160 -40.15 37.93 -41.93
CA PRO C 160 -41.49 38.50 -41.70
C PRO C 160 -42.34 37.71 -40.72
N ASP C 161 -42.60 36.46 -41.05
CA ASP C 161 -43.43 35.58 -40.22
C ASP C 161 -42.67 35.13 -38.98
N PRO C 162 -43.40 34.78 -37.91
CA PRO C 162 -42.75 34.35 -36.66
C PRO C 162 -42.08 32.98 -36.85
N VAL C 163 -41.36 32.52 -35.83
CA VAL C 163 -40.68 31.23 -35.91
C VAL C 163 -40.84 30.47 -34.59
N THR C 164 -41.55 29.35 -34.65
CA THR C 164 -41.79 28.52 -33.46
C THR C 164 -40.76 27.42 -33.32
N LEU C 165 -40.76 26.74 -32.16
CA LEU C 165 -39.82 25.65 -31.95
C LEU C 165 -40.12 24.57 -32.98
N ASP C 166 -41.39 24.41 -33.31
CA ASP C 166 -41.82 23.42 -34.29
C ASP C 166 -41.10 23.62 -35.61
N ASP C 167 -40.88 24.89 -35.97
CA ASP C 167 -40.18 25.21 -37.22
C ASP C 167 -38.71 24.86 -37.07
N PHE C 168 -38.16 25.16 -35.90
CA PHE C 168 -36.76 24.85 -35.63
C PHE C 168 -36.52 23.34 -35.71
N PHE C 169 -37.23 22.58 -34.87
CA PHE C 169 -37.07 21.13 -34.86
C PHE C 169 -37.38 20.51 -36.22
N TRP C 170 -38.12 21.22 -37.04
CA TRP C 170 -38.43 20.73 -38.37
C TRP C 170 -37.15 20.76 -39.22
N ALA C 171 -36.46 21.89 -39.16
CA ALA C 171 -35.22 22.10 -39.93
C ALA C 171 -34.09 21.24 -39.41
N PHE C 172 -33.99 21.16 -38.08
CA PHE C 172 -32.95 20.35 -37.45
C PHE C 172 -33.14 18.92 -37.94
N GLY C 173 -34.37 18.45 -37.87
CA GLY C 173 -34.69 17.10 -38.29
C GLY C 173 -34.38 16.86 -39.74
N ILE C 174 -34.61 17.87 -40.56
CA ILE C 174 -34.35 17.74 -41.99
C ILE C 174 -32.86 17.71 -42.22
N LEU C 175 -32.15 18.50 -41.43
CA LEU C 175 -30.71 18.59 -41.52
C LEU C 175 -30.08 17.26 -41.15
N ARG C 176 -30.44 16.75 -39.97
CA ARG C 176 -29.89 15.52 -39.47
C ARG C 176 -30.39 14.21 -40.11
N SER C 177 -31.51 14.25 -40.83
CA SER C 177 -31.99 13.03 -41.45
C SER C 177 -31.86 13.01 -42.97
N ARG C 178 -31.62 14.15 -43.59
CA ARG C 178 -31.52 14.21 -45.05
C ARG C 178 -30.14 14.52 -45.64
N ALA C 179 -29.50 15.53 -45.08
CA ALA C 179 -28.20 15.99 -45.55
C ALA C 179 -27.11 14.93 -45.64
N PHE C 180 -26.27 15.04 -46.68
CA PHE C 180 -25.16 14.12 -46.86
C PHE C 180 -23.93 14.78 -46.23
N SER C 181 -22.97 13.99 -45.76
CA SER C 181 -21.78 14.56 -45.14
C SER C 181 -20.48 13.81 -45.38
N ARG C 182 -20.51 12.82 -46.26
CA ARG C 182 -19.31 12.04 -46.57
C ARG C 182 -18.46 12.76 -47.60
N LEU C 183 -18.99 13.85 -48.16
CA LEU C 183 -18.28 14.65 -49.15
C LEU C 183 -16.97 15.22 -48.58
N ARG C 184 -16.04 15.54 -49.48
CA ARG C 184 -14.76 16.13 -49.08
C ARG C 184 -14.94 17.64 -48.98
N ASN C 185 -14.59 18.19 -47.82
CA ASN C 185 -14.70 19.62 -47.58
C ASN C 185 -16.16 20.05 -47.51
N GLU C 186 -17.06 19.08 -47.34
CA GLU C 186 -18.49 19.35 -47.24
C GLU C 186 -19.12 18.39 -46.23
N ASN C 187 -19.41 18.90 -45.05
CA ASN C 187 -20.00 18.08 -43.99
C ASN C 187 -21.50 18.28 -43.85
N LEU C 188 -22.07 19.23 -44.61
CA LEU C 188 -23.49 19.49 -44.53
C LEU C 188 -24.05 19.89 -45.85
N VAL C 189 -24.68 18.97 -46.56
CA VAL C 189 -25.27 19.29 -47.86
C VAL C 189 -26.64 18.65 -48.01
N VAL C 190 -27.59 19.44 -48.50
CA VAL C 190 -28.95 18.97 -48.74
C VAL C 190 -29.17 18.89 -50.26
N VAL C 191 -29.26 17.68 -50.81
CA VAL C 191 -29.41 17.50 -52.25
C VAL C 191 -30.76 16.94 -52.72
N PRO C 192 -31.69 17.82 -53.13
CA PRO C 192 -33.05 17.57 -53.61
C PRO C 192 -33.52 16.21 -54.19
N MET C 193 -33.00 15.77 -55.32
CA MET C 193 -33.52 14.51 -55.84
C MET C 193 -32.80 13.33 -55.21
N ALA C 194 -31.49 13.48 -55.05
CA ALA C 194 -30.68 12.45 -54.47
C ALA C 194 -31.07 12.10 -53.04
N ASP C 195 -31.60 13.05 -52.30
CA ASP C 195 -31.92 12.77 -50.91
C ASP C 195 -33.14 11.87 -50.73
N LEU C 196 -33.79 11.45 -51.82
CA LEU C 196 -34.98 10.62 -51.70
C LEU C 196 -34.56 9.18 -51.50
N ILE C 197 -33.29 8.88 -51.75
CA ILE C 197 -32.81 7.47 -51.63
C ILE C 197 -32.80 6.92 -50.18
N ASN C 198 -33.25 5.67 -49.98
CA ASN C 198 -33.32 5.10 -48.64
C ASN C 198 -32.20 4.15 -48.26
N HIS C 199 -32.20 3.77 -46.98
CA HIS C 199 -31.20 2.88 -46.41
C HIS C 199 -31.61 1.40 -46.45
N SER C 200 -30.63 0.54 -46.72
CA SER C 200 -30.84 -0.91 -46.73
C SER C 200 -29.63 -1.58 -46.11
N ALA C 201 -29.87 -2.52 -45.21
CA ALA C 201 -28.77 -3.22 -44.57
C ALA C 201 -28.14 -4.10 -45.66
N GLY C 202 -28.82 -4.19 -46.81
CA GLY C 202 -28.34 -4.97 -47.92
C GLY C 202 -27.03 -4.39 -48.44
N VAL C 203 -26.88 -3.08 -48.32
CA VAL C 203 -25.68 -2.41 -48.78
C VAL C 203 -24.66 -2.53 -47.65
N THR C 204 -23.57 -3.21 -47.90
CA THR C 204 -22.58 -3.39 -46.85
C THR C 204 -21.25 -2.86 -47.23
N THR C 205 -21.24 -1.66 -47.80
CA THR C 205 -19.96 -1.18 -48.17
C THR C 205 -19.53 0.13 -47.65
N GLU C 206 -18.21 0.10 -47.57
CA GLU C 206 -17.27 1.07 -47.11
C GLU C 206 -17.14 2.15 -48.12
N ASP C 207 -18.04 2.19 -49.06
CA ASP C 207 -17.76 3.04 -50.17
C ASP C 207 -18.38 4.27 -50.77
N HIS C 208 -18.91 5.22 -49.99
CA HIS C 208 -19.43 6.42 -50.64
C HIS C 208 -20.11 6.15 -51.99
N ALA C 209 -21.43 6.21 -51.99
CA ALA C 209 -22.18 5.98 -53.21
C ALA C 209 -22.25 7.32 -53.94
N TYR C 210 -21.69 8.36 -53.32
CA TYR C 210 -21.73 9.67 -53.90
C TYR C 210 -20.46 10.47 -53.73
N GLU C 211 -20.28 11.43 -54.64
CA GLU C 211 -19.14 12.32 -54.60
C GLU C 211 -19.36 13.45 -55.59
N VAL C 212 -18.68 14.56 -55.35
CA VAL C 212 -18.77 15.72 -56.20
C VAL C 212 -17.80 15.62 -57.34
N LYS C 213 -18.28 15.81 -58.56
CA LYS C 213 -17.38 15.80 -59.70
C LYS C 213 -17.66 17.04 -60.53
N GLY C 214 -16.59 17.65 -61.05
CA GLY C 214 -16.73 18.84 -61.86
C GLY C 214 -16.94 18.51 -63.31
N ALA C 215 -17.00 19.56 -64.15
CA ALA C 215 -17.21 19.40 -65.58
C ALA C 215 -16.88 20.70 -66.33
N ALA C 216 -16.82 20.62 -67.65
CA ALA C 216 -16.55 21.80 -68.48
C ALA C 216 -15.30 22.55 -68.02
N GLY C 217 -15.48 23.85 -67.79
CA GLY C 217 -14.38 24.69 -67.37
C GLY C 217 -14.20 24.72 -65.87
N LEU C 218 -14.60 23.64 -65.20
CA LEU C 218 -14.47 23.51 -63.75
C LEU C 218 -14.81 24.75 -62.97
N PHE C 219 -15.88 25.44 -63.35
CA PHE C 219 -16.30 26.62 -62.59
C PHE C 219 -17.16 26.12 -61.45
N SER C 220 -17.23 26.87 -60.36
CA SER C 220 -18.01 26.42 -59.21
C SER C 220 -19.38 25.87 -59.57
N TRP C 221 -20.11 26.57 -60.44
CA TRP C 221 -21.44 26.14 -60.83
C TRP C 221 -21.41 24.87 -61.70
N ASP C 222 -20.23 24.53 -62.20
CA ASP C 222 -20.05 23.34 -63.05
C ASP C 222 -19.91 22.04 -62.24
N TYR C 223 -19.96 22.15 -60.91
CA TYR C 223 -19.82 20.98 -60.07
C TYR C 223 -21.15 20.38 -59.68
N LEU C 224 -21.21 19.05 -59.64
CA LEU C 224 -22.45 18.40 -59.27
C LEU C 224 -22.30 17.22 -58.32
N PHE C 225 -23.43 16.83 -57.74
CA PHE C 225 -23.54 15.73 -56.79
C PHE C 225 -23.85 14.49 -57.61
N SER C 226 -22.86 13.64 -57.78
CA SER C 226 -23.06 12.42 -58.56
C SER C 226 -23.35 11.29 -57.58
N LEU C 227 -24.44 10.58 -57.83
CA LEU C 227 -24.86 9.47 -56.99
C LEU C 227 -25.03 8.21 -57.82
N LYS C 228 -24.24 7.18 -57.53
CA LYS C 228 -24.35 5.93 -58.27
C LYS C 228 -24.94 4.86 -57.35
N SER C 229 -25.44 3.77 -57.93
CA SER C 229 -26.07 2.68 -57.16
C SER C 229 -25.09 1.61 -56.72
N PRO C 230 -24.80 1.54 -55.41
CA PRO C 230 -23.86 0.54 -54.89
C PRO C 230 -24.23 -0.92 -55.17
N LEU C 231 -25.46 -1.17 -55.60
CA LEU C 231 -25.90 -2.53 -55.90
C LEU C 231 -26.59 -2.65 -57.25
N SER C 232 -26.78 -3.89 -57.71
CA SER C 232 -27.46 -4.15 -58.96
C SER C 232 -28.90 -4.28 -58.60
N VAL C 233 -29.75 -3.46 -59.22
CA VAL C 233 -31.17 -3.49 -58.92
C VAL C 233 -31.94 -3.81 -60.20
N LYS C 234 -32.94 -4.68 -60.09
CA LYS C 234 -33.73 -5.02 -61.27
C LYS C 234 -34.91 -4.03 -61.41
N ALA C 235 -35.30 -3.77 -62.66
CA ALA C 235 -36.38 -2.84 -62.95
C ALA C 235 -37.56 -3.03 -62.00
N GLY C 236 -38.04 -1.94 -61.41
CA GLY C 236 -39.15 -2.04 -60.49
C GLY C 236 -38.73 -2.10 -59.03
N GLU C 237 -37.54 -2.62 -58.78
CA GLU C 237 -37.05 -2.72 -57.41
C GLU C 237 -36.50 -1.38 -56.94
N GLN C 238 -36.45 -1.16 -55.63
CA GLN C 238 -35.97 0.09 -55.07
C GLN C 238 -34.44 0.15 -55.06
N VAL C 239 -33.89 1.36 -55.15
CA VAL C 239 -32.43 1.56 -55.14
C VAL C 239 -32.06 2.12 -53.77
N TYR C 240 -31.14 1.47 -53.07
CA TYR C 240 -30.75 1.92 -51.74
C TYR C 240 -29.27 2.23 -51.61
N ILE C 241 -28.89 2.72 -50.43
CA ILE C 241 -27.51 2.99 -50.09
C ILE C 241 -27.36 2.67 -48.59
N GLN C 242 -26.12 2.72 -48.10
CA GLN C 242 -25.85 2.46 -46.69
C GLN C 242 -25.65 3.82 -46.09
N TYR C 243 -26.53 4.22 -45.17
CA TYR C 243 -26.38 5.53 -44.56
C TYR C 243 -25.11 5.64 -43.75
N ASP C 244 -24.77 4.62 -42.97
CA ASP C 244 -23.57 4.65 -42.13
C ASP C 244 -23.34 3.30 -41.42
N LEU C 245 -22.30 2.60 -41.82
CA LEU C 245 -22.00 1.30 -41.23
C LEU C 245 -21.58 1.34 -39.77
N ASN C 246 -21.00 2.45 -39.34
CA ASN C 246 -20.50 2.57 -37.98
C ASN C 246 -21.39 3.19 -36.94
N LYS C 247 -22.58 3.65 -37.33
CA LYS C 247 -23.48 4.25 -36.36
C LYS C 247 -24.18 3.18 -35.54
N SER C 248 -24.38 3.48 -34.26
CA SER C 248 -25.08 2.57 -33.38
C SER C 248 -26.58 2.69 -33.67
N ASN C 249 -27.35 1.75 -33.17
CA ASN C 249 -28.80 1.76 -33.35
C ASN C 249 -29.36 3.04 -32.74
N ALA C 250 -28.76 3.48 -31.64
CA ALA C 250 -29.19 4.70 -30.97
C ALA C 250 -29.03 5.87 -31.93
N GLU C 251 -27.89 5.94 -32.59
CA GLU C 251 -27.65 7.02 -33.53
C GLU C 251 -28.67 6.97 -34.66
N LEU C 252 -28.89 5.78 -35.22
CA LEU C 252 -29.85 5.66 -36.32
C LEU C 252 -31.25 6.13 -35.93
N ALA C 253 -31.65 5.80 -34.70
CA ALA C 253 -32.98 6.17 -34.21
C ALA C 253 -33.10 7.68 -34.05
N LEU C 254 -32.06 8.32 -33.53
CA LEU C 254 -32.13 9.75 -33.35
C LEU C 254 -31.95 10.49 -34.68
N ASP C 255 -30.99 10.09 -35.51
CA ASP C 255 -30.76 10.78 -36.78
C ASP C 255 -31.83 10.50 -37.82
N TYR C 256 -32.32 9.27 -37.88
CA TYR C 256 -33.39 8.93 -38.82
C TYR C 256 -34.48 8.27 -37.96
N GLY C 257 -35.62 7.93 -38.56
CA GLY C 257 -36.65 7.33 -37.73
C GLY C 257 -36.67 5.81 -37.75
N PHE C 258 -35.50 5.18 -37.67
CA PHE C 258 -35.45 3.72 -37.72
C PHE C 258 -34.23 3.10 -37.04
N ILE C 259 -34.30 1.78 -36.85
CA ILE C 259 -33.22 0.98 -36.26
C ILE C 259 -33.10 -0.35 -36.99
N GLU C 260 -32.03 -1.11 -36.72
CA GLU C 260 -31.83 -2.41 -37.39
C GLU C 260 -31.84 -3.58 -36.40
N PRO C 261 -32.34 -4.75 -36.85
CA PRO C 261 -32.42 -5.98 -36.05
C PRO C 261 -31.01 -6.45 -35.64
N ASN C 262 -30.05 -6.26 -36.54
CA ASN C 262 -28.65 -6.64 -36.30
C ASN C 262 -28.17 -6.25 -34.91
N GLU C 263 -27.92 -7.25 -34.07
CA GLU C 263 -27.48 -7.01 -32.70
C GLU C 263 -26.12 -6.31 -32.65
N ASN C 264 -25.43 -6.22 -33.78
CA ASN C 264 -24.13 -5.57 -33.77
C ASN C 264 -24.25 -4.06 -33.85
N ARG C 265 -25.46 -3.56 -34.06
CA ARG C 265 -25.71 -2.13 -34.14
C ARG C 265 -25.90 -1.59 -32.74
N HIS C 266 -26.14 -2.48 -31.80
CA HIS C 266 -26.35 -2.10 -30.40
C HIS C 266 -25.10 -1.60 -29.70
N ALA C 267 -25.18 -0.39 -29.15
CA ALA C 267 -24.05 0.18 -28.46
C ALA C 267 -24.52 0.91 -27.21
N TYR C 268 -23.58 1.24 -26.34
CA TYR C 268 -23.88 1.98 -25.13
C TYR C 268 -22.58 2.70 -24.81
N THR C 269 -22.65 4.01 -24.66
CA THR C 269 -21.43 4.77 -24.39
C THR C 269 -21.26 5.16 -22.92
N LEU C 270 -20.04 4.99 -22.44
CA LEU C 270 -19.73 5.34 -21.07
C LEU C 270 -18.99 6.67 -21.10
N THR C 271 -19.27 7.52 -20.11
CA THR C 271 -18.60 8.80 -20.06
C THR C 271 -17.66 8.83 -18.85
N LEU C 272 -16.40 9.10 -19.12
CA LEU C 272 -15.38 9.16 -18.08
C LEU C 272 -14.85 10.57 -17.97
N GLU C 273 -14.64 11.03 -16.74
CA GLU C 273 -14.09 12.35 -16.59
C GLU C 273 -13.23 12.52 -15.35
N ILE C 274 -12.18 13.33 -15.52
CA ILE C 274 -11.25 13.64 -14.46
C ILE C 274 -11.87 14.80 -13.70
N SER C 275 -12.45 14.50 -12.55
CA SER C 275 -13.10 15.51 -11.73
C SER C 275 -12.09 16.45 -11.09
N GLU C 276 -12.48 17.72 -10.97
CA GLU C 276 -11.61 18.73 -10.38
C GLU C 276 -11.47 18.53 -8.87
N SER C 277 -12.44 17.84 -8.28
CA SER C 277 -12.40 17.56 -6.85
C SER C 277 -11.40 16.44 -6.58
N ASP C 278 -10.78 15.93 -7.65
CA ASP C 278 -9.80 14.88 -7.52
C ASP C 278 -8.50 15.52 -7.06
N PRO C 279 -7.96 15.07 -5.93
CA PRO C 279 -6.72 15.60 -5.38
C PRO C 279 -5.55 15.63 -6.34
N PHE C 280 -5.67 14.91 -7.46
CA PHE C 280 -4.60 14.87 -8.43
C PHE C 280 -5.08 15.33 -9.80
N PHE C 281 -6.12 16.14 -9.79
CA PHE C 281 -6.70 16.68 -11.01
C PHE C 281 -5.70 17.22 -12.02
N ASP C 282 -4.88 18.16 -11.58
CA ASP C 282 -3.92 18.77 -12.49
C ASP C 282 -2.96 17.80 -13.15
N ASP C 283 -2.28 16.97 -12.38
CA ASP C 283 -1.34 16.01 -12.97
C ASP C 283 -2.05 15.04 -13.89
N LYS C 284 -3.25 14.60 -13.51
CA LYS C 284 -3.99 13.66 -14.34
C LYS C 284 -4.43 14.28 -15.67
N LEU C 285 -5.00 15.48 -15.61
CA LEU C 285 -5.44 16.18 -16.81
C LEU C 285 -4.30 16.31 -17.81
N ASP C 286 -3.14 16.69 -17.31
CA ASP C 286 -1.95 16.85 -18.14
C ASP C 286 -1.63 15.50 -18.80
N VAL C 287 -1.78 14.42 -18.03
CA VAL C 287 -1.51 13.09 -18.56
C VAL C 287 -2.48 12.76 -19.70
N ALA C 288 -3.77 12.94 -19.46
CA ALA C 288 -4.80 12.66 -20.45
C ALA C 288 -4.64 13.45 -21.75
N GLU C 289 -4.47 14.76 -21.65
CA GLU C 289 -4.33 15.59 -22.84
C GLU C 289 -3.07 15.25 -23.60
N SER C 290 -1.98 15.04 -22.87
CA SER C 290 -0.71 14.70 -23.51
C SER C 290 -0.77 13.37 -24.23
N ASN C 291 -1.89 12.68 -24.12
CA ASN C 291 -2.04 11.39 -24.78
C ASN C 291 -3.30 11.34 -25.63
N GLY C 292 -3.80 12.53 -25.96
CA GLY C 292 -4.97 12.63 -26.81
C GLY C 292 -6.33 12.49 -26.19
N PHE C 293 -6.50 12.86 -24.93
CA PHE C 293 -7.81 12.75 -24.31
C PHE C 293 -8.17 14.03 -23.56
N ALA C 294 -9.46 14.31 -23.48
CA ALA C 294 -9.93 15.51 -22.79
C ALA C 294 -10.28 15.27 -21.33
N GLN C 295 -10.61 16.37 -20.66
CA GLN C 295 -11.00 16.39 -19.26
C GLN C 295 -12.19 15.43 -19.16
N THR C 296 -12.93 15.30 -20.25
CA THR C 296 -14.08 14.40 -20.33
C THR C 296 -13.85 13.54 -21.58
N ALA C 297 -14.23 12.27 -21.54
CA ALA C 297 -14.04 11.38 -22.68
C ALA C 297 -15.19 10.40 -22.83
N TYR C 298 -15.66 10.21 -24.06
CA TYR C 298 -16.75 9.27 -24.29
C TYR C 298 -16.24 8.01 -24.98
N PHE C 299 -16.65 6.86 -24.45
CA PHE C 299 -16.25 5.59 -25.04
C PHE C 299 -17.47 4.80 -25.44
N ASP C 300 -17.58 4.50 -26.72
CA ASP C 300 -18.71 3.72 -27.20
C ASP C 300 -18.40 2.24 -27.15
N ILE C 301 -19.30 1.49 -26.52
CA ILE C 301 -19.15 0.06 -26.39
C ILE C 301 -20.23 -0.64 -27.21
N PHE C 302 -19.81 -1.39 -28.22
CA PHE C 302 -20.74 -2.10 -29.08
C PHE C 302 -20.87 -3.56 -28.66
N TYR C 303 -22.05 -4.12 -28.86
CA TYR C 303 -22.29 -5.49 -28.51
C TYR C 303 -21.37 -6.39 -29.32
N ASN C 304 -20.74 -7.35 -28.65
CA ASN C 304 -19.83 -8.28 -29.29
C ASN C 304 -18.49 -7.71 -29.75
N ARG C 305 -18.26 -6.41 -29.58
CA ARG C 305 -16.98 -5.81 -29.95
C ARG C 305 -16.08 -5.78 -28.71
N THR C 306 -14.77 -5.73 -28.90
CA THR C 306 -13.88 -5.67 -27.74
C THR C 306 -13.91 -4.24 -27.23
N LEU C 307 -13.64 -4.07 -25.94
CA LEU C 307 -13.65 -2.75 -25.35
C LEU C 307 -12.79 -1.78 -26.15
N PRO C 308 -13.27 -0.56 -26.37
CA PRO C 308 -12.48 0.40 -27.14
C PRO C 308 -11.12 0.73 -26.53
N PRO C 309 -10.09 0.93 -27.37
CA PRO C 309 -8.76 1.26 -26.88
C PRO C 309 -8.84 2.55 -26.07
N GLY C 310 -8.08 2.61 -24.97
CA GLY C 310 -8.12 3.82 -24.18
C GLY C 310 -9.13 3.82 -23.05
N LEU C 311 -10.17 2.98 -23.13
CA LEU C 311 -11.15 2.94 -22.05
C LEU C 311 -10.52 2.47 -20.74
N LEU C 312 -9.86 1.32 -20.79
CA LEU C 312 -9.22 0.79 -19.60
C LEU C 312 -8.16 1.72 -19.04
N PRO C 313 -7.19 2.14 -19.86
CA PRO C 313 -6.17 3.05 -19.31
C PRO C 313 -6.80 4.28 -18.67
N TYR C 314 -7.87 4.80 -19.28
CA TYR C 314 -8.56 5.99 -18.76
C TYR C 314 -9.28 5.69 -17.46
N LEU C 315 -9.90 4.51 -17.36
CA LEU C 315 -10.59 4.13 -16.13
C LEU C 315 -9.53 4.10 -15.03
N ARG C 316 -8.36 3.57 -15.39
CA ARG C 316 -7.25 3.48 -14.44
C ARG C 316 -6.78 4.83 -13.99
N LEU C 317 -6.62 5.77 -14.94
CA LEU C 317 -6.19 7.12 -14.58
C LEU C 317 -7.24 7.75 -13.64
N VAL C 318 -8.52 7.50 -13.91
CA VAL C 318 -9.57 8.04 -13.06
C VAL C 318 -9.45 7.49 -11.65
N ALA C 319 -9.28 6.18 -11.54
CA ALA C 319 -9.17 5.52 -10.25
C ALA C 319 -7.78 5.59 -9.60
N LEU C 320 -6.80 6.18 -10.29
CA LEU C 320 -5.42 6.26 -9.78
C LEU C 320 -5.21 6.21 -8.26
N GLY C 321 -5.68 7.22 -7.54
CA GLY C 321 -5.52 7.20 -6.07
C GLY C 321 -4.13 7.32 -5.48
N GLY C 322 -4.08 7.58 -4.18
CA GLY C 322 -2.82 7.76 -3.46
C GLY C 322 -1.72 6.73 -3.61
N THR C 323 -2.07 5.45 -3.49
CA THR C 323 -1.11 4.36 -3.57
C THR C 323 -0.20 4.41 -4.78
N ASP C 324 -0.77 4.76 -5.94
CA ASP C 324 0.02 4.79 -7.17
C ASP C 324 0.26 6.21 -7.67
N ALA C 325 -0.12 7.20 -6.88
CA ALA C 325 0.07 8.61 -7.25
C ALA C 325 1.50 8.92 -7.67
N PHE C 326 2.42 8.04 -7.31
CA PHE C 326 3.83 8.23 -7.65
C PHE C 326 4.08 8.19 -9.14
N LEU C 327 3.18 7.54 -9.88
CA LEU C 327 3.32 7.44 -11.34
C LEU C 327 3.07 8.76 -12.04
N LEU C 328 2.46 9.71 -11.32
CA LEU C 328 2.16 11.03 -11.88
C LEU C 328 3.36 11.96 -11.89
N GLU C 329 4.48 11.51 -11.32
CA GLU C 329 5.69 12.31 -11.27
C GLU C 329 6.33 12.50 -12.64
N SER C 330 7.13 13.56 -12.74
CA SER C 330 7.80 13.90 -13.99
C SER C 330 8.61 12.75 -14.54
N LEU C 331 9.09 11.90 -13.64
CA LEU C 331 9.88 10.74 -14.00
C LEU C 331 9.18 9.80 -14.99
N PHE C 332 7.88 9.59 -14.80
CA PHE C 332 7.11 8.68 -15.66
C PHE C 332 6.28 9.34 -16.76
N ARG C 333 6.20 10.67 -16.78
CA ARG C 333 5.39 11.34 -17.78
C ARG C 333 5.56 10.86 -19.21
N ASP C 334 6.63 10.11 -19.46
CA ASP C 334 6.87 9.60 -20.80
C ASP C 334 6.55 8.13 -20.96
N THR C 335 6.15 7.48 -19.87
CA THR C 335 5.84 6.06 -19.90
C THR C 335 4.57 5.73 -19.13
N ILE C 336 3.99 6.73 -18.48
CA ILE C 336 2.78 6.49 -17.69
C ILE C 336 1.64 5.92 -18.51
N TRP C 337 1.38 6.47 -19.69
CA TRP C 337 0.29 5.95 -20.49
C TRP C 337 0.55 4.47 -20.83
N GLY C 338 1.81 4.13 -21.10
CA GLY C 338 2.14 2.76 -21.39
C GLY C 338 1.82 1.88 -20.20
N HIS C 339 2.18 2.36 -19.02
CA HIS C 339 1.92 1.62 -17.79
C HIS C 339 0.42 1.54 -17.56
N LEU C 340 -0.28 2.66 -17.78
CA LEU C 340 -1.73 2.69 -17.61
C LEU C 340 -2.37 1.70 -18.57
N GLU C 341 -1.70 1.51 -19.70
CA GLU C 341 -2.16 0.59 -20.72
C GLU C 341 -1.98 -0.84 -20.27
N LEU C 342 -0.85 -1.13 -19.64
CA LEU C 342 -0.59 -2.48 -19.15
C LEU C 342 -1.44 -2.73 -17.89
N SER C 343 -1.21 -1.95 -16.83
CA SER C 343 -1.99 -2.04 -15.59
C SER C 343 -1.21 -1.36 -14.47
N VAL C 344 -1.93 -0.86 -13.47
CA VAL C 344 -1.26 -0.16 -12.37
C VAL C 344 -1.03 -1.01 -11.12
N SER C 345 -2.11 -1.37 -10.43
CA SER C 345 -2.00 -2.18 -9.24
C SER C 345 -3.33 -2.88 -9.02
N ARG C 346 -3.33 -3.88 -8.15
CA ARG C 346 -4.55 -4.62 -7.88
C ARG C 346 -5.61 -3.71 -7.27
N ASP C 347 -5.18 -2.82 -6.38
CA ASP C 347 -6.13 -1.93 -5.73
C ASP C 347 -6.78 -1.04 -6.76
N ASN C 348 -5.96 -0.59 -7.71
CA ASN C 348 -6.47 0.28 -8.75
C ASN C 348 -7.49 -0.48 -9.60
N GLU C 349 -7.07 -1.62 -10.14
CA GLU C 349 -7.93 -2.44 -10.99
C GLU C 349 -9.23 -2.83 -10.28
N GLU C 350 -9.11 -3.22 -9.01
CA GLU C 350 -10.27 -3.63 -8.20
C GLU C 350 -11.24 -2.48 -8.01
N LEU C 351 -10.69 -1.29 -7.84
CA LEU C 351 -11.48 -0.09 -7.64
C LEU C 351 -12.33 0.26 -8.88
N LEU C 352 -11.67 0.30 -10.03
CA LEU C 352 -12.37 0.65 -11.27
C LEU C 352 -13.36 -0.44 -11.63
N CYS C 353 -12.98 -1.70 -11.37
CA CYS C 353 -13.88 -2.80 -11.66
C CYS C 353 -15.20 -2.61 -10.92
N LYS C 354 -15.12 -2.33 -9.63
CA LYS C 354 -16.33 -2.15 -8.86
C LYS C 354 -17.14 -0.94 -9.30
N ALA C 355 -16.45 0.14 -9.65
CA ALA C 355 -17.13 1.33 -10.10
C ALA C 355 -17.95 1.02 -11.35
N VAL C 356 -17.31 0.36 -12.33
CA VAL C 356 -17.99 0.00 -13.58
C VAL C 356 -19.19 -0.89 -13.34
N ARG C 357 -18.98 -1.96 -12.59
CA ARG C 357 -20.05 -2.90 -12.29
C ARG C 357 -21.21 -2.26 -11.54
N GLU C 358 -20.91 -1.37 -10.61
CA GLU C 358 -21.97 -0.72 -9.86
C GLU C 358 -22.81 0.09 -10.83
N ALA C 359 -22.13 0.83 -11.71
CA ALA C 359 -22.79 1.66 -12.70
C ALA C 359 -23.74 0.86 -13.57
N CYS C 360 -23.26 -0.29 -14.06
CA CYS C 360 -24.07 -1.12 -14.92
C CYS C 360 -25.33 -1.61 -14.21
N LYS C 361 -25.16 -2.11 -12.98
CA LYS C 361 -26.28 -2.62 -12.21
C LYS C 361 -27.30 -1.54 -11.94
N SER C 362 -26.83 -0.34 -11.64
CA SER C 362 -27.74 0.75 -11.38
C SER C 362 -28.51 1.16 -12.65
N ALA C 363 -27.78 1.29 -13.75
CA ALA C 363 -28.39 1.66 -15.01
C ALA C 363 -29.43 0.61 -15.42
N LEU C 364 -29.08 -0.66 -15.22
CA LEU C 364 -29.97 -1.77 -15.58
C LEU C 364 -31.30 -1.70 -14.85
N ALA C 365 -31.26 -1.22 -13.61
CA ALA C 365 -32.46 -1.09 -12.79
C ALA C 365 -33.40 0.01 -13.26
N GLY C 366 -32.92 0.92 -14.10
CA GLY C 366 -33.75 2.01 -14.57
C GLY C 366 -34.75 1.63 -15.64
N TYR C 367 -34.59 0.46 -16.23
CA TYR C 367 -35.51 0.02 -17.29
C TYR C 367 -36.81 -0.53 -16.70
N HIS C 368 -37.92 -0.39 -17.42
CA HIS C 368 -39.20 -0.87 -16.90
C HIS C 368 -39.72 -2.16 -17.51
N THR C 369 -38.85 -2.92 -18.14
CA THR C 369 -39.21 -4.18 -18.75
C THR C 369 -37.94 -5.00 -18.78
N THR C 370 -38.11 -6.31 -18.84
CA THR C 370 -36.97 -7.21 -18.89
C THR C 370 -36.68 -7.53 -20.34
N ILE C 371 -35.47 -8.02 -20.62
CA ILE C 371 -35.12 -8.39 -21.97
C ILE C 371 -36.17 -9.37 -22.48
N GLU C 372 -36.50 -10.38 -21.66
CA GLU C 372 -37.49 -11.39 -22.04
C GLU C 372 -38.80 -10.78 -22.54
N GLN C 373 -39.30 -9.77 -21.85
CA GLN C 373 -40.57 -9.13 -22.24
C GLN C 373 -40.43 -8.44 -23.60
N ASP C 374 -39.34 -7.69 -23.75
CA ASP C 374 -39.06 -6.97 -24.99
C ASP C 374 -39.04 -7.95 -26.13
N ARG C 375 -38.31 -9.05 -25.95
CA ARG C 375 -38.22 -10.05 -27.00
C ARG C 375 -39.58 -10.66 -27.34
N GLU C 376 -40.50 -10.70 -26.39
CA GLU C 376 -41.81 -11.26 -26.66
C GLU C 376 -42.59 -10.22 -27.46
N LEU C 377 -42.40 -8.96 -27.10
CA LEU C 377 -43.09 -7.88 -27.80
C LEU C 377 -42.70 -7.88 -29.27
N LYS C 378 -41.42 -8.13 -29.53
CA LYS C 378 -40.91 -8.15 -30.91
C LYS C 378 -41.55 -9.25 -31.73
N GLU C 379 -42.01 -10.28 -31.03
CA GLU C 379 -42.62 -11.41 -31.69
C GLU C 379 -43.96 -11.03 -32.30
N GLY C 380 -44.48 -9.88 -31.89
CA GLY C 380 -45.76 -9.42 -32.41
C GLY C 380 -45.64 -8.25 -33.38
N ASN C 381 -46.77 -7.65 -33.72
CA ASN C 381 -46.80 -6.51 -34.63
C ASN C 381 -46.64 -5.22 -33.87
N LEU C 382 -45.42 -4.69 -33.82
CA LEU C 382 -45.17 -3.45 -33.11
C LEU C 382 -45.26 -2.26 -34.06
N ASP C 383 -45.68 -1.12 -33.51
CA ASP C 383 -45.78 0.08 -34.30
C ASP C 383 -44.41 0.78 -34.37
N SER C 384 -44.18 1.47 -35.48
CA SER C 384 -42.92 2.19 -35.73
C SER C 384 -42.14 2.65 -34.50
N ARG C 385 -42.71 3.59 -33.75
CA ARG C 385 -42.03 4.13 -32.60
C ARG C 385 -41.90 3.19 -31.41
N LEU C 386 -42.89 2.33 -31.25
CA LEU C 386 -42.83 1.37 -30.17
C LEU C 386 -41.72 0.37 -30.51
N ALA C 387 -41.67 -0.03 -31.79
CA ALA C 387 -40.66 -0.95 -32.27
C ALA C 387 -39.25 -0.40 -31.99
N ILE C 388 -39.02 0.85 -32.38
CA ILE C 388 -37.72 1.47 -32.15
C ILE C 388 -37.42 1.41 -30.67
N ALA C 389 -38.32 1.94 -29.87
CA ALA C 389 -38.17 1.94 -28.42
C ALA C 389 -37.81 0.55 -27.87
N VAL C 390 -38.55 -0.46 -28.30
CA VAL C 390 -38.32 -1.81 -27.82
C VAL C 390 -36.96 -2.37 -28.20
N GLY C 391 -36.62 -2.24 -29.49
CA GLY C 391 -35.34 -2.73 -29.97
C GLY C 391 -34.18 -2.03 -29.28
N ILE C 392 -34.35 -0.74 -29.02
CA ILE C 392 -33.32 0.05 -28.39
C ILE C 392 -33.07 -0.40 -26.95
N ARG C 393 -34.12 -0.37 -26.14
CA ARG C 393 -33.97 -0.76 -24.74
C ARG C 393 -33.50 -2.21 -24.62
N GLU C 394 -33.92 -3.08 -25.53
CA GLU C 394 -33.46 -4.47 -25.47
C GLU C 394 -31.94 -4.47 -25.65
N GLY C 395 -31.50 -3.81 -26.73
CA GLY C 395 -30.08 -3.74 -27.04
C GLY C 395 -29.21 -3.13 -25.95
N GLU C 396 -29.67 -2.04 -25.35
CA GLU C 396 -28.90 -1.39 -24.31
C GLU C 396 -28.70 -2.33 -23.11
N LYS C 397 -29.75 -3.05 -22.76
CA LYS C 397 -29.66 -3.98 -21.63
C LYS C 397 -28.65 -5.08 -21.93
N MET C 398 -28.65 -5.52 -23.19
CA MET C 398 -27.71 -6.55 -23.61
C MET C 398 -26.29 -6.05 -23.47
N VAL C 399 -26.04 -4.84 -23.95
CA VAL C 399 -24.71 -4.26 -23.87
C VAL C 399 -24.31 -4.02 -22.43
N LEU C 400 -25.26 -3.49 -21.67
CA LEU C 400 -25.03 -3.18 -20.26
C LEU C 400 -24.62 -4.45 -19.53
N GLN C 401 -25.32 -5.54 -19.79
CA GLN C 401 -24.99 -6.81 -19.15
C GLN C 401 -23.64 -7.35 -19.61
N GLN C 402 -23.40 -7.28 -20.91
CA GLN C 402 -22.14 -7.74 -21.46
C GLN C 402 -20.98 -7.03 -20.75
N ILE C 403 -21.12 -5.73 -20.55
CA ILE C 403 -20.10 -4.94 -19.86
C ILE C 403 -19.88 -5.50 -18.47
N ASP C 404 -20.97 -5.62 -17.72
CA ASP C 404 -20.91 -6.14 -16.35
C ASP C 404 -20.21 -7.50 -16.37
N GLY C 405 -20.55 -8.31 -17.36
CA GLY C 405 -19.93 -9.62 -17.50
C GLY C 405 -18.44 -9.51 -17.76
N ILE C 406 -18.04 -8.61 -18.66
CA ILE C 406 -16.64 -8.44 -18.94
C ILE C 406 -15.85 -8.11 -17.67
N PHE C 407 -16.34 -7.17 -16.89
CA PHE C 407 -15.65 -6.75 -15.67
C PHE C 407 -15.80 -7.73 -14.51
N GLU C 408 -16.80 -8.60 -14.57
CA GLU C 408 -16.97 -9.60 -13.52
C GLU C 408 -15.82 -10.58 -13.70
N GLN C 409 -15.52 -10.89 -14.95
CA GLN C 409 -14.44 -11.79 -15.29
C GLN C 409 -13.15 -11.18 -14.79
N LYS C 410 -12.96 -9.89 -15.06
CA LYS C 410 -11.75 -9.20 -14.63
C LYS C 410 -11.55 -9.26 -13.12
N GLU C 411 -12.65 -9.21 -12.37
CA GLU C 411 -12.55 -9.30 -10.92
C GLU C 411 -12.04 -10.68 -10.55
N LEU C 412 -12.50 -11.72 -11.25
CA LEU C 412 -12.02 -13.06 -10.97
C LEU C 412 -10.53 -13.21 -11.31
N GLU C 413 -10.12 -12.68 -12.45
CA GLU C 413 -8.73 -12.77 -12.89
C GLU C 413 -7.90 -11.61 -12.33
N LEU C 414 -8.42 -11.00 -11.27
CA LEU C 414 -7.77 -9.86 -10.66
C LEU C 414 -6.33 -10.08 -10.22
N ASP C 415 -5.87 -11.33 -10.18
CA ASP C 415 -4.49 -11.62 -9.77
C ASP C 415 -3.62 -12.17 -10.87
N GLN C 416 -4.18 -12.33 -12.06
CA GLN C 416 -3.44 -12.84 -13.19
C GLN C 416 -2.72 -11.71 -13.91
N LEU C 417 -3.21 -10.49 -13.75
CA LEU C 417 -2.59 -9.33 -14.39
C LEU C 417 -1.27 -9.02 -13.71
N GLU C 418 -0.22 -8.79 -14.48
CA GLU C 418 1.04 -8.45 -13.85
C GLU C 418 1.19 -6.94 -13.89
N TYR C 419 0.98 -6.33 -12.72
CA TYR C 419 1.04 -4.89 -12.52
C TYR C 419 2.40 -4.23 -12.65
N TYR C 420 2.43 -2.91 -12.42
CA TYR C 420 3.67 -2.15 -12.54
C TYR C 420 4.83 -2.78 -11.81
N GLN C 421 4.72 -2.88 -10.49
CA GLN C 421 5.79 -3.46 -9.68
C GLN C 421 6.23 -4.83 -10.17
N GLU C 422 5.27 -5.75 -10.36
CA GLU C 422 5.62 -7.07 -10.84
C GLU C 422 6.39 -6.98 -12.15
N ARG C 423 5.93 -6.13 -13.07
CA ARG C 423 6.62 -5.99 -14.35
C ARG C 423 8.02 -5.44 -14.19
N ARG C 424 8.22 -4.63 -13.16
CA ARG C 424 9.50 -3.99 -12.88
C ARG C 424 10.56 -5.04 -12.51
N LEU C 425 10.12 -6.13 -11.89
CA LEU C 425 11.00 -7.20 -11.46
C LEU C 425 10.84 -8.44 -12.33
N LYS C 426 10.28 -8.28 -13.53
CA LYS C 426 10.04 -9.41 -14.42
C LYS C 426 11.20 -10.39 -14.56
N ASP C 427 12.41 -9.86 -14.44
CA ASP C 427 13.60 -10.70 -14.53
C ASP C 427 14.71 -9.98 -13.77
N LEU C 428 15.34 -10.70 -12.85
CA LEU C 428 16.41 -10.13 -12.05
C LEU C 428 17.71 -10.87 -12.28
N GLY C 429 17.59 -12.14 -12.69
CA GLY C 429 18.76 -12.94 -12.91
C GLY C 429 19.29 -13.42 -11.57
N LEU C 430 18.38 -13.67 -10.63
CA LEU C 430 18.76 -14.15 -9.32
C LEU C 430 19.62 -15.39 -9.46
N CYS C 431 19.14 -16.34 -10.27
CA CYS C 431 19.84 -17.58 -10.51
C CYS C 431 20.80 -17.47 -11.68
N GLY C 432 21.91 -16.77 -11.46
CA GLY C 432 22.92 -16.60 -12.49
C GLY C 432 24.10 -17.51 -12.17
N GLU C 433 25.30 -16.94 -12.16
CA GLU C 433 26.48 -17.73 -11.85
C GLU C 433 26.95 -17.32 -10.45
N ASN C 434 28.10 -17.84 -10.04
CA ASN C 434 28.65 -17.50 -8.74
C ASN C 434 29.74 -16.45 -8.93
N GLY C 435 29.34 -15.30 -9.47
CA GLY C 435 30.27 -14.22 -9.71
C GLY C 435 31.29 -13.97 -8.61
N ASP C 436 30.99 -14.47 -7.41
CA ASP C 436 31.90 -14.30 -6.27
C ASP C 436 33.28 -14.85 -6.62
N ILE C 437 33.31 -15.98 -7.31
CA ILE C 437 34.55 -16.63 -7.69
C ILE C 437 35.35 -15.83 -8.69
N LEU C 438 34.65 -15.19 -9.62
CA LEU C 438 35.28 -14.37 -10.64
C LEU C 438 35.84 -13.12 -9.96
N GLU C 439 35.06 -12.55 -9.05
CA GLU C 439 35.47 -11.35 -8.31
C GLU C 439 36.86 -11.59 -7.72
N ASN C 440 37.02 -12.72 -7.04
CA ASN C 440 38.29 -13.09 -6.40
C ASN C 440 39.53 -12.92 -7.27
N LEU C 441 39.39 -13.18 -8.56
CA LEU C 441 40.51 -13.09 -9.50
C LEU C 441 40.90 -11.71 -10.04
N TYR C 442 40.07 -10.69 -9.79
CA TYR C 442 40.34 -9.32 -10.27
C TYR C 442 41.13 -8.52 -9.31
N PHE C 443 40.34 -8.03 -8.37
CA PHE C 443 40.72 -7.20 -7.28
C PHE C 443 42.17 -7.47 -6.89
N GLN C 444 42.50 -8.74 -6.69
CA GLN C 444 43.84 -9.13 -6.30
C GLN C 444 44.92 -8.59 -7.22
#